data_4FYD
#
_entry.id   4FYD
#
_cell.length_a   111.689
_cell.length_b   145.686
_cell.length_c   197.199
_cell.angle_alpha   90.00
_cell.angle_beta   90.00
_cell.angle_gamma   90.00
#
_symmetry.space_group_name_H-M   'P 21 21 21'
#
loop_
_entity.id
_entity.type
_entity.pdbx_description
1 polymer 'DNA polymerase alpha catalytic subunit A'
2 polymer "DNA (5'-D(*TP*GP*AP*GP*CP*GP*TP*G*TP*GP*TP*AP*CP*CP*CP*CP*TP*GP*CP*CP*CP*GP*CP*CP*G)-3')"
3 polymer "DNA/RNA (5'-R(*CP*GP*GP*CP*GP*GP*GP*CP*AP*G)-D(P*GP*G)-3')"
4 non-polymer "2'-DEOXYGUANOSINE-5'-TRIPHOSPHATE"
#
loop_
_entity_poly.entity_id
_entity_poly.type
_entity_poly.pdbx_seq_one_letter_code
_entity_poly.pdbx_strand_id
1 'polypeptide(L)'
;TDTFQMFWLDYCEVNNTLILFGKVKLKDDNCVSAMVQINGLCRELFFLPREGKTPTDIHEEIIPLLMDKYGLDNIRAKPQ
KMKYSFELPDIPSESDYLKVLLPYQTPKSSRDTIPSDLSSDTFYHVFGGNSNIFESFVIQNRIMGPCWLDIKGADFNSIA
AASHCAVEVSVDKPQNITPTTTKTMPNLRCLSLSIQTLMNPKENKQEIVSITLSAYRNISLDSPIPENIKPDDLCTLVRP
PQSTSFPLGLAALAKQKLPGRVRLFNNEKAMLSCFCAMLKVEDPDVIIGHRLQNVYLDVLAHRMHDLNIPTFSSIGRRLR
RTWPEKFGRGNSNMNHFFISDICSGRLICDIANEMGQSLTPKCQSWDLSEMYQVTCEKEHKPLDIDYQNPQYQNDVNSMT
MALQENITNCMISAEVSYRIQLLTLTKQLTNLAGNAWAQTLGGTRAGRNEYILLHEFSRNGFIVPDKEGNRSRAQKQRQN
EENADAPVNSKKAKYQGGLVFEPEKGLHKNYVLVMDFNSLYPSIIQEFNICFTTVDRNKEDIDELPSVPPSEVDQGVLPR
LLANLVDRRREVKKVMKTETDPHKRVQCDIRQQALKLTANSMYGCLGYVNSRFYAKPLAMLVTNKGREILMNTRQLAESM
NLLVVYGDTNSVMIDTGCDNYADAIKIGLGFKRLVNERYRLLEIDIDNVFKKLLLHAKKKYAALTVNLDKNGNGTTVLEV
KGLDMKRREFCPLSRDVSIHVLNTILSDKDPEEALQEVYDYLEDIRIKVETNNIRIDKYKINMKLSKDPKAYPGGKNMPA
VQVALRMRKAGRVVKAGSVITFVITKQDEIDNAADTPALSVAERAHALNEVMIKSNNLIPDPQYYLEKQIFAPVERLLER
IDSFNVVRLSEALGLDSKKYFRREGGNNNG
;
A,B
2 'polydeoxyribonucleotide'
;(DT)(DG)(DA)(DG)(DC)(DG)(DT)(DG)(DT)(DG)(DT)(DA)(DC)(DC)(DC)(DC)(DT)(DG)(DC)(DC)
(DC)(DG)(DC)(DC)(DG)
;
C,D
3 'polydeoxyribonucleotide/polyribonucleotide hybrid' CGGCGGGCAG(DG)(DG) E,F
#
# COMPACT_ATOMS: atom_id res chain seq x y z
N THR A 1 60.77 -34.63 -1.45
CA THR A 1 61.57 -35.25 -0.40
C THR A 1 60.84 -35.18 0.94
N ASP A 2 60.77 -33.98 1.52
CA ASP A 2 60.05 -33.77 2.77
C ASP A 2 58.78 -32.95 2.55
N THR A 3 58.64 -32.39 1.36
CA THR A 3 57.48 -31.56 1.04
C THR A 3 56.31 -32.42 0.53
N PHE A 4 55.26 -32.47 1.32
CA PHE A 4 54.09 -33.29 1.02
C PHE A 4 53.06 -32.45 0.29
N GLN A 5 52.70 -32.87 -0.92
CA GLN A 5 51.88 -32.06 -1.81
C GLN A 5 50.47 -32.62 -2.03
N MET A 6 49.47 -31.85 -1.60
CA MET A 6 48.08 -32.26 -1.67
C MET A 6 47.23 -31.21 -2.38
N PHE A 7 46.31 -31.68 -3.21
CA PHE A 7 45.35 -30.83 -3.90
C PHE A 7 43.98 -30.96 -3.24
N TRP A 8 43.61 -29.95 -2.45
CA TRP A 8 42.39 -30.03 -1.64
C TRP A 8 41.12 -29.73 -2.45
N LEU A 9 40.03 -30.37 -2.04
CA LEU A 9 38.75 -30.29 -2.72
C LEU A 9 37.65 -29.83 -1.76
N ASP A 10 37.62 -30.46 -0.59
CA ASP A 10 36.56 -30.19 0.38
C ASP A 10 37.14 -30.24 1.79
N TYR A 11 36.33 -29.87 2.78
CA TYR A 11 36.77 -29.80 4.16
C TYR A 11 35.66 -30.25 5.12
N CYS A 12 35.98 -30.31 6.41
CA CYS A 12 34.96 -30.53 7.44
C CYS A 12 35.51 -30.19 8.82
N GLU A 13 34.64 -29.66 9.69
CA GLU A 13 35.03 -29.29 11.04
C GLU A 13 34.71 -30.42 12.03
N VAL A 14 35.62 -30.68 12.96
CA VAL A 14 35.40 -31.70 13.98
C VAL A 14 36.38 -31.55 15.15
N ASN A 15 35.84 -31.59 16.36
CA ASN A 15 36.66 -31.48 17.58
C ASN A 15 37.60 -30.28 17.55
N ASN A 16 37.08 -29.14 17.12
CA ASN A 16 37.84 -27.90 17.09
C ASN A 16 39.07 -27.96 16.19
N THR A 17 39.13 -28.95 15.31
CA THR A 17 40.22 -29.05 14.33
C THR A 17 39.65 -28.93 12.93
N LEU A 18 40.53 -28.69 11.95
CA LEU A 18 40.07 -28.57 10.57
C LEU A 18 40.57 -29.77 9.78
N ILE A 19 39.71 -30.32 8.93
CA ILE A 19 40.11 -31.44 8.09
C ILE A 19 39.95 -31.10 6.61
N LEU A 20 41.01 -31.36 5.84
CA LEU A 20 40.97 -31.17 4.40
C LEU A 20 41.00 -32.53 3.71
N PHE A 21 40.13 -32.72 2.73
CA PHE A 21 40.13 -33.93 1.91
C PHE A 21 40.66 -33.55 0.53
N GLY A 22 41.49 -34.40 -0.06
CA GLY A 22 42.08 -34.08 -1.36
C GLY A 22 42.73 -35.24 -2.08
N LYS A 23 43.55 -34.91 -3.07
CA LYS A 23 44.22 -35.89 -3.91
C LYS A 23 45.73 -35.77 -3.75
N VAL A 24 46.45 -36.87 -3.83
CA VAL A 24 47.90 -36.82 -3.68
C VAL A 24 48.58 -37.65 -4.76
N LYS A 25 49.72 -37.17 -5.25
CA LYS A 25 50.53 -37.98 -6.15
C LYS A 25 51.60 -38.70 -5.32
N LEU A 26 51.72 -40.01 -5.51
CA LEU A 26 52.73 -40.79 -4.82
C LEU A 26 54.05 -40.65 -5.59
N LYS A 27 55.02 -41.51 -5.30
CA LYS A 27 56.30 -41.47 -5.99
C LYS A 27 56.14 -41.77 -7.48
N ASP A 28 55.22 -42.66 -7.82
CA ASP A 28 54.94 -42.98 -9.21
C ASP A 28 53.95 -41.97 -9.81
N ASP A 29 53.58 -40.97 -9.02
CA ASP A 29 52.71 -39.88 -9.46
C ASP A 29 51.24 -40.29 -9.56
N ASN A 30 50.92 -41.49 -9.07
CA ASN A 30 49.54 -41.96 -9.06
C ASN A 30 48.73 -41.17 -8.03
N CYS A 31 47.47 -40.93 -8.34
CA CYS A 31 46.63 -40.09 -7.48
C CYS A 31 45.70 -40.88 -6.57
N VAL A 32 45.78 -40.60 -5.27
CA VAL A 32 44.92 -41.25 -4.30
C VAL A 32 44.31 -40.24 -3.32
N SER A 33 43.22 -40.63 -2.66
CA SER A 33 42.57 -39.75 -1.70
C SER A 33 43.46 -39.56 -0.48
N ALA A 34 43.33 -38.39 0.15
CA ALA A 34 44.11 -38.10 1.35
C ALA A 34 43.31 -37.22 2.30
N MET A 35 43.64 -37.30 3.59
CA MET A 35 42.95 -36.51 4.61
C MET A 35 43.93 -35.88 5.59
N VAL A 36 44.09 -34.56 5.47
CA VAL A 36 44.94 -33.81 6.40
C VAL A 36 44.13 -33.31 7.59
N GLN A 37 44.68 -33.43 8.79
CA GLN A 37 44.04 -32.89 9.98
C GLN A 37 44.90 -31.76 10.54
N ILE A 38 44.49 -30.53 10.25
CA ILE A 38 45.19 -29.35 10.72
C ILE A 38 44.80 -28.96 12.14
N ASN A 39 45.83 -28.82 12.98
CA ASN A 39 45.69 -28.43 14.38
C ASN A 39 46.40 -27.11 14.64
N GLY A 40 46.20 -26.56 15.83
CA GLY A 40 46.90 -25.36 16.25
C GLY A 40 46.46 -24.11 15.50
N LEU A 41 45.24 -24.13 14.97
CA LEU A 41 44.67 -22.95 14.34
C LEU A 41 44.14 -22.03 15.44
N CYS A 42 44.22 -20.72 15.20
CA CYS A 42 43.75 -19.74 16.16
C CYS A 42 42.79 -18.74 15.55
N ARG A 43 42.06 -18.05 16.41
CA ARG A 43 41.17 -16.97 16.01
C ARG A 43 41.93 -15.66 16.18
N GLU A 44 41.91 -14.84 15.13
CA GLU A 44 42.49 -13.51 15.19
C GLU A 44 41.51 -12.53 15.82
N LEU A 45 41.56 -12.42 17.15
CA LEU A 45 40.74 -11.45 17.86
C LEU A 45 41.37 -10.07 17.77
N PHE A 46 40.54 -9.03 17.78
CA PHE A 46 41.03 -7.66 17.76
C PHE A 46 40.33 -6.82 18.82
N PHE A 47 41.04 -6.49 19.90
CA PHE A 47 40.46 -5.69 20.96
C PHE A 47 40.62 -4.20 20.66
N LEU A 48 39.54 -3.45 20.80
CA LEU A 48 39.53 -2.03 20.48
C LEU A 48 39.59 -1.19 21.76
N PRO A 49 40.71 -0.48 21.96
CA PRO A 49 40.87 0.32 23.19
C PRO A 49 39.98 1.55 23.19
N ARG A 50 39.54 1.98 24.36
CA ARG A 50 38.72 3.18 24.50
C ARG A 50 39.57 4.42 24.25
N GLU A 51 38.92 5.57 24.18
CA GLU A 51 39.63 6.83 23.99
C GLU A 51 40.47 7.11 25.23
N GLY A 52 41.78 7.03 25.06
CA GLY A 52 42.70 7.28 26.16
C GLY A 52 43.58 6.08 26.47
N LYS A 53 43.10 4.90 26.09
CA LYS A 53 43.82 3.66 26.37
C LYS A 53 44.54 3.17 25.12
N THR A 54 45.51 2.28 25.31
CA THR A 54 46.33 1.78 24.21
C THR A 54 46.39 0.26 24.23
N PRO A 55 46.80 -0.34 23.10
CA PRO A 55 46.89 -1.79 23.01
C PRO A 55 47.65 -2.38 24.19
N THR A 56 48.65 -1.63 24.67
CA THR A 56 49.43 -2.07 25.83
C THR A 56 48.54 -2.19 27.06
N ASP A 57 47.70 -1.19 27.27
CA ASP A 57 46.80 -1.18 28.43
C ASP A 57 45.92 -2.43 28.41
N ILE A 58 45.43 -2.79 27.23
CA ILE A 58 44.58 -3.96 27.09
C ILE A 58 45.36 -5.23 27.41
N HIS A 59 46.55 -5.36 26.84
CA HIS A 59 47.35 -6.56 26.99
C HIS A 59 47.53 -6.87 28.47
N GLU A 60 47.99 -5.85 29.20
CA GLU A 60 48.21 -5.94 30.63
C GLU A 60 47.01 -6.53 31.35
N GLU A 61 45.82 -6.27 30.81
CA GLU A 61 44.57 -6.60 31.48
C GLU A 61 44.05 -8.00 31.16
N ILE A 62 43.84 -8.27 29.88
CA ILE A 62 43.15 -9.49 29.46
C ILE A 62 44.07 -10.69 29.25
N ILE A 63 45.36 -10.46 28.99
CA ILE A 63 46.23 -11.58 28.66
C ILE A 63 46.30 -12.57 29.83
N PRO A 64 46.29 -12.06 31.07
CA PRO A 64 46.23 -12.96 32.23
C PRO A 64 44.85 -13.60 32.39
N LEU A 65 43.80 -12.81 32.16
CA LEU A 65 42.43 -13.28 32.29
C LEU A 65 42.16 -14.45 31.33
N LEU A 66 42.63 -14.30 30.09
CA LEU A 66 42.42 -15.33 29.08
C LEU A 66 43.22 -16.59 29.40
N MET A 67 44.47 -16.41 29.81
CA MET A 67 45.32 -17.54 30.16
C MET A 67 44.64 -18.43 31.21
N ASP A 68 44.03 -17.79 32.20
CA ASP A 68 43.34 -18.51 33.26
C ASP A 68 42.07 -19.16 32.72
N LYS A 69 41.29 -18.37 31.99
CA LYS A 69 40.02 -18.83 31.42
C LYS A 69 40.18 -20.07 30.55
N TYR A 70 41.24 -20.10 29.74
CA TYR A 70 41.45 -21.20 28.81
C TYR A 70 42.64 -22.07 29.22
N GLY A 71 43.22 -21.76 30.38
CA GLY A 71 44.34 -22.52 30.90
C GLY A 71 45.48 -22.65 29.91
N LEU A 72 45.99 -21.52 29.43
CA LEU A 72 47.10 -21.53 28.47
C LEU A 72 48.38 -21.03 29.12
N ASP A 73 49.50 -21.67 28.76
CA ASP A 73 50.81 -21.25 29.24
C ASP A 73 51.12 -19.86 28.72
N ASN A 74 50.92 -19.65 27.43
CA ASN A 74 51.23 -18.39 26.79
C ASN A 74 50.26 -18.06 25.66
N ILE A 75 50.06 -16.78 25.39
CA ILE A 75 49.19 -16.33 24.31
C ILE A 75 49.88 -15.26 23.48
N ARG A 76 50.06 -15.55 22.19
CA ARG A 76 50.66 -14.59 21.28
C ARG A 76 49.73 -13.40 21.09
N ALA A 77 50.24 -12.20 21.33
CA ALA A 77 49.44 -10.99 21.17
C ALA A 77 50.35 -9.80 20.88
N LYS A 78 49.92 -8.96 19.95
CA LYS A 78 50.67 -7.77 19.58
C LYS A 78 49.71 -6.64 19.23
N PRO A 79 50.17 -5.39 19.37
CA PRO A 79 49.41 -4.25 18.85
C PRO A 79 49.40 -4.26 17.32
N GLN A 80 48.34 -3.74 16.72
CA GLN A 80 48.21 -3.76 15.27
C GLN A 80 47.22 -2.71 14.80
N LYS A 81 47.64 -1.87 13.86
CA LYS A 81 46.77 -0.85 13.30
C LYS A 81 45.84 -1.51 12.30
N MET A 82 44.54 -1.28 12.49
CA MET A 82 43.54 -1.87 11.62
C MET A 82 42.48 -0.83 11.25
N LYS A 83 41.94 -1.00 10.05
CA LYS A 83 40.91 -0.09 9.55
C LYS A 83 39.55 -0.75 9.61
N TYR A 84 38.55 0.01 10.03
CA TYR A 84 37.17 -0.46 10.02
C TYR A 84 36.33 0.40 9.07
N SER A 85 35.62 -0.23 8.16
CA SER A 85 34.85 0.49 7.16
C SER A 85 33.46 -0.12 6.97
N PHE A 86 32.85 -0.55 8.06
CA PHE A 86 31.57 -1.23 7.97
C PHE A 86 30.48 -0.64 8.89
N GLU A 87 29.31 -1.25 8.88
CA GLU A 87 28.08 -0.60 9.33
C GLU A 87 27.96 -0.30 10.83
N LEU A 88 28.89 -0.81 11.65
CA LEU A 88 28.83 -0.52 13.08
C LEU A 88 29.11 0.95 13.34
N PRO A 89 28.41 1.52 14.32
CA PRO A 89 28.73 2.88 14.78
C PRO A 89 29.71 2.84 15.94
N ASP A 90 30.39 3.95 16.19
CA ASP A 90 31.31 4.07 17.32
C ASP A 90 32.61 3.28 17.11
N ILE A 91 32.89 2.90 15.87
CA ILE A 91 34.16 2.25 15.54
C ILE A 91 34.97 3.15 14.61
N PRO A 92 36.11 3.66 15.09
CA PRO A 92 36.93 4.60 14.30
C PRO A 92 37.49 3.96 13.03
N SER A 93 37.59 4.76 11.97
CA SER A 93 38.04 4.28 10.67
C SER A 93 39.40 3.60 10.74
N GLU A 94 40.15 3.90 11.79
CA GLU A 94 41.45 3.27 11.99
C GLU A 94 41.91 3.42 13.44
N SER A 95 42.38 2.33 14.03
CA SER A 95 42.79 2.35 15.44
C SER A 95 43.88 1.34 15.74
N ASP A 96 44.48 1.46 16.93
CA ASP A 96 45.46 0.49 17.39
C ASP A 96 44.76 -0.59 18.20
N TYR A 97 44.51 -1.72 17.58
CA TYR A 97 43.87 -2.83 18.26
C TYR A 97 44.92 -3.70 18.92
N LEU A 98 44.52 -4.48 19.92
CA LEU A 98 45.39 -5.50 20.45
C LEU A 98 45.01 -6.83 19.79
N LYS A 99 45.79 -7.23 18.81
CA LYS A 99 45.59 -8.50 18.11
C LYS A 99 45.99 -9.64 19.02
N VAL A 100 45.01 -10.47 19.37
CA VAL A 100 45.28 -11.64 20.21
C VAL A 100 44.93 -12.91 19.46
N LEU A 101 45.77 -13.93 19.60
CA LEU A 101 45.56 -15.19 18.90
C LEU A 101 45.08 -16.26 19.87
N LEU A 102 43.81 -16.65 19.75
CA LEU A 102 43.25 -17.63 20.68
C LEU A 102 42.97 -18.96 19.99
N PRO A 103 43.78 -19.99 20.29
CA PRO A 103 43.66 -21.26 19.59
C PRO A 103 42.26 -21.87 19.73
N TYR A 104 41.80 -22.54 18.69
CA TYR A 104 40.48 -23.15 18.70
C TYR A 104 40.40 -24.26 19.73
N GLN A 105 41.49 -25.01 19.87
CA GLN A 105 41.57 -26.08 20.85
C GLN A 105 42.37 -25.64 22.06
N THR A 106 41.66 -25.42 23.17
CA THR A 106 42.29 -25.02 24.42
C THR A 106 42.02 -26.04 25.50
N PRO A 107 42.97 -26.20 26.44
CA PRO A 107 42.83 -27.12 27.56
C PRO A 107 41.45 -27.04 28.23
N LYS A 108 40.96 -25.83 28.47
CA LYS A 108 39.65 -25.65 29.10
C LYS A 108 38.82 -24.56 28.41
N SER A 109 37.51 -24.62 28.61
CA SER A 109 36.60 -23.63 28.02
C SER A 109 36.75 -23.59 26.50
N SER A 110 36.99 -24.76 25.90
CA SER A 110 37.36 -24.85 24.50
C SER A 110 36.37 -24.16 23.56
N ARG A 111 35.09 -24.18 23.91
CA ARG A 111 34.07 -23.57 23.06
C ARG A 111 33.30 -22.45 23.75
N ASP A 112 34.02 -21.61 24.48
CA ASP A 112 33.44 -20.39 25.04
C ASP A 112 33.97 -19.18 24.29
N THR A 113 33.22 -18.72 23.30
CA THR A 113 33.65 -17.61 22.46
C THR A 113 33.54 -16.27 23.18
N ILE A 114 34.47 -15.38 22.87
CA ILE A 114 34.44 -14.04 23.44
C ILE A 114 33.43 -13.16 22.69
N PRO A 115 32.46 -12.60 23.42
CA PRO A 115 31.41 -11.81 22.79
C PRO A 115 31.92 -10.47 22.27
N SER A 116 31.48 -10.08 21.07
CA SER A 116 31.94 -8.86 20.44
C SER A 116 31.60 -7.62 21.26
N ASP A 117 30.56 -7.72 22.07
CA ASP A 117 30.12 -6.57 22.88
C ASP A 117 30.82 -6.54 24.24
N LEU A 118 31.75 -7.46 24.46
CA LEU A 118 32.48 -7.50 25.72
C LEU A 118 33.10 -6.14 26.00
N SER A 119 32.78 -5.57 27.15
CA SER A 119 33.26 -4.26 27.53
C SER A 119 34.21 -4.36 28.71
N SER A 120 35.00 -3.30 28.91
CA SER A 120 35.95 -3.25 30.00
C SER A 120 36.40 -1.82 30.25
N ASP A 121 37.37 -1.65 31.14
CA ASP A 121 37.90 -0.34 31.44
C ASP A 121 38.84 0.13 30.34
N THR A 122 39.41 -0.84 29.63
CA THR A 122 40.41 -0.55 28.59
C THR A 122 39.84 -0.62 27.17
N PHE A 123 39.03 -1.64 26.91
CA PHE A 123 38.46 -1.85 25.58
C PHE A 123 36.95 -1.97 25.62
N TYR A 124 36.30 -1.66 24.51
CA TYR A 124 34.84 -1.70 24.43
C TYR A 124 34.27 -2.58 23.30
N HIS A 125 35.13 -3.03 22.39
CA HIS A 125 34.69 -3.97 21.36
C HIS A 125 35.74 -5.07 21.13
N VAL A 126 35.29 -6.21 20.62
CA VAL A 126 36.19 -7.31 20.32
C VAL A 126 35.78 -7.99 19.01
N PHE A 127 36.55 -7.77 17.96
CA PHE A 127 36.26 -8.34 16.66
C PHE A 127 36.83 -9.75 16.52
N GLY A 128 36.19 -10.55 15.67
CA GLY A 128 36.69 -11.87 15.29
C GLY A 128 36.72 -12.89 16.40
N GLY A 129 35.79 -12.80 17.35
CA GLY A 129 35.76 -13.74 18.45
C GLY A 129 34.94 -14.99 18.14
N ASN A 130 34.15 -14.92 17.07
CA ASN A 130 33.26 -16.03 16.72
C ASN A 130 33.58 -16.67 15.36
N SER A 131 34.64 -16.20 14.71
CA SER A 131 35.06 -16.73 13.42
C SER A 131 35.14 -18.26 13.45
N ASN A 132 34.91 -18.90 12.31
CA ASN A 132 34.91 -20.36 12.22
C ASN A 132 36.23 -20.91 11.68
N ILE A 133 36.63 -22.06 12.21
CA ILE A 133 37.92 -22.67 11.89
C ILE A 133 38.28 -22.59 10.41
N PHE A 134 37.40 -23.08 9.54
CA PHE A 134 37.70 -23.12 8.11
C PHE A 134 38.04 -21.73 7.61
N GLU A 135 37.19 -20.76 7.94
CA GLU A 135 37.43 -19.38 7.54
C GLU A 135 38.82 -18.93 7.96
N SER A 136 39.14 -19.12 9.24
CA SER A 136 40.43 -18.68 9.77
C SER A 136 41.60 -19.25 8.96
N PHE A 137 41.51 -20.52 8.59
CA PHE A 137 42.57 -21.16 7.82
C PHE A 137 42.69 -20.55 6.42
N VAL A 138 41.62 -20.62 5.65
CA VAL A 138 41.61 -20.15 4.28
C VAL A 138 42.00 -18.67 4.17
N ILE A 139 41.74 -17.90 5.21
CA ILE A 139 42.04 -16.47 5.19
C ILE A 139 43.48 -16.18 5.60
N GLN A 140 43.84 -16.60 6.81
CA GLN A 140 45.19 -16.46 7.32
C GLN A 140 46.23 -16.95 6.32
N ASN A 141 46.04 -18.18 5.82
CA ASN A 141 47.01 -18.81 4.92
C ASN A 141 46.78 -18.48 3.44
N ARG A 142 45.86 -17.57 3.17
CA ARG A 142 45.65 -17.07 1.81
C ARG A 142 45.35 -18.18 0.79
N ILE A 143 44.47 -19.10 1.16
CA ILE A 143 44.05 -20.17 0.26
C ILE A 143 42.86 -19.67 -0.56
N MET A 144 42.96 -19.78 -1.89
CA MET A 144 41.89 -19.28 -2.75
C MET A 144 41.25 -20.38 -3.58
N GLY A 145 40.46 -21.23 -2.94
CA GLY A 145 39.74 -22.29 -3.63
C GLY A 145 40.58 -23.54 -3.80
N PRO A 146 40.05 -24.53 -4.54
CA PRO A 146 40.76 -25.79 -4.78
C PRO A 146 42.09 -25.56 -5.49
N CYS A 147 43.18 -25.85 -4.78
CA CYS A 147 44.52 -25.59 -5.29
C CYS A 147 45.52 -26.58 -4.71
N TRP A 148 46.73 -26.60 -5.26
CA TRP A 148 47.81 -27.42 -4.72
C TRP A 148 48.34 -26.83 -3.42
N LEU A 149 48.77 -27.68 -2.50
CA LEU A 149 49.25 -27.24 -1.20
C LEU A 149 50.52 -27.96 -0.81
N ASP A 150 51.56 -27.20 -0.47
CA ASP A 150 52.76 -27.76 0.14
C ASP A 150 52.58 -27.86 1.65
N ILE A 151 52.71 -29.06 2.18
CA ILE A 151 52.54 -29.31 3.61
C ILE A 151 53.81 -29.89 4.23
N LYS A 152 54.50 -29.08 5.02
CA LYS A 152 55.72 -29.52 5.67
C LYS A 152 55.44 -29.92 7.11
N GLY A 153 56.18 -30.90 7.61
CA GLY A 153 55.99 -31.38 8.97
C GLY A 153 54.80 -32.29 9.07
N ALA A 154 54.57 -33.07 8.01
CA ALA A 154 53.43 -33.98 7.94
C ALA A 154 53.64 -35.21 8.82
N ASP A 155 52.72 -35.41 9.76
CA ASP A 155 52.78 -36.57 10.64
C ASP A 155 51.80 -37.64 10.16
N PHE A 156 52.33 -38.80 9.81
CA PHE A 156 51.52 -39.86 9.20
C PHE A 156 50.84 -40.78 10.23
N ASN A 157 51.52 -41.01 11.35
CA ASN A 157 51.01 -41.93 12.36
C ASN A 157 49.90 -41.30 13.20
N SER A 158 50.14 -40.09 13.68
CA SER A 158 49.16 -39.38 14.50
C SER A 158 47.87 -39.12 13.73
N SER A 163 38.66 -42.20 8.61
CA SER A 163 38.55 -41.75 7.22
C SER A 163 38.42 -42.91 6.24
N HIS A 164 37.90 -42.61 5.06
CA HIS A 164 37.85 -43.57 3.97
C HIS A 164 38.88 -43.21 2.91
N CYS A 165 39.97 -42.57 3.35
CA CYS A 165 40.99 -42.12 2.41
C CYS A 165 42.21 -43.02 2.42
N ALA A 166 42.98 -42.95 1.34
CA ALA A 166 44.22 -43.70 1.23
C ALA A 166 45.24 -43.19 2.23
N VAL A 167 45.50 -41.88 2.19
CA VAL A 167 46.46 -41.26 3.08
C VAL A 167 45.77 -40.52 4.22
N GLU A 168 46.39 -40.54 5.39
CA GLU A 168 45.88 -39.81 6.54
C GLU A 168 47.02 -39.14 7.27
N VAL A 169 47.11 -37.82 7.12
CA VAL A 169 48.21 -37.05 7.67
C VAL A 169 47.66 -36.01 8.64
N SER A 170 48.49 -35.59 9.60
CA SER A 170 48.08 -34.55 10.54
C SER A 170 49.23 -33.59 10.79
N VAL A 171 48.90 -32.30 10.90
CA VAL A 171 49.91 -31.28 11.13
C VAL A 171 49.54 -30.42 12.33
N ASP A 172 50.56 -30.00 13.09
CA ASP A 172 50.32 -29.25 14.32
C ASP A 172 50.68 -27.77 14.17
N LYS A 173 51.05 -27.38 12.95
CA LYS A 173 51.35 -25.99 12.65
C LYS A 173 50.66 -25.58 11.36
N PRO A 174 49.58 -24.79 11.47
CA PRO A 174 48.86 -24.35 10.27
C PRO A 174 49.76 -23.61 9.30
N GLN A 175 50.80 -22.97 9.84
CA GLN A 175 51.73 -22.20 9.03
C GLN A 175 52.44 -23.08 8.00
N ASN A 176 52.47 -24.38 8.26
CA ASN A 176 53.17 -25.32 7.39
C ASN A 176 52.50 -25.50 6.04
N ILE A 177 51.18 -25.43 6.00
CA ILE A 177 50.46 -25.55 4.73
C ILE A 177 50.49 -24.21 4.00
N THR A 178 50.92 -24.26 2.74
CA THR A 178 51.03 -23.05 1.93
C THR A 178 50.66 -23.36 0.48
N PRO A 179 49.90 -22.47 -0.16
CA PRO A 179 49.50 -22.77 -1.55
C PRO A 179 50.64 -22.66 -2.55
N THR A 180 50.66 -23.56 -3.52
CA THR A 180 51.62 -23.50 -4.61
C THR A 180 51.04 -22.65 -5.74
N THR A 181 51.80 -22.47 -6.80
CA THR A 181 51.34 -21.66 -7.93
C THR A 181 50.93 -22.54 -9.11
N THR A 182 50.98 -23.86 -8.93
CA THR A 182 50.61 -24.79 -9.98
C THR A 182 49.13 -24.63 -10.33
N LYS A 183 48.84 -24.40 -11.61
CA LYS A 183 47.47 -24.17 -12.06
C LYS A 183 46.82 -25.43 -12.64
N THR A 184 47.62 -26.46 -12.87
CA THR A 184 47.10 -27.75 -13.32
C THR A 184 46.54 -28.52 -12.14
N MET A 185 45.61 -29.42 -12.40
CA MET A 185 44.97 -30.20 -11.34
C MET A 185 44.89 -31.68 -11.70
N PRO A 186 44.86 -32.54 -10.66
CA PRO A 186 44.69 -34.00 -10.82
C PRO A 186 43.46 -34.36 -11.63
N ASN A 187 43.38 -35.60 -12.08
CA ASN A 187 42.16 -36.12 -12.68
C ASN A 187 41.17 -36.48 -11.57
N LEU A 188 39.89 -36.27 -11.84
CA LEU A 188 38.85 -36.49 -10.84
C LEU A 188 38.11 -37.80 -11.09
N ARG A 189 37.98 -38.61 -10.05
CA ARG A 189 37.21 -39.83 -10.10
C ARG A 189 35.74 -39.48 -9.89
N CYS A 190 34.96 -39.56 -10.97
CA CYS A 190 33.54 -39.19 -10.91
C CYS A 190 32.66 -40.43 -10.85
N LEU A 191 31.65 -40.41 -10.00
CA LEU A 191 30.72 -41.53 -9.92
C LEU A 191 29.28 -41.04 -10.02
N SER A 192 28.68 -41.20 -11.20
CA SER A 192 27.31 -40.78 -11.42
C SER A 192 26.35 -41.82 -10.85
N LEU A 193 25.27 -41.34 -10.23
CA LEU A 193 24.29 -42.22 -9.62
C LEU A 193 22.92 -42.03 -10.26
N SER A 194 22.07 -43.05 -10.09
CA SER A 194 20.68 -42.97 -10.53
C SER A 194 19.87 -43.97 -9.71
N ILE A 195 18.90 -43.45 -8.96
CA ILE A 195 18.18 -44.25 -7.98
C ILE A 195 16.70 -44.34 -8.31
N GLN A 196 16.17 -45.55 -8.33
CA GLN A 196 14.74 -45.76 -8.54
C GLN A 196 14.07 -46.12 -7.22
N THR A 197 12.88 -45.57 -7.00
CA THR A 197 12.20 -45.72 -5.72
C THR A 197 10.74 -46.17 -5.87
N LEU A 198 10.14 -46.53 -4.73
CA LEU A 198 8.71 -46.81 -4.68
C LEU A 198 8.21 -46.43 -3.28
N MET A 199 6.98 -45.94 -3.19
CA MET A 199 6.42 -45.56 -1.90
C MET A 199 5.76 -46.74 -1.23
N ASN A 200 5.72 -46.70 0.09
CA ASN A 200 5.12 -47.77 0.89
C ASN A 200 3.87 -47.25 1.57
N PRO A 201 2.68 -47.66 1.07
CA PRO A 201 1.39 -47.22 1.60
C PRO A 201 1.22 -47.52 3.10
N LYS A 202 2.14 -48.28 3.68
CA LYS A 202 2.07 -48.60 5.09
C LYS A 202 2.55 -47.42 5.92
N GLU A 203 3.83 -47.09 5.77
CA GLU A 203 4.46 -46.02 6.54
C GLU A 203 4.51 -44.70 5.78
N ASN A 204 4.20 -44.73 4.49
CA ASN A 204 4.19 -43.52 3.67
C ASN A 204 5.60 -42.99 3.42
N LYS A 205 6.57 -43.88 3.27
CA LYS A 205 7.96 -43.48 3.03
C LYS A 205 8.46 -44.07 1.72
N GLN A 206 9.51 -43.45 1.18
CA GLN A 206 10.12 -43.88 -0.07
C GLN A 206 11.28 -44.83 0.16
N GLU A 207 11.22 -46.00 -0.48
CA GLU A 207 12.28 -46.99 -0.38
C GLU A 207 13.02 -47.09 -1.72
N ILE A 208 14.26 -47.57 -1.69
CA ILE A 208 15.06 -47.72 -2.90
C ILE A 208 14.96 -49.12 -3.48
N VAL A 209 14.65 -49.20 -4.77
CA VAL A 209 14.59 -50.47 -5.47
C VAL A 209 15.93 -50.78 -6.16
N SER A 210 16.37 -49.88 -7.02
CA SER A 210 17.62 -50.08 -7.76
C SER A 210 18.54 -48.88 -7.67
N ILE A 211 19.84 -49.14 -7.89
CA ILE A 211 20.85 -48.09 -7.95
C ILE A 211 21.86 -48.37 -9.06
N THR A 212 22.08 -47.40 -9.94
CA THR A 212 23.07 -47.54 -11.00
C THR A 212 24.29 -46.68 -10.70
N LEU A 213 25.47 -47.26 -10.96
CA LEU A 213 26.74 -46.64 -10.62
C LEU A 213 27.60 -46.60 -11.87
N SER A 214 27.71 -45.41 -12.46
CA SER A 214 28.53 -45.19 -13.64
C SER A 214 29.83 -44.48 -13.26
N ALA A 215 30.94 -45.21 -13.31
CA ALA A 215 32.23 -44.64 -12.95
C ALA A 215 32.97 -44.05 -14.14
N TYR A 216 33.68 -42.94 -13.87
CA TYR A 216 34.46 -42.23 -14.87
C TYR A 216 35.76 -41.83 -14.17
N ARG A 217 36.70 -42.77 -14.10
CA ARG A 217 37.84 -42.68 -13.21
C ARG A 217 38.85 -41.57 -13.53
N ASN A 218 38.83 -41.08 -14.77
CA ASN A 218 39.76 -40.02 -15.17
C ASN A 218 39.09 -38.88 -15.92
N ILE A 219 38.69 -37.85 -15.18
CA ILE A 219 38.11 -36.65 -15.77
C ILE A 219 39.04 -35.48 -15.46
N SER A 220 39.70 -34.97 -16.49
CA SER A 220 40.59 -33.83 -16.31
C SER A 220 39.89 -32.53 -16.70
N LEU A 221 39.89 -31.57 -15.79
CA LEU A 221 39.24 -30.28 -16.04
C LEU A 221 40.20 -29.30 -16.68
N ASP A 222 41.46 -29.70 -16.81
CA ASP A 222 42.45 -28.87 -17.50
C ASP A 222 42.11 -28.85 -18.99
N SER A 223 42.20 -30.00 -19.62
CA SER A 223 41.72 -30.17 -20.99
C SER A 223 40.20 -30.35 -20.95
N PRO A 224 39.53 -30.16 -22.09
CA PRO A 224 38.08 -30.32 -22.09
C PRO A 224 37.65 -31.78 -22.05
N ILE A 225 36.42 -32.03 -21.64
CA ILE A 225 35.91 -33.39 -21.54
C ILE A 225 35.37 -33.86 -22.90
N PRO A 226 35.84 -35.01 -23.37
CA PRO A 226 35.35 -35.55 -24.64
C PRO A 226 33.88 -35.93 -24.57
N GLU A 227 33.11 -35.62 -25.62
CA GLU A 227 31.69 -35.89 -25.63
C GLU A 227 31.41 -37.40 -25.57
N ASN A 228 30.33 -37.76 -24.90
CA ASN A 228 29.87 -39.15 -24.82
C ASN A 228 30.90 -40.12 -24.26
N ILE A 229 31.89 -39.61 -23.53
CA ILE A 229 32.87 -40.49 -22.88
C ILE A 229 32.21 -41.69 -22.23
N LYS A 230 32.70 -42.88 -22.55
CA LYS A 230 32.16 -44.11 -21.98
C LYS A 230 32.74 -44.32 -20.59
N PRO A 231 31.91 -44.79 -19.64
CA PRO A 231 32.37 -45.04 -18.27
C PRO A 231 33.39 -46.16 -18.18
N ASP A 232 34.30 -46.04 -17.21
CA ASP A 232 35.30 -47.07 -16.96
C ASP A 232 34.67 -48.28 -16.26
N ASP A 233 33.41 -48.14 -15.86
CA ASP A 233 32.67 -49.24 -15.25
C ASP A 233 31.20 -48.87 -15.07
N LEU A 234 30.33 -49.86 -15.17
CA LEU A 234 28.90 -49.65 -15.00
C LEU A 234 28.32 -50.82 -14.20
N CYS A 235 27.64 -50.49 -13.11
CA CYS A 235 27.08 -51.55 -12.25
C CYS A 235 25.74 -51.18 -11.64
N THR A 236 24.77 -52.09 -11.75
CA THR A 236 23.43 -51.86 -11.23
C THR A 236 23.19 -52.77 -10.04
N LEU A 237 22.41 -52.30 -9.09
CA LEU A 237 22.12 -53.05 -7.86
C LEU A 237 20.62 -53.05 -7.67
N VAL A 238 19.99 -54.18 -7.96
CA VAL A 238 18.53 -54.25 -7.90
C VAL A 238 18.00 -55.01 -6.70
N ARG A 239 16.84 -54.59 -6.22
CA ARG A 239 16.14 -55.24 -5.12
C ARG A 239 14.74 -55.60 -5.57
N PRO A 240 14.17 -56.68 -5.00
CA PRO A 240 12.77 -57.01 -5.29
C PRO A 240 11.86 -55.85 -4.88
N PRO A 241 10.81 -55.58 -5.65
CA PRO A 241 9.95 -54.45 -5.29
C PRO A 241 8.75 -54.85 -4.43
N GLN A 242 8.08 -55.94 -4.79
CA GLN A 242 6.93 -56.41 -4.04
C GLN A 242 7.29 -57.64 -3.20
N SER A 243 7.53 -58.76 -3.89
CA SER A 243 7.87 -60.01 -3.21
C SER A 243 9.37 -60.06 -2.92
N THR A 244 9.81 -61.16 -2.33
CA THR A 244 11.22 -61.33 -1.98
C THR A 244 12.01 -61.98 -3.12
N SER A 245 11.29 -62.58 -4.06
CA SER A 245 11.92 -63.25 -5.20
C SER A 245 11.65 -62.54 -6.52
N PHE A 246 12.67 -62.48 -7.37
CA PHE A 246 12.54 -61.90 -8.70
C PHE A 246 11.85 -62.90 -9.62
N PRO A 247 11.69 -62.57 -10.90
CA PRO A 247 11.10 -63.53 -11.83
C PRO A 247 12.14 -64.35 -12.56
N LEU A 248 11.95 -65.68 -12.58
CA LEU A 248 12.90 -66.59 -13.19
C LEU A 248 13.29 -66.15 -14.59
N GLY A 249 14.60 -65.96 -14.80
CA GLY A 249 15.12 -65.56 -16.08
C GLY A 249 15.60 -64.12 -16.07
N LEU A 250 15.74 -63.54 -14.88
CA LEU A 250 16.17 -62.16 -14.74
C LEU A 250 17.67 -62.01 -14.95
N ALA A 251 18.46 -62.82 -14.24
CA ALA A 251 19.91 -62.76 -14.36
C ALA A 251 20.37 -62.98 -15.79
N ALA A 252 19.94 -64.10 -16.39
CA ALA A 252 20.31 -64.44 -17.75
C ALA A 252 20.00 -63.31 -18.74
N LEU A 253 18.73 -62.93 -18.79
CA LEU A 253 18.29 -61.88 -19.71
C LEU A 253 19.04 -60.58 -19.47
N ALA A 254 19.37 -60.32 -18.21
CA ALA A 254 20.06 -59.10 -17.82
C ALA A 254 21.43 -59.02 -18.48
N LYS A 255 22.24 -60.05 -18.27
CA LYS A 255 23.58 -60.10 -18.85
C LYS A 255 23.51 -60.23 -20.37
N GLN A 256 22.30 -60.45 -20.89
CA GLN A 256 22.10 -60.62 -22.33
C GLN A 256 21.70 -59.31 -23.01
N LYS A 257 20.95 -58.46 -22.29
CA LYS A 257 20.41 -57.24 -22.88
C LYS A 257 20.91 -55.97 -22.20
N LEU A 258 21.07 -56.01 -20.88
CA LEU A 258 21.46 -54.82 -20.13
C LEU A 258 22.97 -54.57 -20.19
N PRO A 259 23.36 -53.31 -20.38
CA PRO A 259 24.79 -52.94 -20.40
C PRO A 259 25.41 -52.97 -19.01
N GLY A 260 26.68 -53.34 -18.92
CA GLY A 260 27.40 -53.39 -17.66
C GLY A 260 26.94 -54.51 -16.75
N ARG A 261 27.55 -54.59 -15.57
CA ARG A 261 27.22 -55.63 -14.61
C ARG A 261 25.87 -55.34 -13.95
N VAL A 262 25.14 -56.41 -13.62
CA VAL A 262 23.88 -56.29 -12.90
C VAL A 262 23.81 -57.32 -11.78
N ARG A 263 23.77 -56.85 -10.54
CA ARG A 263 23.75 -57.75 -9.38
C ARG A 263 22.45 -57.62 -8.59
N LEU A 264 21.84 -58.77 -8.34
CA LEU A 264 20.54 -58.84 -7.70
C LEU A 264 20.71 -59.15 -6.22
N PHE A 265 19.80 -58.62 -5.40
CA PHE A 265 19.85 -58.82 -3.95
C PHE A 265 18.52 -59.36 -3.46
N ASN A 266 18.51 -59.87 -2.23
CA ASN A 266 17.30 -60.46 -1.66
C ASN A 266 16.41 -59.43 -0.99
N ASN A 267 17.03 -58.42 -0.39
CA ASN A 267 16.30 -57.34 0.26
C ASN A 267 17.06 -56.04 0.10
N GLU A 268 16.53 -54.96 0.66
CA GLU A 268 17.16 -53.66 0.52
C GLU A 268 18.44 -53.58 1.34
N LYS A 269 18.36 -53.94 2.62
CA LYS A 269 19.50 -53.86 3.52
C LYS A 269 20.77 -54.38 2.87
N ALA A 270 20.68 -55.54 2.23
CA ALA A 270 21.84 -56.14 1.55
C ALA A 270 22.33 -55.27 0.40
N MET A 271 21.40 -54.78 -0.41
CA MET A 271 21.74 -54.00 -1.59
C MET A 271 22.49 -52.73 -1.22
N LEU A 272 22.00 -52.02 -0.21
CA LEU A 272 22.62 -50.79 0.26
C LEU A 272 23.97 -51.07 0.90
N SER A 273 24.09 -52.17 1.64
CA SER A 273 25.37 -52.54 2.24
C SER A 273 26.43 -52.72 1.17
N CYS A 274 26.05 -53.34 0.06
CA CYS A 274 26.98 -53.52 -1.05
C CYS A 274 27.32 -52.17 -1.66
N PHE A 275 26.29 -51.34 -1.85
CA PHE A 275 26.45 -50.00 -2.40
C PHE A 275 27.51 -49.21 -1.63
N CYS A 276 27.43 -49.26 -0.30
CA CYS A 276 28.34 -48.54 0.56
C CYS A 276 29.76 -49.08 0.42
N ALA A 277 29.90 -50.39 0.41
CA ALA A 277 31.20 -51.01 0.22
C ALA A 277 31.81 -50.57 -1.12
N MET A 278 30.95 -50.44 -2.12
CA MET A 278 31.38 -50.08 -3.46
C MET A 278 31.86 -48.63 -3.49
N LEU A 279 31.19 -47.76 -2.75
CA LEU A 279 31.62 -46.37 -2.66
C LEU A 279 33.00 -46.28 -2.00
N LYS A 280 33.14 -46.93 -0.85
CA LYS A 280 34.42 -46.96 -0.14
C LYS A 280 35.54 -47.41 -1.06
N VAL A 281 35.29 -48.43 -1.87
CA VAL A 281 36.32 -48.97 -2.76
C VAL A 281 36.65 -48.04 -3.92
N GLU A 282 35.66 -47.76 -4.76
CA GLU A 282 35.81 -46.81 -5.86
C GLU A 282 36.36 -45.47 -5.37
N ASP A 283 35.91 -45.06 -4.20
CA ASP A 283 36.40 -43.84 -3.55
C ASP A 283 36.52 -42.69 -4.57
N PRO A 284 35.37 -42.19 -5.04
CA PRO A 284 35.33 -41.13 -6.05
C PRO A 284 35.41 -39.73 -5.45
N ASP A 285 35.90 -38.77 -6.23
CA ASP A 285 36.02 -37.39 -5.80
C ASP A 285 34.70 -36.65 -5.96
N VAL A 286 34.00 -36.95 -7.04
CA VAL A 286 32.74 -36.28 -7.36
C VAL A 286 31.61 -37.28 -7.56
N ILE A 287 30.43 -36.95 -7.05
CA ILE A 287 29.24 -37.77 -7.23
C ILE A 287 28.23 -37.04 -8.10
N ILE A 288 28.08 -37.51 -9.34
CA ILE A 288 27.15 -36.89 -10.29
C ILE A 288 25.75 -37.42 -10.05
N GLY A 289 24.73 -36.67 -10.47
CA GLY A 289 23.36 -37.12 -10.34
C GLY A 289 22.33 -36.06 -10.69
N HIS A 290 21.07 -36.47 -10.73
CA HIS A 290 19.98 -35.56 -11.07
C HIS A 290 18.99 -35.52 -9.91
N ARG A 291 18.84 -34.35 -9.30
CA ARG A 291 18.01 -34.19 -8.11
C ARG A 291 18.54 -35.02 -6.95
N LEU A 292 19.87 -35.08 -6.84
CA LEU A 292 20.53 -35.73 -5.72
C LEU A 292 20.30 -34.91 -4.45
N GLN A 293 20.77 -33.68 -4.48
CA GLN A 293 20.78 -32.81 -3.31
C GLN A 293 19.41 -32.70 -2.64
N ASN A 294 18.36 -32.65 -3.45
CA ASN A 294 17.05 -32.28 -2.94
C ASN A 294 16.06 -33.45 -2.80
N VAL A 295 16.44 -34.62 -3.32
CA VAL A 295 15.58 -35.79 -3.19
C VAL A 295 16.37 -37.05 -2.84
N TYR A 296 17.17 -37.52 -3.78
CA TYR A 296 17.74 -38.87 -3.68
C TYR A 296 18.81 -39.05 -2.61
N LEU A 297 19.67 -38.05 -2.37
CA LEU A 297 20.62 -38.15 -1.27
C LEU A 297 19.89 -38.24 0.06
N ASP A 298 18.78 -37.53 0.17
CA ASP A 298 17.99 -37.52 1.39
C ASP A 298 17.38 -38.90 1.64
N VAL A 299 16.77 -39.46 0.59
CA VAL A 299 16.17 -40.79 0.68
C VAL A 299 17.23 -41.79 1.10
N LEU A 300 18.28 -41.92 0.30
CA LEU A 300 19.41 -42.80 0.58
C LEU A 300 19.84 -42.73 2.04
N ALA A 301 19.96 -41.53 2.58
CA ALA A 301 20.39 -41.35 3.96
C ALA A 301 19.40 -42.00 4.92
N HIS A 302 18.13 -41.63 4.81
CA HIS A 302 17.09 -42.16 5.69
C HIS A 302 17.01 -43.70 5.66
N ARG A 303 17.10 -44.28 4.47
CA ARG A 303 17.05 -45.73 4.32
C ARG A 303 18.21 -46.40 5.04
N MET A 304 19.40 -45.85 4.87
CA MET A 304 20.58 -46.39 5.53
C MET A 304 20.45 -46.25 7.04
N HIS A 305 19.75 -45.21 7.48
CA HIS A 305 19.50 -45.00 8.90
C HIS A 305 18.49 -46.02 9.44
N ASP A 306 17.48 -46.33 8.62
CA ASP A 306 16.38 -47.20 9.04
C ASP A 306 16.83 -48.66 9.05
N LEU A 307 17.57 -49.05 8.02
CA LEU A 307 18.05 -50.42 7.88
C LEU A 307 19.28 -50.67 8.74
N ASN A 308 19.75 -49.62 9.41
CA ASN A 308 20.86 -49.74 10.35
C ASN A 308 22.15 -50.20 9.67
N ILE A 309 22.47 -49.58 8.54
CA ILE A 309 23.72 -49.85 7.85
C ILE A 309 24.87 -49.25 8.64
N PRO A 310 25.96 -50.01 8.82
CA PRO A 310 27.13 -49.52 9.56
C PRO A 310 28.07 -48.70 8.69
N THR A 311 28.14 -49.02 7.40
CA THR A 311 29.06 -48.36 6.49
C THR A 311 28.40 -47.22 5.71
N PHE A 312 27.51 -46.49 6.37
CA PHE A 312 26.78 -45.41 5.70
C PHE A 312 27.70 -44.25 5.37
N SER A 313 28.65 -43.99 6.27
CA SER A 313 29.56 -42.87 6.10
C SER A 313 30.36 -42.98 4.81
N SER A 314 30.33 -44.16 4.18
CA SER A 314 31.02 -44.37 2.92
C SER A 314 30.66 -43.30 1.89
N ILE A 315 29.45 -42.75 2.02
CA ILE A 315 29.01 -41.70 1.11
C ILE A 315 29.99 -40.54 1.12
N GLY A 316 30.59 -40.28 2.29
CA GLY A 316 31.60 -39.25 2.42
C GLY A 316 33.01 -39.82 2.49
N ARG A 317 33.93 -39.02 3.01
CA ARG A 317 35.31 -39.47 3.19
C ARG A 317 35.74 -39.50 4.66
N ARG A 318 34.88 -39.01 5.55
CA ARG A 318 35.15 -39.09 6.98
C ARG A 318 34.44 -40.30 7.58
N LEU A 319 35.18 -41.09 8.35
CA LEU A 319 34.62 -42.31 8.92
C LEU A 319 33.82 -42.01 10.18
N ARG A 320 32.50 -42.06 10.05
CA ARG A 320 31.61 -41.91 11.19
C ARG A 320 31.07 -43.29 11.59
N ARG A 321 31.20 -43.64 12.86
CA ARG A 321 30.69 -44.90 13.35
C ARG A 321 29.25 -44.75 13.82
N THR A 322 28.86 -43.53 14.18
CA THR A 322 27.52 -43.28 14.68
C THR A 322 26.81 -42.20 13.88
N TRP A 323 25.49 -42.28 13.84
CA TRP A 323 24.66 -41.30 13.14
C TRP A 323 24.45 -40.07 14.01
N PRO A 324 24.44 -38.89 13.40
CA PRO A 324 24.06 -37.68 14.14
C PRO A 324 22.72 -37.86 14.84
N GLU A 325 22.71 -37.75 16.16
CA GLU A 325 21.53 -38.03 16.96
C GLU A 325 20.32 -37.21 16.53
N LYS A 326 20.57 -36.02 15.96
CA LYS A 326 19.49 -35.13 15.54
C LYS A 326 18.88 -35.55 14.21
N PHE A 327 19.37 -36.65 13.64
CA PHE A 327 18.91 -37.12 12.34
C PHE A 327 17.62 -37.93 12.48
N GLY A 328 16.56 -37.48 11.81
CA GLY A 328 15.28 -38.15 11.86
C GLY A 328 14.12 -37.18 11.99
N ASN A 333 13.73 -30.03 9.06
CA ASN A 333 14.37 -29.70 7.79
C ASN A 333 15.86 -29.42 7.97
N MET A 334 16.46 -30.04 8.97
CA MET A 334 17.88 -29.89 9.24
C MET A 334 18.68 -30.94 8.48
N ASN A 335 17.98 -31.84 7.81
CA ASN A 335 18.62 -32.89 7.03
C ASN A 335 19.57 -32.34 5.97
N HIS A 336 19.41 -31.06 5.63
CA HIS A 336 20.28 -30.44 4.65
C HIS A 336 21.73 -30.47 5.12
N PHE A 337 22.00 -29.73 6.19
CA PHE A 337 23.35 -29.62 6.74
C PHE A 337 23.91 -30.98 7.12
N PHE A 338 23.06 -31.82 7.72
CA PHE A 338 23.46 -33.16 8.14
C PHE A 338 24.03 -33.94 6.96
N ILE A 339 23.27 -34.03 5.88
CA ILE A 339 23.69 -34.75 4.68
C ILE A 339 24.97 -34.16 4.09
N SER A 340 25.06 -32.83 4.08
CA SER A 340 26.23 -32.17 3.52
C SER A 340 27.49 -32.57 4.28
N ASP A 341 27.37 -32.69 5.60
CA ASP A 341 28.51 -33.06 6.44
C ASP A 341 28.90 -34.52 6.24
N ILE A 342 27.89 -35.39 6.17
CA ILE A 342 28.13 -36.81 5.97
C ILE A 342 28.79 -37.06 4.62
N CYS A 343 28.50 -36.22 3.63
CA CYS A 343 29.10 -36.34 2.31
C CYS A 343 30.45 -35.62 2.24
N SER A 344 30.79 -34.92 3.31
CA SER A 344 32.06 -34.19 3.38
C SER A 344 33.20 -35.03 2.82
N GLY A 345 33.81 -34.55 1.75
CA GLY A 345 34.91 -35.26 1.13
C GLY A 345 34.66 -35.50 -0.35
N ARG A 346 33.41 -35.78 -0.69
CA ARG A 346 33.02 -36.01 -2.07
C ARG A 346 32.11 -34.88 -2.55
N LEU A 347 32.48 -34.27 -3.67
CA LEU A 347 31.71 -33.16 -4.22
C LEU A 347 30.41 -33.67 -4.82
N ILE A 348 29.30 -33.02 -4.45
CA ILE A 348 28.01 -33.40 -4.99
C ILE A 348 27.69 -32.57 -6.23
N CYS A 349 27.80 -33.20 -7.40
CA CYS A 349 27.61 -32.52 -8.67
C CYS A 349 26.20 -32.75 -9.21
N ASP A 350 25.22 -32.12 -8.56
CA ASP A 350 23.82 -32.23 -8.96
C ASP A 350 23.49 -31.26 -10.09
N ILE A 351 23.08 -31.80 -11.24
CA ILE A 351 22.82 -30.98 -12.42
C ILE A 351 21.46 -30.29 -12.37
N ALA A 352 20.62 -30.66 -11.40
CA ALA A 352 19.28 -30.11 -11.30
C ALA A 352 19.08 -29.29 -10.05
N ASN A 353 20.14 -29.03 -9.30
CA ASN A 353 20.05 -28.13 -8.15
C ASN A 353 20.17 -26.69 -8.63
N GLU A 354 20.30 -25.75 -7.69
CA GLU A 354 20.34 -24.34 -8.04
C GLU A 354 21.47 -24.03 -9.03
N MET A 355 22.66 -24.54 -8.76
CA MET A 355 23.83 -24.27 -9.59
C MET A 355 23.61 -24.77 -11.01
N GLY A 356 23.10 -25.99 -11.13
CA GLY A 356 22.82 -26.56 -12.44
C GLY A 356 21.74 -25.79 -13.17
N GLN A 357 20.67 -25.46 -12.46
CA GLN A 357 19.56 -24.72 -13.04
C GLN A 357 19.99 -23.36 -13.56
N SER A 358 20.94 -22.74 -12.89
CA SER A 358 21.40 -21.41 -13.26
C SER A 358 22.21 -21.44 -14.55
N LEU A 359 22.69 -22.63 -14.93
CA LEU A 359 23.46 -22.79 -16.16
C LEU A 359 22.56 -23.26 -17.29
N THR A 360 21.31 -23.59 -16.98
CA THR A 360 20.40 -24.16 -17.95
C THR A 360 19.02 -23.51 -17.85
N PRO A 361 18.97 -22.18 -18.07
CA PRO A 361 17.75 -21.38 -17.93
C PRO A 361 16.70 -21.64 -19.01
N LYS A 362 17.06 -22.41 -20.04
CA LYS A 362 16.14 -22.67 -21.15
C LYS A 362 15.12 -23.74 -20.77
N CYS A 363 15.30 -24.35 -19.61
CA CYS A 363 14.42 -25.42 -19.16
C CYS A 363 13.22 -24.85 -18.39
N GLN A 364 12.10 -25.57 -18.45
CA GLN A 364 10.88 -25.14 -17.79
C GLN A 364 10.59 -25.98 -16.55
N SER A 365 11.08 -27.22 -16.55
CA SER A 365 10.90 -28.12 -15.41
C SER A 365 12.21 -28.72 -14.91
N TRP A 366 13.23 -28.74 -15.78
CA TRP A 366 14.52 -29.36 -15.45
C TRP A 366 14.39 -30.87 -15.20
N ASP A 367 13.38 -31.48 -15.80
CA ASP A 367 13.28 -32.93 -15.80
C ASP A 367 14.47 -33.48 -16.57
N LEU A 368 14.97 -34.64 -16.16
CA LEU A 368 16.19 -35.19 -16.73
C LEU A 368 16.11 -35.26 -18.24
N SER A 369 14.96 -35.67 -18.76
CA SER A 369 14.76 -35.80 -20.19
C SER A 369 14.80 -34.44 -20.88
N GLU A 370 14.18 -33.44 -20.25
CA GLU A 370 14.17 -32.09 -20.79
C GLU A 370 15.57 -31.49 -20.79
N MET A 371 16.30 -31.72 -19.72
CA MET A 371 17.66 -31.22 -19.62
C MET A 371 18.54 -31.84 -20.71
N TYR A 372 18.32 -33.13 -20.96
CA TYR A 372 19.06 -33.83 -22.00
C TYR A 372 18.78 -33.21 -23.37
N GLN A 373 17.51 -32.98 -23.65
CA GLN A 373 17.09 -32.38 -24.91
C GLN A 373 17.70 -31.00 -25.12
N VAL A 374 17.67 -30.19 -24.07
CA VAL A 374 18.09 -28.79 -24.17
C VAL A 374 19.60 -28.63 -24.33
N THR A 375 20.36 -29.33 -23.49
CA THR A 375 21.81 -29.16 -23.44
C THR A 375 22.56 -30.01 -24.44
N CYS A 376 22.01 -31.17 -24.78
CA CYS A 376 22.68 -32.10 -25.69
C CYS A 376 21.95 -32.26 -27.02
N GLU A 377 20.79 -31.63 -27.14
CA GLU A 377 20.03 -31.66 -28.37
C GLU A 377 19.58 -33.08 -28.74
N LYS A 378 19.71 -34.00 -27.80
CA LYS A 378 19.31 -35.39 -28.03
C LYS A 378 17.98 -35.69 -27.34
N GLU A 379 17.07 -36.34 -28.05
CA GLU A 379 15.76 -36.65 -27.51
C GLU A 379 15.76 -38.02 -26.83
N HIS A 380 15.23 -38.06 -25.61
CA HIS A 380 15.04 -39.31 -24.89
C HIS A 380 13.63 -39.36 -24.35
N LYS A 381 12.88 -40.39 -24.73
CA LYS A 381 11.51 -40.56 -24.27
C LYS A 381 11.48 -41.26 -22.91
N PRO A 382 11.20 -40.50 -21.85
CA PRO A 382 11.22 -41.04 -20.49
C PRO A 382 10.11 -42.06 -20.27
N LEU A 383 10.39 -43.07 -19.44
CA LEU A 383 9.40 -44.08 -19.11
C LEU A 383 9.00 -43.99 -17.64
N ASP A 384 7.69 -43.95 -17.39
CA ASP A 384 7.19 -43.89 -16.03
C ASP A 384 7.25 -45.28 -15.43
N ILE A 385 8.16 -45.46 -14.48
CA ILE A 385 8.32 -46.76 -13.83
C ILE A 385 7.67 -46.75 -12.45
N ASP A 386 6.62 -47.55 -12.31
CA ASP A 386 5.92 -47.67 -11.03
C ASP A 386 6.06 -49.09 -10.52
N TYR A 387 7.00 -49.29 -9.60
CA TYR A 387 7.26 -50.61 -9.05
C TYR A 387 6.10 -51.11 -8.18
N GLN A 388 5.12 -50.25 -7.95
CA GLN A 388 3.91 -50.64 -7.23
C GLN A 388 3.07 -51.58 -8.07
N ASN A 389 3.20 -51.46 -9.40
CA ASN A 389 2.46 -52.30 -10.33
C ASN A 389 3.02 -53.72 -10.33
N PRO A 390 2.16 -54.71 -10.05
CA PRO A 390 2.60 -56.11 -10.06
C PRO A 390 3.21 -56.53 -11.40
N GLN A 391 3.06 -55.70 -12.42
CA GLN A 391 3.66 -55.96 -13.72
C GLN A 391 5.16 -56.29 -13.57
N TYR A 392 5.78 -55.75 -12.53
CA TYR A 392 7.23 -55.90 -12.34
C TYR A 392 7.59 -57.05 -11.40
N GLN A 393 6.60 -57.59 -10.69
CA GLN A 393 6.86 -58.71 -9.79
C GLN A 393 6.60 -60.03 -10.50
N ASN A 394 6.01 -59.95 -11.69
CA ASN A 394 5.73 -61.14 -12.49
C ASN A 394 6.48 -61.15 -13.81
N ASP A 395 6.17 -60.18 -14.67
CA ASP A 395 6.83 -60.08 -15.98
C ASP A 395 8.32 -59.77 -15.82
N VAL A 396 9.14 -60.52 -16.56
CA VAL A 396 10.58 -60.37 -16.48
C VAL A 396 11.08 -59.29 -17.44
N ASN A 397 10.41 -59.17 -18.59
CA ASN A 397 10.79 -58.19 -19.59
C ASN A 397 10.52 -56.76 -19.12
N SER A 398 9.49 -56.61 -18.29
CA SER A 398 9.17 -55.32 -17.71
C SER A 398 10.32 -54.88 -16.80
N MET A 399 10.78 -55.81 -15.97
CA MET A 399 11.86 -55.52 -15.03
C MET A 399 13.13 -55.11 -15.77
N THR A 400 13.52 -55.88 -16.77
CA THR A 400 14.71 -55.55 -17.54
C THR A 400 14.54 -54.19 -18.23
N MET A 401 13.31 -53.89 -18.62
CA MET A 401 13.02 -52.60 -19.25
C MET A 401 13.25 -51.43 -18.29
N ALA A 402 12.78 -51.59 -17.05
CA ALA A 402 12.94 -50.55 -16.04
C ALA A 402 14.41 -50.29 -15.74
N LEU A 403 15.16 -51.38 -15.54
CA LEU A 403 16.58 -51.27 -15.25
C LEU A 403 17.27 -50.51 -16.38
N GLN A 404 16.97 -50.88 -17.62
CA GLN A 404 17.53 -50.19 -18.78
C GLN A 404 17.25 -48.70 -18.72
N GLU A 405 16.02 -48.34 -18.35
CA GLU A 405 15.67 -46.92 -18.20
C GLU A 405 16.58 -46.26 -17.17
N ASN A 406 16.89 -46.99 -16.10
CA ASN A 406 17.76 -46.46 -15.05
C ASN A 406 19.20 -46.29 -15.50
N ILE A 407 19.67 -47.19 -16.36
CA ILE A 407 21.03 -47.10 -16.89
C ILE A 407 21.15 -45.84 -17.72
N THR A 408 20.23 -45.70 -18.67
CA THR A 408 20.21 -44.57 -19.57
C THR A 408 20.12 -43.26 -18.79
N ASN A 409 19.32 -43.25 -17.74
CA ASN A 409 19.19 -42.07 -16.89
C ASN A 409 20.53 -41.68 -16.24
N CYS A 410 21.23 -42.67 -15.69
CA CYS A 410 22.53 -42.40 -15.07
C CYS A 410 23.52 -41.85 -16.09
N MET A 411 23.50 -42.43 -17.28
CA MET A 411 24.42 -42.05 -18.35
C MET A 411 24.13 -40.63 -18.79
N ILE A 412 22.85 -40.27 -18.80
CA ILE A 412 22.41 -38.94 -19.22
C ILE A 412 22.83 -37.89 -18.20
N SER A 413 22.67 -38.21 -16.91
CA SER A 413 23.06 -37.29 -15.85
C SER A 413 24.53 -36.94 -16.02
N ALA A 414 25.37 -37.96 -16.17
CA ALA A 414 26.80 -37.73 -16.33
C ALA A 414 27.12 -36.88 -17.57
N GLU A 415 26.55 -37.27 -18.71
CA GLU A 415 26.84 -36.58 -19.97
C GLU A 415 26.50 -35.10 -19.89
N VAL A 416 25.27 -34.79 -19.50
CA VAL A 416 24.83 -33.42 -19.30
C VAL A 416 25.76 -32.69 -18.35
N SER A 417 26.17 -33.37 -17.29
CA SER A 417 27.07 -32.79 -16.30
C SER A 417 28.32 -32.24 -16.97
N TYR A 418 28.96 -33.07 -17.78
CA TYR A 418 30.18 -32.65 -18.47
C TYR A 418 29.88 -31.65 -19.58
N ARG A 419 28.69 -31.75 -20.16
CA ARG A 419 28.32 -30.93 -21.31
C ARG A 419 28.20 -29.46 -20.93
N ILE A 420 27.61 -29.20 -19.76
CA ILE A 420 27.41 -27.83 -19.29
C ILE A 420 28.59 -27.32 -18.47
N GLN A 421 29.65 -28.13 -18.38
CA GLN A 421 30.87 -27.74 -17.68
C GLN A 421 30.61 -27.38 -16.21
N LEU A 422 29.68 -28.10 -15.59
CA LEU A 422 29.29 -27.80 -14.22
C LEU A 422 30.51 -27.76 -13.29
N LEU A 423 31.42 -28.71 -13.46
CA LEU A 423 32.57 -28.85 -12.57
C LEU A 423 33.64 -27.81 -12.85
N THR A 424 33.89 -27.56 -14.14
CA THR A 424 34.93 -26.60 -14.53
C THR A 424 34.51 -25.20 -14.11
N LEU A 425 33.29 -24.82 -14.48
CA LEU A 425 32.78 -23.50 -14.13
C LEU A 425 32.77 -23.30 -12.61
N THR A 426 32.16 -24.21 -11.86
CA THR A 426 32.10 -24.04 -10.42
C THR A 426 33.49 -23.90 -9.79
N LYS A 427 34.45 -24.70 -10.24
CA LYS A 427 35.79 -24.63 -9.66
C LYS A 427 36.38 -23.24 -9.88
N GLN A 428 36.28 -22.75 -11.12
CA GLN A 428 36.83 -21.45 -11.46
C GLN A 428 36.23 -20.36 -10.59
N LEU A 429 34.90 -20.37 -10.46
CA LEU A 429 34.20 -19.42 -9.61
C LEU A 429 34.70 -19.53 -8.17
N THR A 430 35.01 -20.75 -7.75
CA THR A 430 35.44 -20.99 -6.37
C THR A 430 36.83 -20.43 -6.14
N ASN A 431 37.68 -20.49 -7.16
CA ASN A 431 39.03 -19.95 -7.06
C ASN A 431 38.97 -18.42 -7.09
N LEU A 432 37.98 -17.89 -7.79
CA LEU A 432 37.79 -16.46 -7.88
C LEU A 432 37.31 -15.90 -6.54
N ALA A 433 36.41 -16.63 -5.90
CA ALA A 433 35.80 -16.19 -4.65
C ALA A 433 36.70 -16.51 -3.46
N GLY A 434 37.38 -17.65 -3.52
CA GLY A 434 38.22 -18.09 -2.43
C GLY A 434 37.47 -18.84 -1.35
N ASN A 435 36.29 -19.35 -1.69
CA ASN A 435 35.51 -20.17 -0.77
C ASN A 435 35.74 -21.66 -1.04
N ALA A 436 34.77 -22.50 -0.70
CA ALA A 436 34.92 -23.94 -0.91
C ALA A 436 34.15 -24.40 -2.15
N TRP A 437 34.72 -25.37 -2.85
CA TRP A 437 34.14 -25.88 -4.09
C TRP A 437 32.74 -26.43 -3.89
N ALA A 438 32.56 -27.19 -2.81
CA ALA A 438 31.25 -27.76 -2.49
C ALA A 438 30.21 -26.67 -2.40
N GLN A 439 30.49 -25.67 -1.58
CA GLN A 439 29.57 -24.57 -1.34
C GLN A 439 29.12 -23.93 -2.65
N THR A 440 30.08 -23.71 -3.56
CA THR A 440 29.76 -23.14 -4.87
C THR A 440 28.88 -24.08 -5.68
N LEU A 441 29.13 -25.39 -5.55
CA LEU A 441 28.36 -26.39 -6.29
C LEU A 441 26.94 -26.49 -5.74
N GLY A 442 26.76 -26.05 -4.50
CA GLY A 442 25.43 -25.97 -3.92
C GLY A 442 24.54 -24.95 -4.62
N GLY A 443 25.16 -23.91 -5.17
CA GLY A 443 24.41 -22.87 -5.87
C GLY A 443 24.37 -21.56 -5.11
N THR A 444 25.31 -21.37 -4.20
CA THR A 444 25.36 -20.15 -3.39
C THR A 444 25.88 -18.98 -4.21
N ARG A 445 25.46 -17.78 -3.82
CA ARG A 445 26.02 -16.54 -4.36
C ARG A 445 26.44 -15.62 -3.23
N ALA A 446 25.67 -15.63 -2.14
CA ALA A 446 26.01 -14.89 -0.93
C ALA A 446 27.36 -15.35 -0.37
N GLY A 447 27.65 -16.64 -0.51
CA GLY A 447 28.90 -17.21 -0.03
C GLY A 447 30.11 -16.79 -0.83
N ARG A 448 29.95 -16.74 -2.15
CA ARG A 448 31.07 -16.39 -3.03
C ARG A 448 31.39 -14.91 -2.92
N ASN A 449 30.37 -14.10 -2.69
CA ASN A 449 30.56 -12.67 -2.45
C ASN A 449 31.24 -12.49 -1.10
N GLU A 450 30.73 -13.19 -0.10
CA GLU A 450 31.23 -13.09 1.25
C GLU A 450 32.72 -13.34 1.27
N TYR A 451 33.15 -14.42 0.64
CA TYR A 451 34.55 -14.83 0.71
C TYR A 451 35.48 -13.98 -0.17
N ILE A 452 35.03 -13.58 -1.36
CA ILE A 452 35.89 -12.73 -2.17
C ILE A 452 36.19 -11.45 -1.40
N LEU A 453 35.18 -10.92 -0.72
CA LEU A 453 35.39 -9.72 0.09
C LEU A 453 36.25 -10.02 1.33
N LEU A 454 36.05 -11.18 1.95
CA LEU A 454 36.83 -11.52 3.13
C LEU A 454 38.31 -11.47 2.81
N HIS A 455 38.68 -12.02 1.66
CA HIS A 455 40.08 -12.09 1.26
C HIS A 455 40.63 -10.72 0.89
N GLU A 456 39.97 -10.03 -0.03
CA GLU A 456 40.46 -8.74 -0.49
C GLU A 456 40.65 -7.77 0.67
N PHE A 457 39.70 -7.75 1.60
CA PHE A 457 39.75 -6.84 2.75
C PHE A 457 40.83 -7.22 3.76
N SER A 458 40.88 -8.50 4.13
CA SER A 458 41.88 -8.95 5.09
C SER A 458 43.29 -8.72 4.58
N ARG A 459 43.47 -8.84 3.26
CA ARG A 459 44.78 -8.68 2.65
C ARG A 459 45.25 -7.23 2.72
N ASN A 460 44.31 -6.30 2.92
CA ASN A 460 44.63 -4.89 2.96
C ASN A 460 44.37 -4.27 4.34
N GLY A 461 44.66 -5.02 5.38
CA GLY A 461 44.62 -4.49 6.74
C GLY A 461 43.27 -3.93 7.17
N PHE A 462 42.19 -4.60 6.77
CA PHE A 462 40.85 -4.22 7.21
C PHE A 462 40.25 -5.22 8.19
N ILE A 463 39.54 -4.71 9.19
CA ILE A 463 38.77 -5.57 10.08
C ILE A 463 37.52 -6.00 9.34
N VAL A 464 37.27 -7.30 9.28
CA VAL A 464 36.07 -7.81 8.62
C VAL A 464 34.97 -8.07 9.64
N PRO A 465 33.71 -7.79 9.26
CA PRO A 465 32.57 -7.93 10.17
C PRO A 465 32.33 -9.36 10.63
N ASP A 466 32.01 -9.54 11.90
CA ASP A 466 31.72 -10.86 12.44
C ASP A 466 30.42 -11.39 11.86
N LYS A 467 30.17 -12.69 12.02
CA LYS A 467 28.90 -13.28 11.58
C LYS A 467 27.86 -13.19 12.70
N ALA A 493 10.52 -5.92 -0.47
CA ALA A 493 11.55 -4.97 -0.91
C ALA A 493 11.84 -3.95 0.18
N LYS A 494 13.05 -3.38 0.14
CA LYS A 494 13.47 -2.43 1.18
C LYS A 494 14.04 -1.14 0.60
N TYR A 495 14.22 -1.09 -0.72
CA TYR A 495 14.71 0.13 -1.37
C TYR A 495 14.34 0.14 -2.84
N GLN A 496 14.39 1.31 -3.46
CA GLN A 496 13.95 1.47 -4.84
C GLN A 496 14.95 0.87 -5.81
N GLY A 497 14.45 0.30 -6.91
CA GLY A 497 15.27 -0.41 -7.86
C GLY A 497 15.56 0.37 -9.11
N GLY A 498 15.49 -0.31 -10.26
CA GLY A 498 15.74 0.32 -11.55
C GLY A 498 14.50 1.03 -12.06
N LEU A 499 14.68 1.86 -13.07
CA LEU A 499 13.58 2.63 -13.65
C LEU A 499 13.05 1.98 -14.92
N VAL A 500 11.74 1.79 -14.98
CA VAL A 500 11.10 1.22 -16.15
C VAL A 500 10.09 2.20 -16.72
N PHE A 501 10.32 2.62 -17.97
CA PHE A 501 9.43 3.56 -18.64
C PHE A 501 8.12 2.90 -19.05
N GLU A 502 7.08 3.71 -19.18
CA GLU A 502 5.84 3.24 -19.78
C GLU A 502 6.05 3.21 -21.29
N PRO A 503 5.80 2.04 -21.91
CA PRO A 503 6.10 1.90 -23.33
C PRO A 503 5.07 2.57 -24.22
N GLU A 504 5.44 2.83 -25.47
CA GLU A 504 4.47 3.29 -26.46
C GLU A 504 3.75 2.06 -26.99
N LYS A 505 2.73 1.63 -26.26
CA LYS A 505 2.11 0.33 -26.46
C LYS A 505 1.46 0.23 -27.84
N GLY A 506 1.98 -0.68 -28.66
CA GLY A 506 1.48 -0.85 -30.03
C GLY A 506 2.61 -1.24 -30.96
N LEU A 507 2.32 -1.21 -32.26
CA LEU A 507 3.30 -1.61 -33.27
C LEU A 507 4.10 -0.40 -33.79
N HIS A 508 5.36 -0.65 -34.14
CA HIS A 508 6.23 0.39 -34.67
C HIS A 508 6.89 -0.13 -35.94
N LYS A 509 6.33 0.26 -37.09
CA LYS A 509 6.72 -0.31 -38.37
C LYS A 509 8.13 0.12 -38.82
N ASN A 510 8.66 1.16 -38.20
CA ASN A 510 10.00 1.64 -38.54
C ASN A 510 11.10 0.93 -37.75
N TYR A 511 12.34 1.11 -38.18
CA TYR A 511 13.48 0.48 -37.52
C TYR A 511 13.71 1.07 -36.13
N VAL A 512 13.76 0.20 -35.13
CA VAL A 512 13.94 0.62 -33.74
C VAL A 512 15.32 0.23 -33.24
N LEU A 513 15.89 1.06 -32.37
CA LEU A 513 17.21 0.81 -31.82
C LEU A 513 17.12 0.54 -30.33
N VAL A 514 17.75 -0.54 -29.87
CA VAL A 514 17.79 -0.84 -28.45
C VAL A 514 19.20 -0.59 -27.92
N MET A 515 19.37 0.55 -27.25
CA MET A 515 20.65 0.91 -26.66
C MET A 515 20.75 0.34 -25.25
N ASP A 516 21.82 -0.38 -24.97
CA ASP A 516 22.01 -1.07 -23.70
C ASP A 516 23.32 -0.63 -23.04
N PHE A 517 23.31 -0.57 -21.71
CA PHE A 517 24.53 -0.29 -20.94
C PHE A 517 25.19 -1.56 -20.46
N ASN A 518 26.35 -1.88 -21.03
CA ASN A 518 27.09 -3.07 -20.65
C ASN A 518 27.39 -3.12 -19.15
N SER A 519 26.79 -4.09 -18.46
CA SER A 519 26.97 -4.23 -17.01
C SER A 519 26.70 -2.91 -16.32
N LEU A 520 25.45 -2.48 -16.30
CA LEU A 520 25.12 -1.16 -15.77
C LEU A 520 25.62 -1.00 -14.34
N TYR A 521 25.02 -1.74 -13.41
CA TYR A 521 25.34 -1.58 -11.99
C TYR A 521 26.82 -1.81 -11.70
N PRO A 522 27.38 -2.95 -12.16
CA PRO A 522 28.80 -3.19 -11.91
C PRO A 522 29.65 -2.02 -12.38
N SER A 523 29.33 -1.49 -13.57
CA SER A 523 30.08 -0.37 -14.13
C SER A 523 29.89 0.90 -13.30
N ILE A 524 28.70 1.07 -12.73
CA ILE A 524 28.40 2.25 -11.90
C ILE A 524 29.31 2.26 -10.69
N ILE A 525 29.43 1.10 -10.05
CA ILE A 525 30.26 0.98 -8.85
C ILE A 525 31.64 1.57 -9.12
N GLN A 526 32.21 1.24 -10.28
CA GLN A 526 33.54 1.70 -10.66
C GLN A 526 33.55 3.19 -11.00
N GLU A 527 32.54 3.62 -11.75
CA GLU A 527 32.44 4.99 -12.20
C GLU A 527 32.52 5.97 -11.03
N PHE A 528 31.56 5.88 -10.14
CA PHE A 528 31.45 6.80 -9.02
C PHE A 528 32.20 6.29 -7.80
N ASN A 529 32.86 5.14 -7.96
CA ASN A 529 33.69 4.57 -6.90
C ASN A 529 32.93 4.32 -5.62
N ILE A 530 31.83 3.58 -5.71
CA ILE A 530 31.03 3.23 -4.54
C ILE A 530 31.66 2.03 -3.83
N CYS A 531 31.95 2.21 -2.54
CA CYS A 531 32.57 1.15 -1.75
C CYS A 531 32.36 1.36 -0.26
N PHE A 532 32.55 0.29 0.51
CA PHE A 532 32.45 0.35 1.97
C PHE A 532 33.45 1.36 2.52
N THR A 533 34.61 1.44 1.87
CA THR A 533 35.71 2.26 2.36
C THR A 533 35.67 3.71 1.88
N THR A 534 34.89 4.00 0.85
CA THR A 534 34.91 5.31 0.19
C THR A 534 33.63 6.14 0.31
N VAL A 535 32.49 5.48 0.50
CA VAL A 535 31.21 6.19 0.59
C VAL A 535 30.85 6.61 2.01
N ASP A 536 30.57 7.90 2.16
CA ASP A 536 30.16 8.46 3.43
C ASP A 536 28.68 8.17 3.70
N ARG A 537 28.38 7.47 4.79
CA ARG A 537 26.99 7.12 5.08
C ARG A 537 26.68 7.10 6.57
N ASN A 538 25.47 7.51 6.92
CA ASN A 538 25.04 7.57 8.32
C ASN A 538 24.71 6.18 8.86
N LYS A 539 25.57 5.66 9.72
CA LYS A 539 25.38 4.31 10.25
C LYS A 539 24.35 4.27 11.38
N GLU A 540 23.66 5.39 11.60
CA GLU A 540 22.55 5.43 12.55
C GLU A 540 21.22 5.31 11.81
N ASP A 541 21.27 5.44 10.48
CA ASP A 541 20.10 5.26 9.65
C ASP A 541 20.49 4.68 8.28
N ILE A 542 20.18 3.41 8.08
CA ILE A 542 20.54 2.73 6.84
C ILE A 542 19.60 3.11 5.69
N ASP A 543 18.53 3.82 6.02
CA ASP A 543 17.58 4.27 5.01
C ASP A 543 17.91 5.69 4.53
N GLU A 544 19.01 6.24 5.02
CA GLU A 544 19.45 7.56 4.60
C GLU A 544 20.39 7.43 3.41
N LEU A 545 19.93 7.90 2.25
CA LEU A 545 20.72 7.82 1.02
C LEU A 545 22.05 8.56 1.17
N PRO A 546 23.17 7.86 1.01
CA PRO A 546 24.49 8.50 1.03
C PRO A 546 24.82 9.11 -0.32
N SER A 547 26.06 9.57 -0.50
CA SER A 547 26.43 10.25 -1.73
C SER A 547 27.81 9.83 -2.25
N VAL A 548 27.92 9.79 -3.57
CA VAL A 548 29.18 9.48 -4.24
C VAL A 548 30.34 10.25 -3.61
N PRO A 549 31.52 9.61 -3.52
CA PRO A 549 32.71 10.30 -3.03
C PRO A 549 33.39 11.12 -4.14
N PRO A 550 34.10 12.18 -3.76
CA PRO A 550 34.78 13.07 -4.73
C PRO A 550 35.92 12.36 -5.46
N SER A 551 36.29 12.89 -6.62
CA SER A 551 37.31 12.27 -7.47
C SER A 551 38.66 12.14 -6.76
N GLU A 552 38.86 12.91 -5.70
CA GLU A 552 40.10 12.86 -4.94
C GLU A 552 40.34 11.49 -4.31
N VAL A 553 39.27 10.81 -3.93
CA VAL A 553 39.38 9.56 -3.21
C VAL A 553 39.85 8.44 -4.13
N ASP A 554 40.77 7.62 -3.62
CA ASP A 554 41.34 6.52 -4.38
C ASP A 554 40.36 5.36 -4.49
N GLN A 555 40.50 4.58 -5.56
CA GLN A 555 39.58 3.47 -5.84
C GLN A 555 39.52 2.49 -4.68
N GLY A 556 38.30 2.18 -4.24
CA GLY A 556 38.08 1.29 -3.11
C GLY A 556 38.23 -0.17 -3.49
N VAL A 557 37.88 -1.05 -2.54
CA VAL A 557 38.00 -2.49 -2.72
C VAL A 557 36.96 -3.03 -3.70
N LEU A 558 35.71 -2.66 -3.47
CA LEU A 558 34.59 -3.23 -4.20
C LEU A 558 34.66 -2.93 -5.69
N PRO A 559 35.04 -1.70 -6.06
CA PRO A 559 35.16 -1.36 -7.48
C PRO A 559 36.32 -2.09 -8.14
N ARG A 560 37.37 -2.37 -7.39
CA ARG A 560 38.53 -3.07 -7.91
C ARG A 560 38.16 -4.51 -8.28
N LEU A 561 37.50 -5.21 -7.36
CA LEU A 561 37.09 -6.59 -7.62
C LEU A 561 36.09 -6.66 -8.78
N LEU A 562 35.11 -5.75 -8.77
CA LEU A 562 34.13 -5.69 -9.85
C LEU A 562 34.81 -5.37 -11.16
N ALA A 563 35.90 -4.61 -11.10
CA ALA A 563 36.67 -4.29 -12.28
C ALA A 563 37.17 -5.59 -12.90
N ASN A 564 37.86 -6.39 -12.08
CA ASN A 564 38.38 -7.67 -12.55
C ASN A 564 37.28 -8.56 -13.12
N LEU A 565 36.10 -8.55 -12.50
CA LEU A 565 35.00 -9.39 -12.94
C LEU A 565 34.51 -9.02 -14.34
N VAL A 566 34.34 -7.72 -14.60
CA VAL A 566 33.87 -7.26 -15.90
C VAL A 566 34.94 -7.50 -16.97
N ASP A 567 36.21 -7.42 -16.57
CA ASP A 567 37.30 -7.73 -17.47
C ASP A 567 37.22 -9.17 -17.94
N ARG A 568 36.99 -10.09 -17.00
CA ARG A 568 36.88 -11.50 -17.34
C ARG A 568 35.73 -11.74 -18.31
N ARG A 569 34.56 -11.18 -18.01
CA ARG A 569 33.40 -11.36 -18.89
C ARG A 569 33.65 -10.76 -20.27
N ARG A 570 34.42 -9.69 -20.33
CA ARG A 570 34.78 -9.07 -21.60
C ARG A 570 35.62 -10.03 -22.43
N GLU A 571 36.57 -10.68 -21.77
CA GLU A 571 37.48 -11.58 -22.46
C GLU A 571 36.76 -12.84 -22.96
N VAL A 572 35.80 -13.31 -22.19
CA VAL A 572 35.04 -14.50 -22.57
C VAL A 572 34.09 -14.20 -23.73
N LYS A 573 33.50 -13.02 -23.73
CA LYS A 573 32.65 -12.60 -24.83
C LYS A 573 33.50 -12.35 -26.08
N LYS A 574 34.76 -11.99 -25.86
CA LYS A 574 35.70 -11.84 -26.96
C LYS A 574 35.95 -13.19 -27.64
N VAL A 575 36.21 -14.21 -26.84
CA VAL A 575 36.44 -15.56 -27.37
C VAL A 575 35.18 -16.14 -28.01
N MET A 576 34.02 -15.79 -27.47
CA MET A 576 32.76 -16.29 -28.00
C MET A 576 32.47 -15.75 -29.40
N LYS A 577 33.04 -14.59 -29.72
CA LYS A 577 32.79 -13.94 -31.00
C LYS A 577 33.61 -14.57 -32.12
N THR A 578 34.68 -15.28 -31.74
CA THR A 578 35.54 -15.94 -32.72
C THR A 578 35.66 -17.44 -32.44
N GLU A 579 34.53 -18.08 -32.14
CA GLU A 579 34.50 -19.52 -31.94
C GLU A 579 33.73 -20.20 -33.07
N THR A 580 34.37 -21.15 -33.74
CA THR A 580 33.76 -21.85 -34.86
C THR A 580 32.75 -22.89 -34.40
N ASP A 581 33.17 -23.73 -33.46
CA ASP A 581 32.30 -24.80 -32.95
C ASP A 581 31.06 -24.20 -32.30
N PRO A 582 29.88 -24.71 -32.64
CA PRO A 582 28.64 -24.23 -32.03
C PRO A 582 28.51 -24.67 -30.58
N HIS A 583 29.02 -25.86 -30.28
CA HIS A 583 28.97 -26.41 -28.93
C HIS A 583 29.84 -25.60 -27.98
N LYS A 584 31.03 -25.24 -28.44
CA LYS A 584 31.96 -24.46 -27.63
C LYS A 584 31.45 -23.04 -27.42
N ARG A 585 30.73 -22.52 -28.40
CA ARG A 585 30.21 -21.16 -28.31
C ARG A 585 29.10 -21.10 -27.27
N VAL A 586 28.24 -22.12 -27.27
CA VAL A 586 27.23 -22.25 -26.23
C VAL A 586 27.90 -22.34 -24.86
N GLN A 587 28.97 -23.14 -24.79
CA GLN A 587 29.73 -23.30 -23.55
C GLN A 587 30.34 -21.97 -23.09
N CYS A 588 30.68 -21.09 -24.03
CA CYS A 588 31.17 -19.76 -23.69
C CYS A 588 30.04 -18.83 -23.24
N ASP A 589 28.86 -19.02 -23.81
CA ASP A 589 27.71 -18.18 -23.47
C ASP A 589 27.32 -18.41 -22.01
N ILE A 590 27.37 -19.67 -21.58
CA ILE A 590 27.09 -20.00 -20.19
C ILE A 590 28.13 -19.35 -19.28
N ARG A 591 29.39 -19.42 -19.70
CA ARG A 591 30.50 -18.92 -18.90
C ARG A 591 30.39 -17.41 -18.69
N GLN A 592 30.01 -16.68 -19.73
CA GLN A 592 29.94 -15.23 -19.65
C GLN A 592 28.71 -14.78 -18.85
N GLN A 593 27.58 -15.47 -18.99
CA GLN A 593 26.41 -15.12 -18.20
C GLN A 593 26.53 -15.68 -16.78
N ALA A 594 27.50 -16.55 -16.55
CA ALA A 594 27.81 -17.00 -15.20
C ALA A 594 28.66 -15.97 -14.46
N LEU A 595 29.63 -15.38 -15.17
CA LEU A 595 30.41 -14.29 -14.61
C LEU A 595 29.53 -13.06 -14.48
N LYS A 596 28.53 -12.95 -15.36
CA LYS A 596 27.56 -11.88 -15.27
C LYS A 596 26.80 -12.01 -13.97
N LEU A 597 26.21 -13.17 -13.73
CA LEU A 597 25.53 -13.45 -12.46
C LEU A 597 26.41 -13.10 -11.26
N THR A 598 27.68 -13.48 -11.32
CA THR A 598 28.61 -13.20 -10.22
C THR A 598 28.71 -11.71 -9.91
N ALA A 599 28.97 -10.91 -10.94
CA ALA A 599 29.16 -9.47 -10.75
C ALA A 599 27.89 -8.80 -10.25
N ASN A 600 26.75 -9.18 -10.83
CA ASN A 600 25.47 -8.66 -10.39
C ASN A 600 25.20 -9.05 -8.95
N SER A 601 25.65 -10.24 -8.56
CA SER A 601 25.46 -10.74 -7.21
C SER A 601 26.26 -9.89 -6.22
N MET A 602 27.42 -9.44 -6.67
CA MET A 602 28.23 -8.52 -5.87
C MET A 602 27.36 -7.34 -5.42
N TYR A 603 26.55 -6.82 -6.32
CA TYR A 603 25.66 -5.71 -5.99
C TYR A 603 24.51 -6.16 -5.09
N GLY A 604 23.81 -7.20 -5.50
CA GLY A 604 22.66 -7.70 -4.77
C GLY A 604 22.93 -7.93 -3.30
N CYS A 605 24.11 -8.43 -2.98
CA CYS A 605 24.43 -8.77 -1.60
C CYS A 605 24.60 -7.52 -0.75
N LEU A 606 24.70 -6.36 -1.39
CA LEU A 606 24.68 -5.10 -0.67
C LEU A 606 23.30 -4.88 -0.07
N GLY A 607 22.28 -5.41 -0.75
CA GLY A 607 20.90 -5.28 -0.31
C GLY A 607 20.33 -6.56 0.29
N TYR A 608 21.19 -7.57 0.45
CA TYR A 608 20.79 -8.84 1.05
C TYR A 608 20.92 -8.75 2.56
N VAL A 609 19.79 -8.67 3.26
CA VAL A 609 19.79 -8.41 4.69
C VAL A 609 20.69 -9.37 5.47
N ASN A 610 20.72 -10.64 5.05
CA ASN A 610 21.54 -11.63 5.71
C ASN A 610 22.92 -11.77 5.07
N SER A 611 23.37 -10.71 4.39
CA SER A 611 24.73 -10.67 3.86
C SER A 611 25.68 -10.22 4.95
N ARG A 612 26.84 -10.87 5.02
CA ARG A 612 27.86 -10.47 5.97
C ARG A 612 28.27 -9.03 5.71
N PHE A 613 28.26 -8.66 4.43
CA PHE A 613 28.61 -7.31 4.03
C PHE A 613 27.37 -6.58 3.52
N TYR A 614 26.32 -6.60 4.35
CA TYR A 614 25.08 -5.92 4.03
C TYR A 614 25.23 -4.43 4.26
N ALA A 615 24.98 -3.65 3.22
CA ALA A 615 25.10 -2.20 3.29
C ALA A 615 23.99 -1.56 2.48
N LYS A 616 22.79 -1.56 3.05
CA LYS A 616 21.60 -1.09 2.36
C LYS A 616 21.86 0.25 1.67
N PRO A 617 22.47 1.21 2.39
CA PRO A 617 22.74 2.52 1.79
C PRO A 617 23.51 2.44 0.47
N LEU A 618 24.53 1.58 0.41
CA LEU A 618 25.35 1.47 -0.80
C LEU A 618 24.52 0.99 -1.98
N ALA A 619 23.80 -0.11 -1.78
CA ALA A 619 22.93 -0.64 -2.83
C ALA A 619 22.01 0.46 -3.33
N MET A 620 21.22 0.99 -2.39
CA MET A 620 20.39 2.17 -2.59
C MET A 620 21.05 3.17 -3.52
N LEU A 621 22.31 3.48 -3.26
CA LEU A 621 23.03 4.47 -4.04
C LEU A 621 23.30 4.00 -5.45
N VAL A 622 23.60 2.71 -5.62
CA VAL A 622 23.88 2.17 -6.95
C VAL A 622 22.63 2.27 -7.83
N THR A 623 21.51 1.81 -7.31
CA THR A 623 20.25 1.86 -8.04
C THR A 623 19.88 3.30 -8.32
N ASN A 624 20.15 4.18 -7.36
CA ASN A 624 19.87 5.60 -7.51
C ASN A 624 20.56 6.17 -8.74
N LYS A 625 21.88 6.08 -8.78
CA LYS A 625 22.65 6.59 -9.91
C LYS A 625 22.27 5.89 -11.20
N GLY A 626 21.79 4.65 -11.11
CA GLY A 626 21.29 3.95 -12.27
C GLY A 626 20.11 4.70 -12.88
N ARG A 627 19.08 4.92 -12.07
CA ARG A 627 17.89 5.65 -12.52
C ARG A 627 18.28 6.99 -13.10
N GLU A 628 19.07 7.75 -12.35
CA GLU A 628 19.57 9.05 -12.78
C GLU A 628 20.16 8.96 -14.19
N ILE A 629 20.97 7.94 -14.42
CA ILE A 629 21.65 7.76 -15.71
C ILE A 629 20.65 7.43 -16.83
N LEU A 630 19.62 6.68 -16.49
CA LEU A 630 18.62 6.29 -17.48
C LEU A 630 17.81 7.51 -17.90
N MET A 631 17.54 8.39 -16.94
CA MET A 631 16.82 9.62 -17.21
C MET A 631 17.66 10.45 -18.17
N ASN A 632 18.91 10.72 -17.78
CA ASN A 632 19.80 11.53 -18.60
C ASN A 632 19.94 10.96 -20.00
N THR A 633 19.87 9.64 -20.11
CA THR A 633 19.96 9.00 -21.42
C THR A 633 18.69 9.26 -22.24
N ARG A 634 17.53 9.26 -21.60
CA ARG A 634 16.29 9.59 -22.29
C ARG A 634 16.30 11.04 -22.77
N GLN A 635 16.50 11.97 -21.83
CA GLN A 635 16.55 13.40 -22.12
C GLN A 635 17.53 13.73 -23.24
N LEU A 636 18.69 13.08 -23.24
CA LEU A 636 19.69 13.34 -24.28
C LEU A 636 19.11 13.03 -25.65
N ALA A 637 18.23 12.04 -25.71
CA ALA A 637 17.57 11.67 -26.96
C ALA A 637 16.45 12.67 -27.28
N GLU A 638 15.73 13.09 -26.24
CA GLU A 638 14.62 14.02 -26.41
C GLU A 638 15.11 15.33 -26.99
N SER A 639 16.32 15.73 -26.60
CA SER A 639 16.93 16.98 -27.06
C SER A 639 17.31 16.85 -28.53
N MET A 640 17.55 15.62 -28.98
CA MET A 640 17.87 15.35 -30.37
C MET A 640 16.60 14.98 -31.12
N ASN A 641 15.46 15.36 -30.57
CA ASN A 641 14.16 15.11 -31.19
C ASN A 641 13.98 13.65 -31.57
N LEU A 642 14.54 12.74 -30.77
CA LEU A 642 14.39 11.31 -30.99
C LEU A 642 13.32 10.73 -30.10
N LEU A 643 12.61 9.71 -30.60
CA LEU A 643 11.50 9.11 -29.87
C LEU A 643 11.97 7.99 -28.95
N VAL A 644 11.78 8.17 -27.66
CA VAL A 644 12.09 7.13 -26.68
C VAL A 644 10.82 6.35 -26.33
N VAL A 645 10.62 5.23 -27.02
CA VAL A 645 9.38 4.47 -26.90
C VAL A 645 9.31 3.56 -25.68
N TYR A 646 10.45 3.16 -25.13
CA TYR A 646 10.48 2.25 -23.99
C TYR A 646 11.84 2.23 -23.30
N GLY A 647 11.87 1.74 -22.06
CA GLY A 647 13.12 1.61 -21.34
C GLY A 647 12.98 0.73 -20.10
N ASP A 648 14.06 0.03 -19.75
CA ASP A 648 14.03 -0.87 -18.61
C ASP A 648 15.39 -0.98 -17.93
N THR A 649 15.58 -0.24 -16.85
CA THR A 649 16.75 -0.34 -16.00
C THR A 649 18.02 0.21 -16.65
N ASN A 650 18.42 -0.37 -17.78
CA ASN A 650 19.68 0.03 -18.43
C ASN A 650 19.58 0.14 -19.94
N SER A 651 18.36 0.13 -20.48
CA SER A 651 18.17 0.18 -21.93
C SER A 651 17.11 1.19 -22.34
N VAL A 652 17.27 1.73 -23.55
CA VAL A 652 16.27 2.63 -24.13
C VAL A 652 16.01 2.27 -25.58
N MET A 653 14.76 2.41 -26.01
CA MET A 653 14.36 2.03 -27.36
C MET A 653 13.97 3.27 -28.16
N ILE A 654 14.52 3.40 -29.35
CA ILE A 654 14.38 4.63 -30.13
C ILE A 654 13.76 4.36 -31.50
N ASP A 655 12.63 5.02 -31.75
CA ASP A 655 12.01 4.96 -33.07
C ASP A 655 12.67 6.00 -33.96
N THR A 656 13.50 5.54 -34.88
CA THR A 656 14.30 6.43 -35.71
C THR A 656 13.55 6.90 -36.96
N GLY A 657 12.50 6.18 -37.32
CA GLY A 657 11.69 6.53 -38.48
C GLY A 657 12.37 6.13 -39.77
N CYS A 658 13.22 5.12 -39.70
CA CYS A 658 14.00 4.68 -40.85
C CYS A 658 13.35 3.45 -41.49
N ASP A 659 13.52 3.32 -42.79
CA ASP A 659 13.00 2.16 -43.51
C ASP A 659 14.12 1.15 -43.81
N ASN A 660 15.36 1.52 -43.48
CA ASN A 660 16.49 0.65 -43.73
C ASN A 660 17.41 0.54 -42.52
N TYR A 661 18.23 -0.52 -42.52
CA TYR A 661 19.08 -0.83 -41.38
C TYR A 661 20.17 0.21 -41.14
N ALA A 662 21.05 0.39 -42.13
CA ALA A 662 22.24 1.23 -41.96
C ALA A 662 21.90 2.67 -41.56
N ASP A 663 20.74 3.15 -41.96
CA ASP A 663 20.35 4.53 -41.69
C ASP A 663 20.04 4.71 -40.22
N ALA A 664 19.43 3.68 -39.62
CA ALA A 664 19.21 3.67 -38.19
C ALA A 664 20.55 3.54 -37.47
N ILE A 665 21.40 2.64 -37.98
CA ILE A 665 22.72 2.43 -37.40
C ILE A 665 23.53 3.71 -37.31
N LYS A 666 23.36 4.60 -38.28
CA LYS A 666 24.05 5.89 -38.21
C LYS A 666 23.59 6.69 -36.98
N ILE A 667 22.28 6.78 -36.78
CA ILE A 667 21.73 7.51 -35.65
C ILE A 667 22.12 6.81 -34.35
N GLY A 668 22.32 5.50 -34.42
CA GLY A 668 22.67 4.72 -33.26
C GLY A 668 24.06 5.04 -32.76
N LEU A 669 25.06 4.81 -33.61
CA LEU A 669 26.45 5.10 -33.29
C LEU A 669 26.64 6.57 -32.94
N GLY A 670 25.86 7.44 -33.58
CA GLY A 670 25.93 8.86 -33.28
C GLY A 670 25.50 9.16 -31.86
N PHE A 671 24.36 8.61 -31.48
CA PHE A 671 23.83 8.79 -30.13
C PHE A 671 24.75 8.15 -29.10
N LYS A 672 25.40 7.06 -29.49
CA LYS A 672 26.33 6.34 -28.62
C LYS A 672 27.50 7.24 -28.24
N ARG A 673 28.13 7.81 -29.26
CA ARG A 673 29.28 8.68 -29.07
C ARG A 673 28.95 9.80 -28.09
N LEU A 674 27.71 10.27 -28.13
CA LEU A 674 27.31 11.43 -27.35
C LEU A 674 27.13 11.15 -25.86
N VAL A 675 26.81 9.90 -25.52
CA VAL A 675 26.62 9.54 -24.11
C VAL A 675 27.92 9.04 -23.49
N ASN A 676 28.72 8.32 -24.28
CA ASN A 676 30.00 7.81 -23.78
C ASN A 676 30.92 8.94 -23.34
N GLU A 677 30.73 10.13 -23.92
CA GLU A 677 31.52 11.29 -23.56
C GLU A 677 31.15 11.79 -22.17
N ARG A 678 29.95 11.45 -21.71
CA ARG A 678 29.47 11.90 -20.41
C ARG A 678 30.11 11.12 -19.26
N TYR A 679 30.59 9.92 -19.55
CA TYR A 679 31.09 9.03 -18.50
C TYR A 679 32.51 8.55 -18.78
N ARG A 680 33.23 8.24 -17.71
CA ARG A 680 34.63 7.82 -17.81
C ARG A 680 34.73 6.34 -18.17
N LEU A 681 34.10 5.49 -17.35
CA LEU A 681 34.13 4.05 -17.58
C LEU A 681 32.83 3.56 -18.20
N LEU A 682 31.70 4.01 -17.63
CA LEU A 682 30.38 3.61 -18.11
C LEU A 682 30.22 3.93 -19.58
N GLU A 683 29.68 2.98 -20.34
CA GLU A 683 29.51 3.17 -21.79
C GLU A 683 28.28 2.45 -22.31
N ILE A 684 27.53 3.14 -23.16
CA ILE A 684 26.35 2.56 -23.80
C ILE A 684 26.75 1.99 -25.16
N ASP A 685 25.92 1.11 -25.70
CA ASP A 685 26.19 0.52 -27.01
C ASP A 685 24.92 0.08 -27.70
N ILE A 686 25.03 -0.33 -28.96
CA ILE A 686 23.89 -0.86 -29.69
C ILE A 686 23.73 -2.35 -29.41
N ASP A 687 22.68 -2.70 -28.67
CA ASP A 687 22.40 -4.09 -28.31
C ASP A 687 21.75 -4.83 -29.48
N ASN A 688 20.52 -4.45 -29.81
CA ASN A 688 19.80 -5.06 -30.92
C ASN A 688 19.10 -4.02 -31.80
N VAL A 689 18.69 -4.44 -32.99
CA VAL A 689 17.92 -3.60 -33.88
C VAL A 689 16.67 -4.34 -34.35
N PHE A 690 15.51 -3.69 -34.22
CA PHE A 690 14.24 -4.32 -34.58
C PHE A 690 13.65 -3.68 -35.83
N LYS A 691 13.52 -4.47 -36.90
CA LYS A 691 12.88 -3.99 -38.12
C LYS A 691 11.43 -3.61 -37.83
N LYS A 692 10.82 -4.33 -36.89
CA LYS A 692 9.47 -4.01 -36.42
C LYS A 692 9.32 -4.38 -34.96
N LEU A 693 8.65 -3.51 -34.20
CA LEU A 693 8.48 -3.73 -32.78
C LEU A 693 7.03 -3.55 -32.33
N LEU A 694 6.55 -4.54 -31.58
CA LEU A 694 5.20 -4.56 -31.05
C LEU A 694 5.26 -4.60 -29.52
N LEU A 695 5.16 -3.43 -28.90
CA LEU A 695 5.15 -3.30 -27.45
C LEU A 695 3.77 -3.60 -26.89
N HIS A 696 3.69 -4.60 -26.01
CA HIS A 696 2.44 -4.97 -25.37
C HIS A 696 2.25 -4.19 -24.08
N ALA A 697 3.16 -4.41 -23.14
CA ALA A 697 3.11 -3.75 -21.84
C ALA A 697 4.53 -3.50 -21.34
N LYS A 698 4.67 -3.30 -20.03
CA LYS A 698 5.99 -3.17 -19.43
C LYS A 698 6.58 -4.56 -19.27
N LYS A 699 7.79 -4.76 -19.79
CA LYS A 699 8.49 -6.03 -19.65
C LYS A 699 7.89 -7.11 -20.55
N LYS A 700 7.02 -6.72 -21.49
CA LYS A 700 6.46 -7.68 -22.43
C LYS A 700 6.32 -7.06 -23.82
N TYR A 701 6.90 -7.72 -24.82
CA TYR A 701 6.85 -7.24 -26.20
C TYR A 701 7.46 -8.27 -27.15
N ALA A 702 7.05 -8.20 -28.42
CA ALA A 702 7.63 -9.07 -29.44
C ALA A 702 8.20 -8.20 -30.54
N ALA A 703 9.30 -8.63 -31.16
CA ALA A 703 9.92 -7.83 -32.21
C ALA A 703 10.73 -8.70 -33.17
N LEU A 704 11.17 -8.10 -34.28
CA LEU A 704 11.95 -8.82 -35.27
C LEU A 704 13.39 -8.30 -35.32
N THR A 705 14.31 -9.07 -34.74
CA THR A 705 15.72 -8.70 -34.67
C THR A 705 16.44 -8.94 -35.99
N VAL A 706 17.29 -7.98 -36.37
CA VAL A 706 18.09 -8.07 -37.58
C VAL A 706 19.49 -8.56 -37.25
N ASN A 707 19.84 -9.75 -37.70
CA ASN A 707 21.15 -10.32 -37.45
C ASN A 707 22.02 -10.35 -38.71
N LEU A 708 23.13 -9.62 -38.66
CA LEU A 708 24.05 -9.57 -39.79
C LEU A 708 24.82 -10.87 -39.91
N ASP A 709 25.22 -11.22 -41.14
CA ASP A 709 25.95 -12.46 -41.38
C ASP A 709 27.38 -12.15 -41.84
N LYS A 710 28.11 -13.19 -42.21
CA LYS A 710 29.48 -13.04 -42.67
C LYS A 710 29.56 -12.14 -43.90
N ASN A 711 28.92 -12.58 -44.99
CA ASN A 711 28.95 -11.82 -46.24
C ASN A 711 27.97 -10.64 -46.22
N GLY A 712 27.96 -9.90 -45.12
CA GLY A 712 27.08 -8.75 -44.96
C GLY A 712 25.60 -9.07 -45.05
N ASN A 713 25.25 -10.34 -45.16
CA ASN A 713 23.86 -10.75 -45.29
C ASN A 713 23.08 -10.51 -43.99
N GLY A 714 21.88 -9.97 -44.12
CA GLY A 714 21.05 -9.70 -42.95
C GLY A 714 19.79 -10.55 -42.95
N THR A 715 19.51 -11.17 -41.81
CA THR A 715 18.34 -12.02 -41.66
C THR A 715 17.45 -11.53 -40.52
N THR A 716 16.24 -12.08 -40.46
CA THR A 716 15.28 -11.68 -39.42
C THR A 716 14.96 -12.85 -38.48
N VAL A 717 14.88 -12.56 -37.19
CA VAL A 717 14.57 -13.56 -36.17
C VAL A 717 13.54 -13.01 -35.19
N LEU A 718 12.60 -13.84 -34.77
CA LEU A 718 11.57 -13.42 -33.84
C LEU A 718 12.04 -13.51 -32.39
N GLU A 719 12.14 -12.36 -31.73
CA GLU A 719 12.49 -12.31 -30.31
C GLU A 719 11.28 -11.90 -29.47
N VAL A 720 11.13 -12.55 -28.32
CA VAL A 720 9.99 -12.30 -27.44
C VAL A 720 10.44 -12.12 -26.00
N LYS A 721 9.75 -11.24 -25.29
CA LYS A 721 10.00 -11.01 -23.86
C LYS A 721 8.68 -10.90 -23.12
N GLY A 722 8.60 -11.54 -21.96
CA GLY A 722 7.46 -11.38 -21.06
C GLY A 722 6.13 -11.96 -21.54
N LEU A 723 5.95 -12.08 -22.84
CA LEU A 723 4.66 -12.50 -23.40
C LEU A 723 4.25 -13.88 -22.90
N ASP A 724 2.95 -14.09 -22.80
CA ASP A 724 2.39 -15.32 -22.26
C ASP A 724 3.07 -16.59 -22.79
N MET A 725 3.34 -16.61 -24.10
CA MET A 725 3.94 -17.79 -24.73
C MET A 725 5.25 -18.20 -24.06
N LYS A 726 5.92 -17.24 -23.43
CA LYS A 726 7.24 -17.47 -22.87
C LYS A 726 7.17 -18.04 -21.45
N ARG A 727 5.96 -18.20 -20.93
CA ARG A 727 5.77 -18.70 -19.58
C ARG A 727 5.50 -20.20 -19.57
N ARG A 728 5.78 -20.84 -18.44
CA ARG A 728 5.64 -22.29 -18.31
C ARG A 728 4.19 -22.71 -18.09
N GLU A 729 3.35 -21.77 -17.69
CA GLU A 729 1.94 -22.05 -17.43
C GLU A 729 1.13 -22.05 -18.73
N PHE A 730 1.78 -21.81 -19.86
CA PHE A 730 1.11 -21.83 -21.15
C PHE A 730 1.60 -23.00 -22.00
N CYS A 731 0.67 -23.90 -22.32
CA CYS A 731 1.00 -25.15 -23.02
C CYS A 731 1.68 -24.93 -24.38
N PRO A 732 2.35 -25.98 -24.88
CA PRO A 732 3.05 -25.92 -26.17
C PRO A 732 2.15 -25.52 -27.31
N LEU A 733 0.90 -25.99 -27.29
CA LEU A 733 -0.08 -25.58 -28.27
C LEU A 733 -0.18 -24.06 -28.29
N SER A 734 -0.53 -23.49 -27.15
CA SER A 734 -0.64 -22.04 -26.99
C SER A 734 0.61 -21.32 -27.49
N ARG A 735 1.78 -21.89 -27.22
CA ARG A 735 3.03 -21.29 -27.64
C ARG A 735 3.15 -21.21 -29.16
N ASP A 736 2.87 -22.31 -29.83
CA ASP A 736 2.97 -22.39 -31.28
C ASP A 736 1.98 -21.41 -31.92
N VAL A 737 0.78 -21.35 -31.37
CA VAL A 737 -0.25 -20.43 -31.85
C VAL A 737 0.25 -18.99 -31.76
N SER A 738 0.80 -18.62 -30.61
CA SER A 738 1.28 -17.26 -30.39
C SER A 738 2.39 -16.92 -31.35
N ILE A 739 3.27 -17.89 -31.61
CA ILE A 739 4.43 -17.67 -32.45
C ILE A 739 4.00 -17.40 -33.89
N HIS A 740 3.06 -18.20 -34.38
CA HIS A 740 2.56 -18.03 -35.75
C HIS A 740 1.88 -16.68 -35.90
N VAL A 741 0.95 -16.39 -35.00
CA VAL A 741 0.22 -15.14 -34.99
C VAL A 741 1.17 -13.95 -35.06
N LEU A 742 2.23 -14.01 -34.26
CA LEU A 742 3.20 -12.93 -34.21
C LEU A 742 4.02 -12.85 -35.49
N ASN A 743 4.36 -14.01 -36.06
CA ASN A 743 5.17 -14.06 -37.26
C ASN A 743 4.47 -13.38 -38.43
N THR A 744 3.18 -13.67 -38.59
CA THR A 744 2.40 -13.13 -39.69
C THR A 744 2.02 -11.67 -39.45
N ILE A 745 1.69 -11.35 -38.21
CA ILE A 745 1.32 -9.99 -37.83
C ILE A 745 2.47 -9.01 -38.04
N LEU A 746 3.68 -9.48 -37.76
CA LEU A 746 4.87 -8.65 -37.89
C LEU A 746 5.45 -8.75 -39.30
N SER A 747 4.94 -9.70 -40.09
CA SER A 747 5.38 -9.87 -41.46
C SER A 747 4.88 -8.75 -42.35
N ASP A 748 5.66 -8.43 -43.38
CA ASP A 748 5.31 -7.37 -44.30
C ASP A 748 4.11 -7.78 -45.16
N LYS A 749 2.93 -7.79 -44.55
CA LYS A 749 1.71 -8.17 -45.25
C LYS A 749 0.63 -7.12 -45.03
N ASP A 750 -0.19 -6.87 -46.04
CA ASP A 750 -1.27 -5.91 -45.95
C ASP A 750 -2.00 -6.09 -44.62
N PRO A 751 -2.09 -5.01 -43.83
CA PRO A 751 -2.62 -5.08 -42.44
C PRO A 751 -3.94 -5.84 -42.31
N GLU A 752 -4.93 -5.52 -43.14
CA GLU A 752 -6.23 -6.18 -43.06
C GLU A 752 -6.14 -7.61 -43.59
N GLU A 753 -5.18 -7.85 -44.48
CA GLU A 753 -5.00 -9.16 -45.07
C GLU A 753 -4.25 -10.07 -44.11
N ALA A 754 -3.31 -9.49 -43.37
CA ALA A 754 -2.58 -10.22 -42.34
C ALA A 754 -3.55 -10.64 -41.25
N LEU A 755 -4.35 -9.69 -40.79
CA LEU A 755 -5.37 -9.98 -39.80
C LEU A 755 -6.25 -11.12 -40.27
N GLN A 756 -6.68 -11.06 -41.53
CA GLN A 756 -7.49 -12.13 -42.11
C GLN A 756 -6.77 -13.48 -41.98
N GLU A 757 -5.50 -13.52 -42.34
CA GLU A 757 -4.73 -14.76 -42.32
C GLU A 757 -4.73 -15.35 -40.92
N VAL A 758 -4.64 -14.48 -39.91
CA VAL A 758 -4.67 -14.92 -38.53
C VAL A 758 -6.02 -15.51 -38.14
N TYR A 759 -7.09 -14.81 -38.47
CA TYR A 759 -8.44 -15.26 -38.16
C TYR A 759 -8.68 -16.66 -38.70
N ASP A 760 -8.29 -16.88 -39.95
CA ASP A 760 -8.46 -18.18 -40.60
C ASP A 760 -7.68 -19.25 -39.83
N TYR A 761 -6.40 -18.98 -39.60
CA TYR A 761 -5.55 -19.90 -38.86
C TYR A 761 -6.24 -20.36 -37.58
N LEU A 762 -6.87 -19.40 -36.90
CA LEU A 762 -7.52 -19.67 -35.63
C LEU A 762 -8.81 -20.47 -35.82
N GLU A 763 -9.51 -20.24 -36.93
CA GLU A 763 -10.71 -21.01 -37.24
C GLU A 763 -10.33 -22.48 -37.38
N ASP A 764 -9.15 -22.72 -37.96
CA ASP A 764 -8.65 -24.09 -38.14
C ASP A 764 -8.23 -24.70 -36.80
N ILE A 765 -7.57 -23.92 -35.96
CA ILE A 765 -7.17 -24.39 -34.64
C ILE A 765 -8.40 -24.78 -33.81
N ARG A 766 -9.48 -24.04 -33.98
CA ARG A 766 -10.71 -24.36 -33.25
C ARG A 766 -11.17 -25.78 -33.53
N ILE A 767 -11.16 -26.16 -34.81
CA ILE A 767 -11.58 -27.50 -35.20
C ILE A 767 -10.63 -28.56 -34.66
N LYS A 768 -9.34 -28.33 -34.83
CA LYS A 768 -8.33 -29.27 -34.36
C LYS A 768 -8.46 -29.54 -32.86
N VAL A 769 -8.81 -28.50 -32.09
CA VAL A 769 -8.92 -28.62 -30.64
C VAL A 769 -10.24 -29.25 -30.19
N GLU A 770 -11.32 -28.91 -30.88
CA GLU A 770 -12.65 -29.39 -30.49
C GLU A 770 -12.80 -30.88 -30.76
N THR A 771 -12.33 -31.30 -31.93
CA THR A 771 -12.42 -32.70 -32.35
C THR A 771 -11.41 -33.56 -31.60
N ASN A 772 -10.32 -32.93 -31.19
CA ASN A 772 -9.24 -33.60 -30.45
C ASN A 772 -8.19 -34.19 -31.38
N ASN A 773 -7.94 -33.51 -32.50
CA ASN A 773 -6.94 -33.95 -33.46
C ASN A 773 -5.57 -33.36 -33.17
N ILE A 774 -5.20 -33.30 -31.89
CA ILE A 774 -3.91 -32.79 -31.51
C ILE A 774 -3.33 -33.67 -30.42
N ARG A 775 -2.02 -33.89 -30.47
CA ARG A 775 -1.35 -34.74 -29.51
C ARG A 775 -1.39 -34.11 -28.11
N ILE A 776 -1.72 -34.93 -27.13
CA ILE A 776 -1.96 -34.46 -25.76
C ILE A 776 -0.75 -33.73 -25.19
N ASP A 777 0.43 -34.03 -25.70
CA ASP A 777 1.66 -33.40 -25.21
C ASP A 777 1.65 -31.89 -25.44
N LYS A 778 0.84 -31.44 -26.40
CA LYS A 778 0.78 -30.02 -26.72
C LYS A 778 -0.14 -29.24 -25.77
N TYR A 779 -0.83 -29.96 -24.91
CA TYR A 779 -1.75 -29.35 -23.94
C TYR A 779 -1.11 -29.17 -22.56
N LYS A 780 0.08 -29.74 -22.36
CA LYS A 780 0.69 -29.79 -21.03
C LYS A 780 0.98 -28.40 -20.45
N ILE A 781 0.75 -28.25 -19.16
CA ILE A 781 0.96 -26.99 -18.45
C ILE A 781 1.87 -27.22 -17.26
N ASN A 782 2.87 -26.34 -17.09
CA ASN A 782 3.80 -26.45 -15.97
C ASN A 782 3.54 -25.39 -14.93
N MET A 783 3.63 -25.77 -13.65
CA MET A 783 3.57 -24.78 -12.57
C MET A 783 4.32 -25.26 -11.33
N LYS A 784 5.33 -24.50 -10.94
CA LYS A 784 6.15 -24.80 -9.78
C LYS A 784 5.49 -24.37 -8.47
N LEU A 785 5.25 -25.33 -7.59
CA LEU A 785 4.78 -25.02 -6.24
C LEU A 785 5.96 -24.65 -5.35
N SER A 786 6.02 -23.40 -4.93
CA SER A 786 7.09 -22.91 -4.07
C SER A 786 6.91 -23.45 -2.65
N LYS A 787 5.67 -23.64 -2.26
CA LYS A 787 5.34 -24.20 -0.96
C LYS A 787 4.97 -25.67 -1.10
N ASP A 788 4.73 -26.32 0.03
CA ASP A 788 4.20 -27.68 0.05
C ASP A 788 2.73 -27.63 -0.37
N PRO A 789 2.27 -28.63 -1.14
CA PRO A 789 0.87 -28.62 -1.58
C PRO A 789 -0.13 -28.57 -0.42
N LYS A 790 0.32 -28.81 0.81
CA LYS A 790 -0.53 -28.70 1.98
C LYS A 790 -0.71 -27.23 2.40
N ALA A 791 0.34 -26.43 2.23
CA ALA A 791 0.34 -25.05 2.68
C ALA A 791 -0.38 -24.10 1.72
N TYR A 792 -1.34 -24.62 0.96
CA TYR A 792 -2.14 -23.80 0.06
C TYR A 792 -3.59 -23.82 0.50
N PRO A 793 -4.04 -22.76 1.20
CA PRO A 793 -5.40 -22.62 1.72
C PRO A 793 -6.45 -22.63 0.61
N GLY A 794 -6.28 -21.75 -0.37
CA GLY A 794 -7.20 -21.68 -1.50
C GLY A 794 -6.82 -22.65 -2.59
N GLY A 795 -6.04 -23.67 -2.23
CA GLY A 795 -5.55 -24.65 -3.18
C GLY A 795 -6.65 -25.38 -3.92
N LYS A 796 -7.85 -25.40 -3.35
CA LYS A 796 -8.98 -26.06 -3.99
C LYS A 796 -9.22 -25.50 -5.38
N ASN A 797 -8.91 -24.21 -5.56
CA ASN A 797 -9.04 -23.56 -6.85
C ASN A 797 -7.81 -23.77 -7.74
N MET A 798 -6.65 -23.88 -7.11
CA MET A 798 -5.40 -24.07 -7.85
C MET A 798 -5.31 -25.47 -8.43
N PRO A 799 -5.25 -25.58 -9.77
CA PRO A 799 -5.18 -26.91 -10.40
C PRO A 799 -3.88 -27.62 -10.08
N ALA A 800 -2.76 -26.93 -10.21
CA ALA A 800 -1.45 -27.54 -9.99
C ALA A 800 -1.38 -28.20 -8.61
N VAL A 801 -2.09 -27.63 -7.65
CA VAL A 801 -2.09 -28.15 -6.29
C VAL A 801 -2.82 -29.49 -6.24
N GLN A 802 -4.03 -29.53 -6.78
CA GLN A 802 -4.83 -30.76 -6.79
C GLN A 802 -4.05 -31.88 -7.47
N VAL A 803 -3.35 -31.53 -8.55
CA VAL A 803 -2.55 -32.48 -9.29
C VAL A 803 -1.39 -33.00 -8.45
N ALA A 804 -0.77 -32.11 -7.69
CA ALA A 804 0.33 -32.50 -6.81
C ALA A 804 -0.17 -33.40 -5.68
N LEU A 805 -1.42 -33.19 -5.27
CA LEU A 805 -2.01 -34.01 -4.21
C LEU A 805 -2.26 -35.43 -4.72
N ARG A 806 -2.77 -35.54 -5.93
CA ARG A 806 -3.00 -36.83 -6.56
C ARG A 806 -1.68 -37.57 -6.74
N MET A 807 -0.67 -36.84 -7.18
CA MET A 807 0.67 -37.39 -7.39
C MET A 807 1.18 -38.04 -6.11
N ARG A 808 1.11 -37.29 -5.01
CA ARG A 808 1.59 -37.77 -3.72
C ARG A 808 0.84 -39.01 -3.26
N LYS A 809 -0.48 -38.98 -3.42
CA LYS A 809 -1.32 -40.12 -3.09
C LYS A 809 -0.87 -41.35 -3.86
N ALA A 810 -0.49 -41.15 -5.11
CA ALA A 810 -0.08 -42.24 -5.98
C ALA A 810 1.24 -42.84 -5.53
N GLY A 811 2.03 -42.05 -4.79
CA GLY A 811 3.32 -42.50 -4.31
C GLY A 811 4.48 -41.74 -4.92
N ARG A 812 4.17 -40.64 -5.60
CA ARG A 812 5.21 -39.82 -6.23
C ARG A 812 5.72 -38.77 -5.24
N VAL A 813 7.03 -38.59 -5.23
CA VAL A 813 7.66 -37.59 -4.36
C VAL A 813 7.41 -36.17 -4.88
N VAL A 814 6.61 -35.42 -4.14
CA VAL A 814 6.38 -34.02 -4.45
C VAL A 814 6.60 -33.19 -3.19
N LYS A 815 7.23 -32.02 -3.36
CA LYS A 815 7.58 -31.18 -2.22
C LYS A 815 7.75 -29.74 -2.67
N ALA A 816 8.11 -28.87 -1.73
CA ALA A 816 8.39 -27.47 -2.06
C ALA A 816 9.42 -27.41 -3.18
N GLY A 817 9.17 -26.56 -4.16
CA GLY A 817 10.07 -26.40 -5.29
C GLY A 817 9.71 -27.26 -6.49
N SER A 818 8.88 -28.28 -6.26
CA SER A 818 8.47 -29.19 -7.32
C SER A 818 7.82 -28.44 -8.48
N VAL A 819 7.99 -28.97 -9.69
CA VAL A 819 7.28 -28.48 -10.85
C VAL A 819 6.24 -29.51 -11.27
N ILE A 820 4.99 -29.07 -11.40
CA ILE A 820 3.89 -29.97 -11.72
C ILE A 820 3.42 -29.77 -13.16
N THR A 821 3.40 -30.87 -13.93
CA THR A 821 2.91 -30.84 -15.29
C THR A 821 1.56 -31.52 -15.36
N PHE A 822 0.55 -30.81 -15.86
CA PHE A 822 -0.83 -31.30 -15.85
C PHE A 822 -1.62 -30.82 -17.06
N VAL A 823 -2.84 -31.35 -17.20
CA VAL A 823 -3.72 -30.97 -18.30
C VAL A 823 -5.15 -30.89 -17.77
N ILE A 824 -5.91 -29.93 -18.29
CA ILE A 824 -7.30 -29.76 -17.89
C ILE A 824 -8.18 -30.65 -18.76
N THR A 825 -8.87 -31.59 -18.12
CA THR A 825 -9.66 -32.58 -18.84
C THR A 825 -11.15 -32.23 -18.83
N LYS A 826 -11.93 -33.06 -19.52
CA LYS A 826 -13.37 -32.83 -19.65
C LYS A 826 -14.17 -33.94 -18.98
N SER A 840 -15.54 -28.02 -11.73
CA SER A 840 -14.49 -27.03 -11.52
C SER A 840 -13.24 -27.40 -12.32
N VAL A 841 -12.46 -26.39 -12.67
CA VAL A 841 -11.25 -26.59 -13.46
C VAL A 841 -10.21 -27.40 -12.68
N ALA A 842 -10.05 -27.09 -11.40
CA ALA A 842 -9.08 -27.78 -10.57
C ALA A 842 -9.47 -29.24 -10.35
N GLU A 843 -10.77 -29.50 -10.26
CA GLU A 843 -11.26 -30.86 -10.08
C GLU A 843 -11.00 -31.70 -11.32
N ARG A 844 -10.77 -31.04 -12.46
CA ARG A 844 -10.61 -31.74 -13.73
C ARG A 844 -9.16 -31.72 -14.23
N ALA A 845 -8.24 -31.19 -13.44
CA ALA A 845 -6.83 -31.18 -13.82
C ALA A 845 -6.14 -32.45 -13.34
N HIS A 846 -5.49 -33.16 -14.27
CA HIS A 846 -4.79 -34.39 -13.94
C HIS A 846 -3.34 -34.35 -14.39
N ALA A 847 -2.50 -35.24 -13.87
CA ALA A 847 -1.10 -35.27 -14.24
C ALA A 847 -0.94 -35.71 -15.69
N LEU A 848 0.09 -35.18 -16.36
CA LEU A 848 0.31 -35.47 -17.77
C LEU A 848 0.51 -36.96 -18.02
N ASN A 849 1.39 -37.59 -17.23
CA ASN A 849 1.67 -39.00 -17.40
C ASN A 849 0.42 -39.84 -17.21
N GLU A 850 -0.42 -39.45 -16.27
CA GLU A 850 -1.68 -40.15 -16.02
C GLU A 850 -2.63 -39.96 -17.19
N VAL A 851 -2.53 -38.82 -17.86
CA VAL A 851 -3.39 -38.51 -19.00
C VAL A 851 -2.95 -39.27 -20.26
N MET A 852 -1.63 -39.38 -20.45
CA MET A 852 -1.10 -40.04 -21.63
C MET A 852 -1.28 -41.56 -21.57
N ILE A 853 -1.95 -42.02 -20.53
CA ILE A 853 -2.32 -43.42 -20.43
C ILE A 853 -3.73 -43.59 -21.00
N LYS A 854 -3.80 -44.08 -22.23
CA LYS A 854 -5.06 -44.24 -22.94
C LYS A 854 -6.10 -44.97 -22.10
N SER A 855 -5.65 -45.95 -21.32
CA SER A 855 -6.52 -46.73 -20.45
C SER A 855 -7.43 -45.85 -19.60
N ASN A 856 -6.92 -44.70 -19.18
CA ASN A 856 -7.68 -43.80 -18.31
C ASN A 856 -8.75 -43.01 -19.06
N ASN A 857 -8.61 -42.91 -20.37
CA ASN A 857 -9.58 -42.18 -21.20
C ASN A 857 -9.75 -40.74 -20.73
N LEU A 858 -8.65 -40.01 -20.67
CA LEU A 858 -8.66 -38.61 -20.26
C LEU A 858 -8.47 -37.72 -21.48
N ILE A 859 -9.47 -36.89 -21.76
CA ILE A 859 -9.43 -36.00 -22.91
C ILE A 859 -9.42 -34.54 -22.46
N PRO A 860 -8.57 -33.71 -23.08
CA PRO A 860 -8.51 -32.30 -22.70
C PRO A 860 -9.84 -31.58 -22.96
N ASP A 861 -10.14 -30.58 -22.13
CA ASP A 861 -11.36 -29.79 -22.29
C ASP A 861 -11.14 -28.66 -23.28
N PRO A 862 -11.74 -28.75 -24.48
CA PRO A 862 -11.49 -27.75 -25.52
C PRO A 862 -11.97 -26.36 -25.10
N GLN A 863 -12.96 -26.30 -24.22
CA GLN A 863 -13.50 -25.02 -23.77
C GLN A 863 -12.44 -24.23 -23.02
N TYR A 864 -11.78 -24.89 -22.08
CA TYR A 864 -10.72 -24.25 -21.30
C TYR A 864 -9.60 -23.74 -22.20
N TYR A 865 -9.04 -24.64 -23.00
CA TYR A 865 -7.87 -24.31 -23.81
C TYR A 865 -8.18 -23.26 -24.89
N LEU A 866 -9.41 -23.21 -25.35
CA LEU A 866 -9.78 -22.22 -26.36
C LEU A 866 -9.96 -20.85 -25.72
N GLU A 867 -10.58 -20.82 -24.54
CA GLU A 867 -10.79 -19.58 -23.80
C GLU A 867 -9.48 -19.03 -23.23
N LYS A 868 -8.85 -19.81 -22.37
CA LYS A 868 -7.73 -19.35 -21.55
C LYS A 868 -6.36 -19.50 -22.22
N GLN A 869 -6.13 -20.65 -22.86
CA GLN A 869 -4.82 -20.96 -23.41
C GLN A 869 -4.60 -20.38 -24.81
N ILE A 870 -5.68 -20.15 -25.54
CA ILE A 870 -5.57 -19.65 -26.91
C ILE A 870 -6.18 -18.27 -27.09
N PHE A 871 -7.42 -18.09 -26.67
CA PHE A 871 -8.07 -16.79 -26.84
C PHE A 871 -7.40 -15.69 -26.03
N ALA A 872 -7.31 -15.86 -24.72
CA ALA A 872 -6.76 -14.81 -23.85
C ALA A 872 -5.44 -14.23 -24.37
N PRO A 873 -4.45 -15.09 -24.67
CA PRO A 873 -3.13 -14.61 -25.09
C PRO A 873 -3.14 -13.91 -26.46
N VAL A 874 -3.94 -14.40 -27.39
CA VAL A 874 -4.00 -13.80 -28.72
C VAL A 874 -4.69 -12.44 -28.66
N GLU A 875 -5.67 -12.33 -27.78
CA GLU A 875 -6.39 -11.09 -27.56
C GLU A 875 -5.41 -10.06 -27.02
N ARG A 876 -4.59 -10.49 -26.06
CA ARG A 876 -3.56 -9.62 -25.51
C ARG A 876 -2.47 -9.33 -26.54
N LEU A 877 -2.28 -10.26 -27.47
CA LEU A 877 -1.29 -10.06 -28.53
C LEU A 877 -1.73 -8.99 -29.51
N LEU A 878 -3.03 -8.95 -29.82
CA LEU A 878 -3.52 -8.09 -30.90
C LEU A 878 -4.28 -6.84 -30.42
N GLU A 879 -4.47 -6.70 -29.12
CA GLU A 879 -5.21 -5.56 -28.58
C GLU A 879 -4.87 -4.25 -29.28
N ARG A 880 -3.60 -3.85 -29.22
CA ARG A 880 -3.17 -2.55 -29.70
C ARG A 880 -2.92 -2.50 -31.21
N ILE A 881 -3.27 -3.57 -31.92
CA ILE A 881 -3.06 -3.62 -33.37
C ILE A 881 -4.22 -3.00 -34.13
N ASP A 882 -3.88 -2.23 -35.16
CA ASP A 882 -4.87 -1.50 -35.96
C ASP A 882 -5.94 -2.41 -36.54
N SER A 883 -7.17 -1.93 -36.55
CA SER A 883 -8.29 -2.60 -37.22
C SER A 883 -8.52 -4.04 -36.75
N PHE A 884 -8.11 -4.34 -35.52
CA PHE A 884 -8.36 -5.64 -34.94
C PHE A 884 -9.76 -5.68 -34.32
N ASN A 885 -10.49 -6.75 -34.58
CA ASN A 885 -11.85 -6.89 -34.08
C ASN A 885 -11.93 -8.03 -33.07
N VAL A 886 -12.28 -7.67 -31.84
CA VAL A 886 -12.33 -8.63 -30.74
C VAL A 886 -13.48 -9.62 -30.94
N VAL A 887 -14.60 -9.14 -31.48
CA VAL A 887 -15.76 -9.99 -31.68
C VAL A 887 -15.52 -11.02 -32.78
N ARG A 888 -14.77 -10.63 -33.81
CA ARG A 888 -14.46 -11.55 -34.90
C ARG A 888 -13.61 -12.70 -34.40
N LEU A 889 -12.72 -12.40 -33.45
CA LEU A 889 -11.88 -13.41 -32.83
C LEU A 889 -12.71 -14.34 -31.96
N SER A 890 -13.54 -13.76 -31.11
CA SER A 890 -14.41 -14.53 -30.23
C SER A 890 -15.28 -15.48 -31.04
N GLU A 891 -15.69 -15.03 -32.23
CA GLU A 891 -16.52 -15.85 -33.11
C GLU A 891 -15.69 -16.99 -33.68
N ALA A 892 -14.49 -16.69 -34.12
CA ALA A 892 -13.60 -17.68 -34.71
C ALA A 892 -13.30 -18.85 -33.77
N LEU A 893 -13.66 -18.70 -32.48
CA LEU A 893 -13.42 -19.76 -31.51
C LEU A 893 -14.68 -20.19 -30.76
N GLY A 894 -15.44 -19.21 -30.28
CA GLY A 894 -16.64 -19.49 -29.50
C GLY A 894 -17.43 -18.24 -29.20
N THR B 1 -63.01 26.30 14.16
CA THR B 1 -64.11 25.77 14.96
C THR B 1 -63.71 24.46 15.64
N ASP B 2 -63.59 23.40 14.84
CA ASP B 2 -63.16 22.10 15.36
C ASP B 2 -61.77 21.74 14.84
N THR B 3 -61.27 22.52 13.88
CA THR B 3 -59.96 22.27 13.29
C THR B 3 -58.86 22.96 14.10
N PHE B 4 -58.01 22.15 14.71
CA PHE B 4 -56.94 22.63 15.58
C PHE B 4 -55.65 22.77 14.79
N GLN B 5 -55.11 23.98 14.75
CA GLN B 5 -53.98 24.29 13.86
C GLN B 5 -52.68 24.54 14.60
N MET B 6 -51.69 23.67 14.36
CA MET B 6 -50.40 23.72 15.03
C MET B 6 -49.23 23.74 14.04
N PHE B 7 -48.23 24.55 14.34
CA PHE B 7 -47.00 24.63 13.56
C PHE B 7 -45.89 23.89 14.32
N TRP B 8 -45.55 22.69 13.86
CA TRP B 8 -44.61 21.83 14.58
C TRP B 8 -43.15 22.22 14.30
N LEU B 9 -42.31 21.99 15.31
CA LEU B 9 -40.90 22.37 15.28
C LEU B 9 -40.00 21.17 15.56
N ASP B 10 -40.34 20.42 16.60
CA ASP B 10 -39.52 19.31 17.06
C ASP B 10 -40.41 18.17 17.55
N TYR B 11 -39.79 17.03 17.83
CA TYR B 11 -40.55 15.86 18.26
C TYR B 11 -39.78 15.05 19.32
N CYS B 12 -40.42 14.01 19.82
CA CYS B 12 -39.76 13.06 20.71
C CYS B 12 -40.60 11.78 20.82
N GLU B 13 -39.93 10.65 20.94
CA GLU B 13 -40.60 9.36 21.06
C GLU B 13 -40.72 8.99 22.54
N VAL B 14 -41.86 8.44 22.94
CA VAL B 14 -42.05 8.00 24.31
C VAL B 14 -43.26 7.06 24.44
N ASN B 15 -43.05 5.94 25.12
CA ASN B 15 -44.10 4.96 25.33
C ASN B 15 -44.79 4.56 24.04
N ASN B 16 -43.99 4.33 23.00
CA ASN B 16 -44.51 3.90 21.70
C ASN B 16 -45.48 4.89 21.05
N THR B 17 -45.48 6.12 21.53
CA THR B 17 -46.29 7.18 20.92
C THR B 17 -45.37 8.26 20.40
N LEU B 18 -45.90 9.14 19.55
CA LEU B 18 -45.09 10.21 18.99
C LEU B 18 -45.55 11.54 19.57
N ILE B 19 -44.62 12.40 19.92
CA ILE B 19 -44.97 13.72 20.43
C ILE B 19 -44.39 14.81 19.56
N LEU B 20 -45.25 15.76 19.16
CA LEU B 20 -44.81 16.93 18.41
C LEU B 20 -44.92 18.15 19.31
N PHE B 21 -43.89 18.97 19.32
CA PHE B 21 -43.93 20.24 20.03
C PHE B 21 -44.01 21.33 19.00
N GLY B 22 -44.84 22.34 19.25
CA GLY B 22 -45.00 23.41 18.29
C GLY B 22 -45.69 24.62 18.87
N LYS B 23 -46.16 25.49 17.97
CA LYS B 23 -46.81 26.72 18.37
C LYS B 23 -48.25 26.72 17.86
N VAL B 24 -49.13 27.38 18.61
CA VAL B 24 -50.54 27.44 18.24
C VAL B 24 -51.06 28.86 18.36
N LYS B 25 -51.96 29.22 17.45
CA LYS B 25 -52.67 30.49 17.54
C LYS B 25 -53.98 30.26 18.27
N LEU B 26 -54.24 31.08 19.27
CA LEU B 26 -55.48 31.00 20.02
C LEU B 26 -56.57 31.75 19.24
N LYS B 27 -57.69 32.05 19.89
CA LYS B 27 -58.76 32.78 19.22
C LYS B 27 -58.31 34.19 18.85
N ASP B 28 -57.48 34.78 19.70
CA ASP B 28 -56.91 36.10 19.42
C ASP B 28 -55.67 36.01 18.54
N ASP B 29 -55.35 34.81 18.10
CA ASP B 29 -54.23 34.55 17.19
C ASP B 29 -52.87 34.64 17.87
N ASN B 30 -52.87 34.74 19.20
CA ASN B 30 -51.63 34.76 19.96
C ASN B 30 -50.96 33.39 19.93
N CYS B 31 -49.64 33.37 19.92
CA CYS B 31 -48.91 32.12 19.78
C CYS B 31 -48.36 31.59 21.11
N VAL B 32 -48.70 30.34 21.40
CA VAL B 32 -48.23 29.69 22.63
C VAL B 32 -47.70 28.30 22.31
N SER B 33 -46.89 27.75 23.21
CA SER B 33 -46.34 26.42 23.02
C SER B 33 -47.45 25.38 23.13
N ALA B 34 -47.27 24.26 22.42
CA ALA B 34 -48.25 23.19 22.45
C ALA B 34 -47.56 21.85 22.30
N MET B 35 -48.20 20.80 22.82
CA MET B 35 -47.65 19.46 22.74
C MET B 35 -48.71 18.44 22.32
N VAL B 36 -48.62 17.95 21.09
CA VAL B 36 -49.52 16.92 20.60
C VAL B 36 -48.95 15.53 20.86
N GLN B 37 -49.80 14.62 21.32
CA GLN B 37 -49.40 13.23 21.50
C GLN B 37 -50.18 12.35 20.53
N ILE B 38 -49.53 11.98 19.43
CA ILE B 38 -50.15 11.14 18.41
C ILE B 38 -50.09 9.66 18.77
N ASN B 39 -51.25 9.04 18.76
CA ASN B 39 -51.41 7.61 19.04
C ASN B 39 -51.96 6.90 17.82
N GLY B 40 -51.99 5.57 17.88
CA GLY B 40 -52.56 4.76 16.82
C GLY B 40 -51.76 4.77 15.54
N LEU B 41 -50.47 5.06 15.64
CA LEU B 41 -49.57 4.96 14.49
C LEU B 41 -49.19 3.50 14.27
N CYS B 42 -48.99 3.14 13.01
CA CYS B 42 -48.62 1.77 12.68
C CYS B 42 -47.38 1.68 11.80
N ARG B 43 -46.78 0.50 11.76
CA ARG B 43 -45.67 0.21 10.88
C ARG B 43 -46.20 -0.41 9.60
N GLU B 44 -45.77 0.11 8.46
CA GLU B 44 -46.11 -0.47 7.17
C GLU B 44 -45.17 -1.63 6.84
N LEU B 45 -45.53 -2.83 7.28
CA LEU B 45 -44.77 -4.03 6.94
C LEU B 45 -45.12 -4.50 5.55
N PHE B 46 -44.16 -5.09 4.86
CA PHE B 46 -44.41 -5.64 3.52
C PHE B 46 -43.86 -7.06 3.40
N PHE B 47 -44.76 -8.05 3.38
CA PHE B 47 -44.33 -9.44 3.26
C PHE B 47 -44.17 -9.83 1.80
N LEU B 48 -43.04 -10.46 1.48
CA LEU B 48 -42.71 -10.85 0.11
C LEU B 48 -42.93 -12.35 -0.09
N PRO B 49 -43.93 -12.71 -0.90
CA PRO B 49 -44.24 -14.14 -1.11
C PRO B 49 -43.18 -14.84 -1.96
N ARG B 50 -42.99 -16.13 -1.72
CA ARG B 50 -42.05 -16.92 -2.50
C ARG B 50 -42.61 -17.16 -3.89
N GLU B 51 -41.78 -17.71 -4.77
CA GLU B 51 -42.23 -18.02 -6.14
C GLU B 51 -43.29 -19.10 -6.10
N GLY B 52 -44.52 -18.72 -6.45
CA GLY B 52 -45.62 -19.67 -6.47
C GLY B 52 -46.72 -19.26 -5.52
N LYS B 53 -46.37 -18.46 -4.51
CA LYS B 53 -47.34 -18.03 -3.50
C LYS B 53 -47.79 -16.60 -3.76
N THR B 54 -48.91 -16.22 -3.14
CA THR B 54 -49.51 -14.91 -3.36
C THR B 54 -49.83 -14.21 -2.04
N PRO B 55 -50.04 -12.89 -2.09
CA PRO B 55 -50.35 -12.11 -0.88
C PRO B 55 -51.47 -12.75 -0.06
N THR B 56 -52.42 -13.38 -0.75
CA THR B 56 -53.53 -14.06 -0.09
C THR B 56 -53.01 -15.21 0.76
N ASP B 57 -52.10 -15.99 0.20
CA ASP B 57 -51.51 -17.12 0.90
C ASP B 57 -50.88 -16.65 2.19
N ILE B 58 -50.19 -15.52 2.13
CA ILE B 58 -49.52 -14.95 3.30
C ILE B 58 -50.55 -14.55 4.35
N HIS B 59 -51.59 -13.84 3.90
CA HIS B 59 -52.60 -13.30 4.81
C HIS B 59 -53.15 -14.43 5.68
N GLU B 60 -53.58 -15.49 5.00
CA GLU B 60 -54.13 -16.68 5.63
C GLU B 60 -53.24 -17.19 6.76
N GLU B 61 -51.93 -17.01 6.59
CA GLU B 61 -50.95 -17.62 7.48
C GLU B 61 -50.59 -16.75 8.69
N ILE B 62 -50.12 -15.54 8.43
CA ILE B 62 -49.56 -14.71 9.51
C ILE B 62 -50.60 -13.86 10.24
N ILE B 63 -51.73 -13.55 9.60
CA ILE B 63 -52.67 -12.63 10.24
C ILE B 63 -53.19 -13.17 11.58
N PRO B 64 -53.40 -14.50 11.66
CA PRO B 64 -53.76 -15.10 12.94
C PRO B 64 -52.56 -15.14 13.89
N LEU B 65 -51.39 -15.47 13.36
CA LEU B 65 -50.17 -15.53 14.15
C LEU B 65 -49.85 -14.20 14.82
N LEU B 66 -49.98 -13.11 14.06
CA LEU B 66 -49.70 -11.77 14.57
C LEU B 66 -50.72 -11.35 15.62
N MET B 67 -52.00 -11.62 15.34
CA MET B 67 -53.06 -11.27 16.27
C MET B 67 -52.79 -11.88 17.64
N ASP B 68 -52.33 -13.13 17.64
CA ASP B 68 -52.02 -13.83 18.88
C ASP B 68 -50.77 -13.23 19.53
N LYS B 69 -49.73 -13.06 18.72
CA LYS B 69 -48.45 -12.52 19.20
C LYS B 69 -48.64 -11.17 19.89
N TYR B 70 -49.46 -10.31 19.30
CA TYR B 70 -49.65 -8.96 19.83
C TYR B 70 -51.02 -8.77 20.46
N GLY B 71 -51.81 -9.84 20.53
CA GLY B 71 -53.14 -9.78 21.12
C GLY B 71 -54.01 -8.67 20.55
N LEU B 72 -54.20 -8.68 19.24
CA LEU B 72 -55.02 -7.67 18.56
C LEU B 72 -56.34 -8.26 18.07
N ASP B 73 -57.42 -7.48 18.20
CA ASP B 73 -58.72 -7.89 17.70
C ASP B 73 -58.69 -8.05 16.19
N ASN B 74 -58.15 -7.05 15.52
CA ASN B 74 -58.11 -7.05 14.06
C ASN B 74 -56.85 -6.35 13.56
N ILE B 75 -56.38 -6.76 12.38
CA ILE B 75 -55.21 -6.16 11.76
C ILE B 75 -55.50 -5.81 10.31
N ARG B 76 -55.41 -4.53 9.98
CA ARG B 76 -55.61 -4.08 8.61
C ARG B 76 -54.47 -4.59 7.73
N ALA B 77 -54.82 -5.27 6.65
CA ALA B 77 -53.81 -5.79 5.72
C ALA B 77 -54.41 -5.94 4.33
N LYS B 78 -53.62 -5.59 3.32
CA LYS B 78 -54.07 -5.69 1.95
C LYS B 78 -52.91 -6.07 1.04
N PRO B 79 -53.21 -6.68 -0.11
CA PRO B 79 -52.18 -6.89 -1.13
C PRO B 79 -51.80 -5.55 -1.76
N GLN B 80 -50.54 -5.43 -2.20
CA GLN B 80 -50.07 -4.17 -2.76
C GLN B 80 -48.83 -4.40 -3.63
N LYS B 81 -48.87 -3.92 -4.86
CA LYS B 81 -47.73 -4.04 -5.76
C LYS B 81 -46.69 -3.00 -5.39
N MET B 82 -45.46 -3.45 -5.18
CA MET B 82 -44.37 -2.57 -4.78
C MET B 82 -43.11 -2.90 -5.57
N LYS B 83 -42.30 -1.88 -5.81
CA LYS B 83 -41.05 -2.03 -6.56
C LYS B 83 -39.84 -1.98 -5.63
N TYR B 84 -38.86 -2.86 -5.85
CA TYR B 84 -37.61 -2.82 -5.10
C TYR B 84 -36.44 -2.54 -6.03
N SER B 85 -35.64 -1.53 -5.68
CA SER B 85 -34.53 -1.11 -6.52
C SER B 85 -33.27 -0.84 -5.72
N PHE B 86 -33.02 -1.66 -4.70
CA PHE B 86 -31.90 -1.44 -3.80
C PHE B 86 -30.99 -2.66 -3.65
N GLU B 87 -29.97 -2.54 -2.79
CA GLU B 87 -28.81 -3.42 -2.84
C GLU B 87 -29.01 -4.88 -2.45
N LEU B 88 -30.18 -5.24 -1.92
CA LEU B 88 -30.44 -6.63 -1.57
C LEU B 88 -30.51 -7.51 -2.81
N PRO B 89 -29.99 -8.75 -2.72
CA PRO B 89 -30.17 -9.73 -3.78
C PRO B 89 -31.39 -10.60 -3.50
N ASP B 90 -31.92 -11.27 -4.52
CA ASP B 90 -33.06 -12.18 -4.35
C ASP B 90 -34.36 -11.43 -4.09
N ILE B 91 -34.38 -10.14 -4.38
CA ILE B 91 -35.61 -9.36 -4.30
C ILE B 91 -36.03 -8.89 -5.69
N PRO B 92 -37.19 -9.38 -6.17
CA PRO B 92 -37.65 -9.03 -7.52
C PRO B 92 -37.95 -7.55 -7.70
N SER B 93 -37.66 -7.02 -8.88
CA SER B 93 -37.83 -5.59 -9.15
C SER B 93 -39.25 -5.11 -8.87
N GLU B 94 -40.20 -6.02 -8.87
CA GLU B 94 -41.59 -5.68 -8.56
C GLU B 94 -42.37 -6.93 -8.18
N SER B 95 -43.14 -6.85 -7.09
CA SER B 95 -43.89 -8.00 -6.61
C SER B 95 -45.17 -7.62 -5.88
N ASP B 96 -46.02 -8.60 -5.63
CA ASP B 96 -47.23 -8.39 -4.84
C ASP B 96 -46.94 -8.71 -3.38
N TYR B 97 -46.72 -7.67 -2.59
CA TYR B 97 -46.46 -7.87 -1.17
C TYR B 97 -47.78 -7.88 -0.41
N LEU B 98 -47.78 -8.46 0.77
CA LEU B 98 -48.90 -8.32 1.68
C LEU B 98 -48.56 -7.20 2.65
N LYS B 99 -49.13 -6.02 2.38
CA LYS B 99 -48.94 -4.86 3.24
C LYS B 99 -49.74 -5.05 4.52
N VAL B 100 -49.04 -5.13 5.65
CA VAL B 100 -49.70 -5.28 6.94
C VAL B 100 -49.39 -4.08 7.82
N LEU B 101 -50.40 -3.62 8.55
CA LEU B 101 -50.23 -2.45 9.42
C LEU B 101 -50.21 -2.88 10.87
N LEU B 102 -49.03 -2.77 11.49
CA LEU B 102 -48.87 -3.22 12.87
C LEU B 102 -48.67 -2.04 13.82
N PRO B 103 -49.69 -1.73 14.64
CA PRO B 103 -49.61 -0.55 15.49
C PRO B 103 -48.39 -0.58 16.41
N TYR B 104 -47.81 0.57 16.67
CA TYR B 104 -46.62 0.66 17.52
C TYR B 104 -46.97 0.25 18.95
N GLN B 105 -48.16 0.63 19.40
CA GLN B 105 -48.62 0.28 20.74
C GLN B 105 -49.60 -0.89 20.66
N THR B 106 -49.15 -2.06 21.10
CA THR B 106 -49.98 -3.25 21.10
C THR B 106 -50.12 -3.78 22.53
N PRO B 107 -51.27 -4.40 22.84
CA PRO B 107 -51.52 -4.99 24.16
C PRO B 107 -50.33 -5.80 24.68
N LYS B 108 -49.72 -6.64 23.84
CA LYS B 108 -48.58 -7.45 24.26
C LYS B 108 -47.48 -7.46 23.20
N SER B 109 -46.26 -7.79 23.64
CA SER B 109 -45.10 -7.86 22.75
C SER B 109 -44.88 -6.53 22.03
N SER B 110 -45.16 -5.45 22.74
CA SER B 110 -45.21 -4.11 22.15
C SER B 110 -43.94 -3.75 21.41
N ARG B 111 -42.80 -4.24 21.89
CA ARG B 111 -41.51 -3.92 21.28
C ARG B 111 -40.79 -5.16 20.77
N ASP B 112 -41.54 -6.06 20.16
CA ASP B 112 -40.97 -7.20 19.46
C ASP B 112 -41.10 -7.01 17.96
N THR B 113 -40.05 -6.49 17.34
CA THR B 113 -40.09 -6.20 15.90
C THR B 113 -39.98 -7.47 15.07
N ILE B 114 -40.64 -7.49 13.93
CA ILE B 114 -40.56 -8.62 13.02
C ILE B 114 -39.27 -8.53 12.19
N PRO B 115 -38.42 -9.57 12.26
CA PRO B 115 -37.14 -9.54 11.57
C PRO B 115 -37.30 -9.63 10.05
N SER B 116 -36.53 -8.84 9.32
CA SER B 116 -36.62 -8.79 7.86
C SER B 116 -36.28 -10.14 7.23
N ASP B 117 -35.48 -10.94 7.93
CA ASP B 117 -35.07 -12.24 7.40
C ASP B 117 -36.06 -13.34 7.78
N LEU B 118 -37.15 -12.98 8.43
CA LEU B 118 -38.15 -13.96 8.82
C LEU B 118 -38.59 -14.74 7.60
N SER B 119 -38.47 -16.07 7.68
CA SER B 119 -38.82 -16.92 6.55
C SER B 119 -40.03 -17.78 6.89
N SER B 120 -40.66 -18.30 5.85
CA SER B 120 -41.83 -19.15 6.03
C SER B 120 -42.11 -19.94 4.76
N ASP B 121 -43.23 -20.66 4.74
CA ASP B 121 -43.62 -21.43 3.57
C ASP B 121 -44.20 -20.50 2.50
N THR B 122 -44.72 -19.36 2.93
CA THR B 122 -45.39 -18.43 2.02
C THR B 122 -44.53 -17.23 1.65
N PHE B 123 -43.84 -16.65 2.62
CA PHE B 123 -43.01 -15.46 2.39
C PHE B 123 -41.59 -15.69 2.88
N TYR B 124 -40.63 -14.97 2.30
CA TYR B 124 -39.23 -15.14 2.69
C TYR B 124 -38.52 -13.85 3.13
N HIS B 125 -39.17 -12.70 2.93
CA HIS B 125 -38.64 -11.43 3.43
C HIS B 125 -39.75 -10.55 4.00
N VAL B 126 -39.38 -9.64 4.90
CA VAL B 126 -40.35 -8.72 5.49
C VAL B 126 -39.74 -7.32 5.64
N PHE B 127 -40.17 -6.39 4.81
CA PHE B 127 -39.64 -5.03 4.87
C PHE B 127 -40.37 -4.17 5.89
N GLY B 128 -39.68 -3.16 6.40
CA GLY B 128 -40.26 -2.14 7.26
C GLY B 128 -40.77 -2.59 8.62
N GLY B 129 -40.15 -3.61 9.20
CA GLY B 129 -40.57 -4.10 10.49
C GLY B 129 -39.91 -3.41 11.68
N ASN B 130 -38.85 -2.65 11.41
CA ASN B 130 -38.09 -1.99 12.47
C ASN B 130 -38.14 -0.47 12.35
N SER B 131 -38.89 0.04 11.39
CA SER B 131 -39.03 1.47 11.19
C SER B 131 -39.38 2.18 12.49
N ASN B 132 -38.96 3.43 12.61
CA ASN B 132 -39.19 4.19 13.84
C ASN B 132 -40.39 5.12 13.73
N ILE B 133 -41.09 5.26 14.85
CA ILE B 133 -42.34 6.01 14.92
C ILE B 133 -42.31 7.33 14.12
N PHE B 134 -41.34 8.18 14.42
CA PHE B 134 -41.28 9.49 13.75
C PHE B 134 -41.27 9.33 12.25
N GLU B 135 -40.39 8.49 11.74
CA GLU B 135 -40.29 8.23 10.31
C GLU B 135 -41.65 7.84 9.73
N SER B 136 -42.28 6.84 10.35
CA SER B 136 -43.57 6.34 9.87
C SER B 136 -44.59 7.46 9.74
N PHE B 137 -44.64 8.34 10.74
CA PHE B 137 -45.59 9.46 10.72
C PHE B 137 -45.29 10.44 9.58
N VAL B 138 -44.09 11.01 9.61
CA VAL B 138 -43.68 12.02 8.64
C VAL B 138 -43.80 11.51 7.20
N ILE B 139 -43.65 10.21 7.00
CA ILE B 139 -43.71 9.63 5.65
C ILE B 139 -45.16 9.36 5.23
N GLN B 140 -45.84 8.53 6.00
CA GLN B 140 -47.26 8.22 5.76
C GLN B 140 -48.09 9.48 5.55
N ASN B 141 -47.97 10.44 6.46
CA ASN B 141 -48.78 11.64 6.40
C ASN B 141 -48.15 12.74 5.55
N ARG B 142 -47.06 12.39 4.86
CA ARG B 142 -46.43 13.30 3.90
C ARG B 142 -46.08 14.64 4.52
N ILE B 143 -45.49 14.61 5.70
CA ILE B 143 -45.04 15.82 6.38
C ILE B 143 -43.62 16.12 5.91
N MET B 144 -43.38 17.33 5.42
CA MET B 144 -42.05 17.68 4.90
C MET B 144 -41.42 18.81 5.70
N GLY B 145 -40.99 18.50 6.92
CA GLY B 145 -40.31 19.49 7.74
C GLY B 145 -41.28 20.33 8.54
N PRO B 146 -40.76 21.35 9.23
CA PRO B 146 -41.59 22.26 10.03
C PRO B 146 -42.64 22.97 9.18
N CYS B 147 -43.91 22.66 9.44
CA CYS B 147 -45.01 23.20 8.65
C CYS B 147 -46.27 23.29 9.50
N TRP B 148 -47.28 23.97 8.98
CA TRP B 148 -48.57 24.04 9.64
C TRP B 148 -49.32 22.72 9.53
N LEU B 149 -50.10 22.39 10.56
CA LEU B 149 -50.82 21.12 10.60
C LEU B 149 -52.26 21.29 11.07
N ASP B 150 -53.21 20.78 10.29
CA ASP B 150 -54.59 20.69 10.72
C ASP B 150 -54.78 19.39 11.50
N ILE B 151 -55.24 19.51 12.75
CA ILE B 151 -55.44 18.35 13.61
C ILE B 151 -56.91 18.25 14.05
N LYS B 152 -57.61 17.26 13.52
CA LYS B 152 -59.01 17.05 13.85
C LYS B 152 -59.14 15.96 14.90
N GLY B 153 -60.14 16.08 15.77
CA GLY B 153 -60.36 15.09 16.81
C GLY B 153 -59.39 15.29 17.95
N ALA B 154 -59.07 16.54 18.23
CA ALA B 154 -58.11 16.86 19.27
C ALA B 154 -58.74 16.69 20.66
N ASP B 155 -58.12 15.83 21.48
CA ASP B 155 -58.58 15.59 22.84
C ASP B 155 -57.70 16.37 23.83
N PHE B 156 -58.32 17.29 24.56
CA PHE B 156 -57.59 18.20 25.45
C PHE B 156 -57.35 17.62 26.84
N ASN B 157 -58.29 16.83 27.34
CA ASN B 157 -58.18 16.30 28.69
C ASN B 157 -57.19 15.13 28.78
N SER B 158 -57.31 14.18 27.86
CA SER B 158 -56.44 13.02 27.83
C SER B 158 -54.99 13.43 27.61
N SER B 163 -45.55 17.99 30.22
CA SER B 163 -45.04 19.02 29.32
C SER B 163 -44.83 20.37 30.00
N HIS B 164 -43.99 21.20 29.38
CA HIS B 164 -43.81 22.58 29.82
C HIS B 164 -44.47 23.51 28.82
N CYS B 165 -45.53 23.02 28.17
CA CYS B 165 -46.21 23.79 27.14
C CYS B 165 -47.52 24.38 27.64
N ALA B 166 -48.00 25.40 26.94
CA ALA B 166 -49.28 26.02 27.26
C ALA B 166 -50.41 25.03 26.96
N VAL B 167 -50.43 24.52 25.75
CA VAL B 167 -51.45 23.57 25.32
C VAL B 167 -50.93 22.14 25.29
N GLU B 168 -51.81 21.20 25.62
CA GLU B 168 -51.47 19.77 25.58
C GLU B 168 -52.63 18.97 25.00
N VAL B 169 -52.46 18.51 23.77
CA VAL B 169 -53.51 17.82 23.04
C VAL B 169 -53.04 16.41 22.68
N SER B 170 -53.98 15.49 22.50
CA SER B 170 -53.66 14.13 22.10
C SER B 170 -54.66 13.61 21.08
N VAL B 171 -54.17 12.87 20.09
CA VAL B 171 -55.04 12.31 19.05
C VAL B 171 -54.81 10.82 18.93
N ASP B 172 -55.89 10.10 18.64
CA ASP B 172 -55.84 8.64 18.59
C ASP B 172 -55.93 8.13 17.15
N LYS B 173 -55.95 9.05 16.20
CA LYS B 173 -55.95 8.71 14.79
C LYS B 173 -54.92 9.55 14.07
N PRO B 174 -53.80 8.94 13.67
CA PRO B 174 -52.74 9.68 12.98
C PRO B 174 -53.28 10.32 11.70
N GLN B 175 -54.31 9.71 11.12
CA GLN B 175 -54.90 10.22 9.89
C GLN B 175 -55.46 11.63 10.06
N ASN B 176 -55.74 12.01 11.31
CA ASN B 176 -56.34 13.30 11.61
C ASN B 176 -55.39 14.48 11.37
N ILE B 177 -54.10 14.27 11.63
CA ILE B 177 -53.11 15.30 11.40
C ILE B 177 -52.75 15.33 9.92
N THR B 178 -52.85 16.51 9.31
CA THR B 178 -52.55 16.66 7.89
C THR B 178 -51.88 18.00 7.63
N PRO B 179 -50.85 18.01 6.77
CA PRO B 179 -50.17 19.29 6.55
C PRO B 179 -51.03 20.27 5.75
N THR B 180 -50.96 21.55 6.11
CA THR B 180 -51.63 22.59 5.35
C THR B 180 -50.67 23.11 4.28
N THR B 181 -51.12 24.06 3.48
CA THR B 181 -50.30 24.61 2.40
C THR B 181 -49.76 26.00 2.76
N THR B 182 -50.06 26.47 3.97
CA THR B 182 -49.62 27.77 4.43
C THR B 182 -48.09 27.83 4.49
N LYS B 183 -47.51 28.82 3.83
CA LYS B 183 -46.06 28.96 3.77
C LYS B 183 -45.51 29.96 4.79
N THR B 184 -46.39 30.74 5.39
CA THR B 184 -45.99 31.65 6.46
C THR B 184 -45.85 30.88 7.77
N MET B 185 -45.04 31.40 8.68
CA MET B 185 -44.81 30.73 9.96
C MET B 185 -44.89 31.71 11.12
N PRO B 186 -45.23 31.20 12.31
CA PRO B 186 -45.27 31.97 13.56
C PRO B 186 -43.97 32.69 13.83
N ASN B 187 -44.00 33.65 14.76
CA ASN B 187 -42.78 34.27 15.25
C ASN B 187 -42.13 33.32 16.25
N LEU B 188 -40.79 33.31 16.28
CA LEU B 188 -40.08 32.38 17.15
C LEU B 188 -39.51 33.09 18.37
N ARG B 189 -39.76 32.52 19.54
CA ARG B 189 -39.18 33.02 20.77
C ARG B 189 -37.77 32.48 20.94
N CYS B 190 -36.77 33.34 20.73
CA CYS B 190 -35.37 32.92 20.80
C CYS B 190 -34.75 33.37 22.12
N LEU B 191 -33.99 32.48 22.75
CA LEU B 191 -33.31 32.81 23.99
C LEU B 191 -31.82 32.46 23.90
N SER B 192 -31.01 33.48 23.71
CA SER B 192 -29.56 33.30 23.60
C SER B 192 -28.95 33.11 24.98
N LEU B 193 -27.97 32.20 25.07
CA LEU B 193 -27.30 31.91 26.33
C LEU B 193 -25.82 32.19 26.25
N SER B 194 -25.22 32.40 27.42
CA SER B 194 -23.78 32.56 27.52
C SER B 194 -23.34 32.15 28.92
N ILE B 195 -22.49 31.14 28.99
CA ILE B 195 -22.13 30.53 30.26
C ILE B 195 -20.64 30.67 30.55
N GLN B 196 -20.32 31.17 31.74
CA GLN B 196 -18.93 31.28 32.19
C GLN B 196 -18.68 30.19 33.21
N THR B 197 -17.50 29.57 33.14
CA THR B 197 -17.19 28.42 33.98
C THR B 197 -15.85 28.58 34.70
N LEU B 198 -15.60 27.67 35.65
CA LEU B 198 -14.30 27.57 36.29
C LEU B 198 -14.06 26.11 36.69
N MET B 199 -12.82 25.64 36.62
CA MET B 199 -12.55 24.26 36.99
C MET B 199 -12.30 24.17 38.49
N ASN B 200 -12.63 23.01 39.06
CA ASN B 200 -12.42 22.80 40.48
C ASN B 200 -11.32 21.76 40.72
N PRO B 201 -10.13 22.22 41.14
CA PRO B 201 -9.00 21.31 41.39
C PRO B 201 -9.32 20.22 42.43
N LYS B 202 -10.46 20.34 43.10
CA LYS B 202 -10.88 19.37 44.09
C LYS B 202 -11.45 18.14 43.41
N GLU B 203 -12.57 18.32 42.71
CA GLU B 203 -13.25 17.22 42.07
C GLU B 203 -12.87 17.09 40.60
N ASN B 204 -12.17 18.10 40.09
CA ASN B 204 -11.71 18.13 38.70
C ASN B 204 -12.85 18.28 37.69
N LYS B 205 -13.87 19.05 38.06
CA LYS B 205 -15.02 19.27 37.18
C LYS B 205 -15.23 20.75 36.89
N GLN B 206 -15.95 21.04 35.80
CA GLN B 206 -16.24 22.41 35.43
C GLN B 206 -17.58 22.82 36.01
N GLU B 207 -17.57 23.91 36.77
CA GLU B 207 -18.77 24.46 37.37
C GLU B 207 -19.15 25.79 36.72
N ILE B 208 -20.43 26.15 36.83
CA ILE B 208 -20.94 27.39 36.26
C ILE B 208 -20.93 28.52 37.28
N VAL B 209 -20.34 29.64 36.90
CA VAL B 209 -20.31 30.84 37.73
C VAL B 209 -21.47 31.77 37.36
N SER B 210 -21.54 32.15 36.10
CA SER B 210 -22.58 33.07 35.65
C SER B 210 -23.32 32.55 34.41
N ILE B 211 -24.53 33.05 34.22
CA ILE B 211 -25.31 32.73 33.01
C ILE B 211 -26.05 33.97 32.54
N THR B 212 -25.89 34.33 31.27
CA THR B 212 -26.61 35.47 30.71
C THR B 212 -27.71 34.98 29.76
N LEU B 213 -28.87 35.63 29.86
CA LEU B 213 -30.06 35.22 29.12
C LEU B 213 -30.61 36.41 28.35
N SER B 214 -30.36 36.41 27.04
CA SER B 214 -30.87 37.47 26.17
C SER B 214 -32.05 36.94 25.35
N ALA B 215 -33.25 37.42 25.66
CA ALA B 215 -34.47 36.98 24.99
C ALA B 215 -34.83 37.86 23.79
N TYR B 216 -35.38 37.21 22.77
CA TYR B 216 -35.79 37.87 21.53
C TYR B 216 -37.13 37.27 21.13
N ARG B 217 -38.19 37.80 21.74
CA ARG B 217 -39.51 37.15 21.76
C ARG B 217 -40.23 37.07 20.43
N ASN B 218 -39.85 37.92 19.46
CA ASN B 218 -40.49 37.90 18.16
C ASN B 218 -39.51 37.93 17.00
N ILE B 219 -39.17 36.74 16.51
CA ILE B 219 -38.30 36.60 15.35
C ILE B 219 -39.07 35.92 14.23
N SER B 220 -39.36 36.68 13.17
CA SER B 220 -40.07 36.13 12.02
C SER B 220 -39.07 35.77 10.93
N LEU B 221 -39.14 34.53 10.46
CA LEU B 221 -38.24 34.05 9.43
C LEU B 221 -38.81 34.29 8.03
N ASP B 222 -40.04 34.76 7.96
CA ASP B 222 -40.66 35.13 6.69
C ASP B 222 -39.98 36.38 6.13
N SER B 223 -40.12 37.48 6.85
CA SER B 223 -39.37 38.69 6.54
C SER B 223 -37.97 38.55 7.11
N PRO B 224 -37.03 39.39 6.63
CA PRO B 224 -35.66 39.27 7.16
C PRO B 224 -35.52 39.84 8.57
N ILE B 225 -34.47 39.43 9.27
CA ILE B 225 -34.22 39.88 10.63
C ILE B 225 -33.48 41.21 10.60
N PRO B 226 -34.00 42.23 11.29
CA PRO B 226 -33.32 43.52 11.34
C PRO B 226 -31.99 43.41 12.07
N GLU B 227 -30.96 44.08 11.56
CA GLU B 227 -29.62 44.00 12.15
C GLU B 227 -29.59 44.59 13.56
N ASN B 228 -28.76 44.00 14.41
CA ASN B 228 -28.54 44.49 15.77
C ASN B 228 -29.80 44.59 16.63
N ILE B 229 -30.85 43.88 16.25
CA ILE B 229 -32.08 43.85 17.05
C ILE B 229 -31.77 43.71 18.54
N LYS B 230 -32.34 44.62 19.33
CA LYS B 230 -32.17 44.63 20.77
C LYS B 230 -33.09 43.59 21.40
N PRO B 231 -32.60 42.87 22.42
CA PRO B 231 -33.42 41.86 23.09
C PRO B 231 -34.62 42.46 23.83
N ASP B 232 -35.71 41.70 23.90
CA ASP B 232 -36.89 42.13 24.63
C ASP B 232 -36.66 42.02 26.14
N ASP B 233 -35.54 41.42 26.52
CA ASP B 233 -35.16 41.31 27.92
C ASP B 233 -33.75 40.76 28.04
N LEU B 234 -33.04 41.20 29.08
CA LEU B 234 -31.68 40.74 29.32
C LEU B 234 -31.49 40.52 30.81
N CYS B 235 -31.05 39.33 31.20
CA CYS B 235 -30.88 39.02 32.61
C CYS B 235 -29.68 38.14 32.90
N THR B 236 -28.87 38.55 33.87
CA THR B 236 -27.67 37.80 34.23
C THR B 236 -27.83 37.18 35.61
N LEU B 237 -27.24 36.00 35.78
CA LEU B 237 -27.34 35.26 37.03
C LEU B 237 -25.94 34.86 37.46
N VAL B 238 -25.41 35.57 38.46
CA VAL B 238 -24.05 35.33 38.90
C VAL B 238 -23.99 34.59 40.23
N ARG B 239 -22.96 33.77 40.38
CA ARG B 239 -22.70 33.03 41.61
C ARG B 239 -21.31 33.37 42.11
N PRO B 240 -21.09 33.30 43.42
CA PRO B 240 -19.72 33.50 43.91
C PRO B 240 -18.80 32.44 43.30
N PRO B 241 -17.56 32.81 42.97
CA PRO B 241 -16.66 31.83 42.36
C PRO B 241 -15.77 31.11 43.37
N GLN B 242 -15.19 31.85 44.30
CA GLN B 242 -14.33 31.25 45.32
C GLN B 242 -15.02 31.15 46.67
N SER B 243 -15.23 32.31 47.31
CA SER B 243 -15.88 32.35 48.61
C SER B 243 -17.39 32.33 48.44
N THR B 244 -18.11 32.40 49.55
CA THR B 244 -19.57 32.39 49.50
C THR B 244 -20.15 33.80 49.39
N SER B 245 -19.33 34.80 49.69
CA SER B 245 -19.77 36.19 49.64
C SER B 245 -19.08 36.96 48.52
N PHE B 246 -19.83 37.81 47.84
CA PHE B 246 -19.30 38.67 46.79
C PHE B 246 -18.56 39.84 47.42
N PRO B 247 -18.04 40.77 46.59
CA PRO B 247 -17.42 41.95 47.19
C PRO B 247 -18.42 43.10 47.29
N LEU B 248 -18.49 43.73 48.47
CA LEU B 248 -19.44 44.81 48.72
C LEU B 248 -19.41 45.87 47.63
N GLY B 249 -20.57 46.13 47.03
CA GLY B 249 -20.70 47.13 45.98
C GLY B 249 -20.91 46.51 44.62
N LEU B 250 -21.20 45.22 44.59
CA LEU B 250 -21.38 44.51 43.33
C LEU B 250 -22.76 44.84 42.76
N ALA B 251 -23.79 44.69 43.57
CA ALA B 251 -25.16 44.96 43.15
C ALA B 251 -25.28 46.40 42.63
N ALA B 252 -24.89 47.34 43.48
CA ALA B 252 -24.97 48.77 43.15
C ALA B 252 -24.27 49.06 41.82
N LEU B 253 -22.98 48.73 41.74
CA LEU B 253 -22.21 48.98 40.54
C LEU B 253 -22.83 48.31 39.32
N ALA B 254 -23.44 47.15 39.55
CA ALA B 254 -24.07 46.37 38.49
C ALA B 254 -25.19 47.16 37.84
N LYS B 255 -26.14 47.62 38.66
CA LYS B 255 -27.26 48.39 38.15
C LYS B 255 -26.82 49.75 37.63
N GLN B 256 -25.57 50.11 37.87
CA GLN B 256 -25.04 51.39 37.44
C GLN B 256 -24.32 51.28 36.10
N LYS B 257 -23.66 50.15 35.86
CA LYS B 257 -22.83 49.98 34.68
C LYS B 257 -23.28 48.85 33.74
N LEU B 258 -23.77 47.76 34.30
CA LEU B 258 -24.14 46.58 33.50
C LEU B 258 -25.52 46.73 32.86
N PRO B 259 -25.65 46.35 31.57
CA PRO B 259 -26.95 46.40 30.89
C PRO B 259 -27.88 45.29 31.36
N GLY B 260 -29.17 45.58 31.39
CA GLY B 260 -30.16 44.59 31.80
C GLY B 260 -30.09 44.30 33.29
N ARG B 261 -30.95 43.39 33.72
CA ARG B 261 -31.01 42.99 35.12
C ARG B 261 -29.82 42.11 35.48
N VAL B 262 -29.37 42.22 36.72
CA VAL B 262 -28.30 41.36 37.23
C VAL B 262 -28.71 40.87 38.60
N ARG B 263 -28.91 39.56 38.72
CA ARG B 263 -29.35 38.97 39.97
C ARG B 263 -28.32 38.02 40.56
N LEU B 264 -28.00 38.24 41.84
CA LEU B 264 -26.94 37.51 42.52
C LEU B 264 -27.47 36.38 43.38
N PHE B 265 -26.70 35.30 43.49
CA PHE B 265 -27.08 34.13 44.27
C PHE B 265 -26.01 33.78 45.29
N ASN B 266 -26.35 32.94 46.27
CA ASN B 266 -25.40 32.57 47.31
C ASN B 266 -24.54 31.38 46.90
N ASN B 267 -25.13 30.47 46.14
CA ASN B 267 -24.41 29.29 45.65
C ASN B 267 -24.92 28.91 44.26
N GLU B 268 -24.35 27.85 43.69
CA GLU B 268 -24.74 27.42 42.35
C GLU B 268 -26.13 26.82 42.33
N LYS B 269 -26.40 25.87 43.21
CA LYS B 269 -27.68 25.18 43.23
C LYS B 269 -28.85 26.16 43.07
N ALA B 270 -28.80 27.26 43.83
CA ALA B 270 -29.85 28.26 43.77
C ALA B 270 -29.90 28.93 42.40
N MET B 271 -28.74 29.29 41.88
CA MET B 271 -28.67 30.01 40.61
C MET B 271 -29.28 29.19 39.48
N LEU B 272 -28.92 27.91 39.42
CA LEU B 272 -29.43 27.00 38.41
C LEU B 272 -30.93 26.76 38.58
N SER B 273 -31.38 26.67 39.83
CA SER B 273 -32.81 26.50 40.08
C SER B 273 -33.58 27.66 39.48
N CYS B 274 -33.02 28.86 39.63
CA CYS B 274 -33.63 30.06 39.04
C CYS B 274 -33.58 30.00 37.52
N PHE B 275 -32.45 29.59 36.98
CA PHE B 275 -32.27 29.45 35.54
C PHE B 275 -33.38 28.59 34.94
N CYS B 276 -33.65 27.47 35.59
CA CYS B 276 -34.66 26.53 35.13
C CYS B 276 -36.04 27.16 35.20
N ALA B 277 -36.34 27.83 36.31
CA ALA B 277 -37.63 28.51 36.43
C ALA B 277 -37.80 29.52 35.31
N MET B 278 -36.70 30.19 34.95
CA MET B 278 -36.74 31.22 33.92
C MET B 278 -37.00 30.61 32.56
N LEU B 279 -36.41 29.44 32.30
CA LEU B 279 -36.66 28.76 31.04
C LEU B 279 -38.12 28.35 30.92
N LYS B 280 -38.64 27.66 31.93
CA LYS B 280 -40.04 27.25 31.95
C LYS B 280 -40.95 28.43 31.67
N VAL B 281 -40.64 29.57 32.28
CA VAL B 281 -41.49 30.76 32.15
C VAL B 281 -41.38 31.40 30.76
N GLU B 282 -40.18 31.84 30.39
CA GLU B 282 -39.91 32.39 29.07
C GLU B 282 -40.35 31.43 27.96
N ASP B 283 -40.16 30.13 28.18
CA ASP B 283 -40.61 29.10 27.25
C ASP B 283 -40.28 29.46 25.80
N PRO B 284 -38.99 29.46 25.45
CA PRO B 284 -38.52 29.84 24.11
C PRO B 284 -38.53 28.68 23.12
N ASP B 285 -38.66 29.00 21.83
CA ASP B 285 -38.66 28.00 20.78
C ASP B 285 -37.23 27.63 20.42
N VAL B 286 -36.35 28.63 20.42
CA VAL B 286 -34.96 28.45 20.03
C VAL B 286 -34.03 28.94 21.12
N ILE B 287 -32.96 28.19 21.34
CA ILE B 287 -31.92 28.57 22.29
C ILE B 287 -30.64 28.86 21.51
N ILE B 288 -30.29 30.13 21.42
CA ILE B 288 -29.09 30.52 20.68
C ILE B 288 -27.90 30.35 21.60
N GLY B 289 -26.72 30.20 21.02
CA GLY B 289 -25.50 30.10 21.81
C GLY B 289 -24.29 29.73 20.99
N HIS B 290 -23.12 29.77 21.64
CA HIS B 290 -21.86 29.47 20.99
C HIS B 290 -21.18 28.31 21.68
N ARG B 291 -21.00 27.22 20.94
CA ARG B 291 -20.45 25.98 21.49
C ARG B 291 -21.38 25.44 22.58
N LEU B 292 -22.67 25.58 22.35
CA LEU B 292 -23.68 24.99 23.23
C LEU B 292 -23.64 23.49 23.12
N GLN B 293 -23.90 23.00 21.91
CA GLN B 293 -24.07 21.58 21.65
C GLN B 293 -22.88 20.75 22.13
N ASN B 294 -21.68 21.30 22.00
CA ASN B 294 -20.47 20.51 22.20
C ASN B 294 -19.71 20.79 23.50
N VAL B 295 -20.10 21.82 24.22
CA VAL B 295 -19.46 22.13 25.51
C VAL B 295 -20.46 22.50 26.60
N TYR B 296 -21.08 23.67 26.45
CA TYR B 296 -21.82 24.29 27.53
C TYR B 296 -23.14 23.61 27.90
N LEU B 297 -23.87 23.08 26.93
CA LEU B 297 -25.06 22.30 27.26
C LEU B 297 -24.69 21.08 28.09
N ASP B 298 -23.53 20.50 27.79
CA ASP B 298 -23.05 19.33 28.51
C ASP B 298 -22.75 19.70 29.95
N VAL B 299 -22.03 20.80 30.15
CA VAL B 299 -21.70 21.26 31.49
C VAL B 299 -22.99 21.48 32.28
N LEU B 300 -23.82 22.38 31.78
CA LEU B 300 -25.12 22.69 32.38
C LEU B 300 -25.89 21.45 32.84
N ALA B 301 -25.95 20.44 31.97
CA ALA B 301 -26.67 19.21 32.28
C ALA B 301 -26.07 18.50 33.49
N HIS B 302 -24.76 18.24 33.44
CA HIS B 302 -24.08 17.55 34.53
C HIS B 302 -24.24 18.27 35.87
N ARG B 303 -24.13 19.59 35.86
CA ARG B 303 -24.27 20.41 37.06
C ARG B 303 -25.66 20.26 37.66
N MET B 304 -26.69 20.34 36.82
CA MET B 304 -28.05 20.19 37.29
C MET B 304 -28.26 18.80 37.86
N HIS B 305 -27.55 17.82 37.30
CA HIS B 305 -27.62 16.45 37.82
C HIS B 305 -26.93 16.31 39.17
N ASP B 306 -25.80 17.00 39.34
CA ASP B 306 -24.99 16.87 40.55
C ASP B 306 -25.63 17.61 41.72
N LEU B 307 -26.15 18.81 41.44
CA LEU B 307 -26.76 19.63 42.46
C LEU B 307 -28.19 19.17 42.73
N ASN B 308 -28.63 18.17 41.96
CA ASN B 308 -29.93 17.54 42.16
C ASN B 308 -31.08 18.52 41.94
N ILE B 309 -31.01 19.29 40.86
CA ILE B 309 -32.10 20.18 40.50
C ILE B 309 -33.27 19.35 40.00
N PRO B 310 -34.49 19.65 40.47
CA PRO B 310 -35.70 18.94 40.05
C PRO B 310 -36.27 19.47 38.73
N THR B 311 -36.10 20.76 38.48
CA THR B 311 -36.67 21.40 37.30
C THR B 311 -35.68 21.48 36.14
N PHE B 312 -34.86 20.45 35.98
CA PHE B 312 -33.84 20.44 34.94
C PHE B 312 -34.45 20.33 33.54
N SER B 313 -35.53 19.56 33.42
CA SER B 313 -36.16 19.32 32.13
C SER B 313 -36.66 20.61 31.48
N SER B 314 -36.70 21.69 32.24
CA SER B 314 -37.10 22.99 31.72
C SER B 314 -36.31 23.32 30.46
N ILE B 315 -35.09 22.80 30.37
CA ILE B 315 -34.26 23.03 29.20
C ILE B 315 -35.01 22.60 27.93
N GLY B 316 -35.81 21.55 28.05
CA GLY B 316 -36.64 21.08 26.95
C GLY B 316 -38.09 21.49 27.13
N ARG B 317 -38.99 20.80 26.44
CA ARG B 317 -40.42 21.06 26.58
C ARG B 317 -41.18 19.85 27.14
N ARG B 318 -40.49 18.72 27.28
CA ARG B 318 -41.11 17.56 27.89
C ARG B 318 -40.75 17.51 29.37
N LEU B 319 -41.76 17.32 30.22
CA LEU B 319 -41.54 17.32 31.66
C LEU B 319 -41.04 15.98 32.15
N ARG B 320 -39.75 15.93 32.48
CA ARG B 320 -39.14 14.76 33.08
C ARG B 320 -38.94 14.98 34.56
N ARG B 321 -39.43 14.04 35.37
CA ARG B 321 -39.28 14.11 36.82
C ARG B 321 -37.98 13.44 37.25
N THR B 322 -37.50 12.51 36.43
CA THR B 322 -36.31 11.74 36.75
C THR B 322 -35.25 11.83 35.65
N TRP B 323 -33.99 11.71 36.04
CA TRP B 323 -32.88 11.72 35.08
C TRP B 323 -32.70 10.36 34.42
N PRO B 324 -32.37 10.34 33.13
CA PRO B 324 -32.01 9.08 32.47
C PRO B 324 -30.92 8.35 33.25
N GLU B 325 -31.21 7.14 33.71
CA GLU B 325 -30.30 6.41 34.58
C GLU B 325 -28.90 6.24 33.98
N LYS B 326 -28.83 6.21 32.65
CA LYS B 326 -27.55 6.01 31.97
C LYS B 326 -26.73 7.30 31.92
N PHE B 327 -27.25 8.38 32.50
CA PHE B 327 -26.59 9.67 32.47
C PHE B 327 -25.52 9.75 33.56
N GLY B 328 -24.28 9.97 33.15
CA GLY B 328 -23.18 10.08 34.08
C GLY B 328 -21.94 9.35 33.61
N ASN B 333 -19.64 8.54 26.26
CA ASN B 333 -19.89 9.59 25.28
C ASN B 333 -21.30 9.52 24.72
N MET B 334 -22.23 8.99 25.51
CA MET B 334 -23.62 8.88 25.11
C MET B 334 -24.38 10.14 25.52
N ASN B 335 -23.69 11.04 26.23
CA ASN B 335 -24.28 12.29 26.67
C ASN B 335 -24.84 13.11 25.51
N HIS B 336 -24.39 12.80 24.30
CA HIS B 336 -24.89 13.50 23.12
C HIS B 336 -26.39 13.29 23.01
N PHE B 337 -26.78 12.04 22.75
CA PHE B 337 -28.19 11.71 22.59
C PHE B 337 -29.03 12.07 23.80
N PHE B 338 -28.51 11.80 25.00
CA PHE B 338 -29.22 12.10 26.23
C PHE B 338 -29.61 13.58 26.34
N ILE B 339 -28.63 14.47 26.19
CA ILE B 339 -28.87 15.90 26.27
C ILE B 339 -29.84 16.34 25.17
N SER B 340 -29.67 15.78 23.97
CA SER B 340 -30.52 16.11 22.84
C SER B 340 -31.98 15.77 23.12
N ASP B 341 -32.20 14.65 23.79
CA ASP B 341 -33.55 14.19 24.12
C ASP B 341 -34.18 15.07 25.19
N ILE B 342 -33.37 15.41 26.18
CA ILE B 342 -33.82 16.27 27.28
C ILE B 342 -34.19 17.64 26.75
N CYS B 343 -33.53 18.07 25.68
CA CYS B 343 -33.82 19.37 25.06
C CYS B 343 -34.97 19.27 24.05
N SER B 344 -35.44 18.05 23.80
CA SER B 344 -36.53 17.83 22.87
C SER B 344 -37.63 18.88 23.10
N GLY B 345 -37.88 19.70 22.08
CA GLY B 345 -38.89 20.72 22.16
C GLY B 345 -38.33 22.10 21.83
N ARG B 346 -37.10 22.35 22.25
CA ARG B 346 -36.43 23.61 21.96
C ARG B 346 -35.28 23.35 21.01
N LEU B 347 -35.26 24.09 19.90
CA LEU B 347 -34.24 23.93 18.89
C LEU B 347 -32.93 24.49 19.40
N ILE B 348 -31.85 23.72 19.28
CA ILE B 348 -30.54 24.19 19.71
C ILE B 348 -29.80 24.84 18.55
N CYS B 349 -29.73 26.17 18.59
CA CYS B 349 -29.13 26.95 17.51
C CYS B 349 -27.68 27.32 17.85
N ASP B 350 -26.81 26.32 17.81
CA ASP B 350 -25.38 26.53 18.11
C ASP B 350 -24.67 27.03 16.85
N ILE B 351 -24.10 28.23 16.94
CA ILE B 351 -23.46 28.85 15.79
C ILE B 351 -22.06 28.32 15.52
N ALA B 352 -21.52 27.53 16.45
CA ALA B 352 -20.16 27.02 16.30
C ALA B 352 -20.09 25.50 16.13
N ASN B 353 -21.24 24.85 15.97
CA ASN B 353 -21.26 23.41 15.68
C ASN B 353 -21.05 23.17 14.18
N GLU B 354 -21.25 21.93 13.74
CA GLU B 354 -21.01 21.58 12.35
C GLU B 354 -21.83 22.44 11.39
N MET B 355 -23.12 22.59 11.68
CA MET B 355 -24.03 23.33 10.81
C MET B 355 -23.58 24.79 10.71
N GLY B 356 -23.25 25.39 11.85
CA GLY B 356 -22.78 26.76 11.88
C GLY B 356 -21.46 26.91 11.14
N GLN B 357 -20.54 25.99 11.42
CA GLN B 357 -19.22 26.01 10.79
C GLN B 357 -19.30 25.91 9.27
N SER B 358 -20.29 25.16 8.78
CA SER B 358 -20.43 24.96 7.35
C SER B 358 -20.93 26.22 6.63
N LEU B 359 -21.47 27.16 7.39
CA LEU B 359 -21.95 28.42 6.83
C LEU B 359 -20.89 29.52 6.96
N THR B 360 -19.82 29.21 7.68
CA THR B 360 -18.79 30.19 7.98
C THR B 360 -17.40 29.60 7.78
N PRO B 361 -17.11 29.18 6.54
CA PRO B 361 -15.84 28.51 6.21
C PRO B 361 -14.64 29.45 6.25
N LYS B 362 -14.88 30.74 6.39
CA LYS B 362 -13.81 31.73 6.40
C LYS B 362 -13.10 31.76 7.76
N CYS B 363 -13.65 31.02 8.73
CA CYS B 363 -13.08 30.99 10.07
C CYS B 363 -12.01 29.93 10.18
N GLN B 364 -11.04 30.17 11.06
CA GLN B 364 -9.94 29.23 11.26
C GLN B 364 -10.07 28.49 12.58
N SER B 365 -10.74 29.13 13.54
CA SER B 365 -10.96 28.52 14.87
C SER B 365 -12.43 28.54 15.28
N TRP B 366 -13.20 29.44 14.69
CA TRP B 366 -14.61 29.62 15.05
C TRP B 366 -14.78 30.08 16.50
N ASP B 367 -13.76 30.76 17.03
CA ASP B 367 -13.87 31.43 18.32
C ASP B 367 -14.92 32.54 18.20
N LEU B 368 -15.65 32.78 19.27
CA LEU B 368 -16.77 33.72 19.22
C LEU B 368 -16.36 35.07 18.65
N SER B 369 -15.20 35.56 19.06
CA SER B 369 -14.71 36.85 18.60
C SER B 369 -14.40 36.82 17.10
N GLU B 370 -13.81 35.72 16.64
CA GLU B 370 -13.47 35.57 15.24
C GLU B 370 -14.73 35.48 14.38
N MET B 371 -15.71 34.74 14.86
CA MET B 371 -16.97 34.59 14.14
C MET B 371 -17.65 35.94 14.00
N TYR B 372 -17.58 36.75 15.05
CA TYR B 372 -18.14 38.10 15.03
C TYR B 372 -17.47 38.96 13.96
N GLN B 373 -16.14 38.94 13.95
CA GLN B 373 -15.37 39.71 12.98
C GLN B 373 -15.72 39.32 11.54
N VAL B 374 -15.78 38.02 11.28
CA VAL B 374 -15.94 37.51 9.93
C VAL B 374 -17.33 37.77 9.36
N THR B 375 -18.36 37.45 10.14
CA THR B 375 -19.73 37.49 9.65
C THR B 375 -20.35 38.88 9.79
N CYS B 376 -19.92 39.64 10.79
CA CYS B 376 -20.51 40.95 11.06
C CYS B 376 -19.52 42.09 10.81
N GLU B 377 -18.28 41.75 10.49
CA GLU B 377 -17.25 42.75 10.17
C GLU B 377 -16.96 43.68 11.36
N LYS B 378 -17.42 43.31 12.54
CA LYS B 378 -17.20 44.12 13.74
C LYS B 378 -16.14 43.50 14.64
N GLU B 379 -15.21 44.32 15.11
CA GLU B 379 -14.12 43.84 15.97
C GLU B 379 -14.50 43.90 17.44
N HIS B 380 -14.26 42.78 18.14
CA HIS B 380 -14.43 42.73 19.59
C HIS B 380 -13.20 42.10 20.22
N LYS B 381 -12.56 42.84 21.13
CA LYS B 381 -11.37 42.34 21.80
C LYS B 381 -11.77 41.47 22.99
N PRO B 382 -11.63 40.14 22.85
CA PRO B 382 -12.05 39.22 23.91
C PRO B 382 -11.20 39.34 25.16
N LEU B 383 -11.80 39.13 26.33
CA LEU B 383 -11.08 39.18 27.59
C LEU B 383 -11.05 37.79 28.22
N ASP B 384 -9.86 37.34 28.60
CA ASP B 384 -9.71 36.05 29.25
C ASP B 384 -10.12 36.16 30.72
N ILE B 385 -11.25 35.56 31.06
CA ILE B 385 -11.75 35.60 32.43
C ILE B 385 -11.46 34.29 33.15
N ASP B 386 -10.61 34.35 34.15
CA ASP B 386 -10.25 33.19 34.95
C ASP B 386 -10.72 33.38 36.39
N TYR B 387 -11.86 32.80 36.73
CA TYR B 387 -12.43 32.94 38.07
C TYR B 387 -11.58 32.25 39.14
N GLN B 388 -10.56 31.53 38.73
CA GLN B 388 -9.61 30.94 39.66
C GLN B 388 -8.79 32.04 40.32
N ASN B 389 -8.65 33.15 39.59
CA ASN B 389 -7.90 34.29 40.08
C ASN B 389 -8.65 35.03 41.18
N PRO B 390 -8.02 35.18 42.36
CA PRO B 390 -8.63 35.89 43.48
C PRO B 390 -9.03 37.33 43.13
N GLN B 391 -8.56 37.80 41.98
CA GLN B 391 -8.93 39.13 41.50
C GLN B 391 -10.43 39.33 41.52
N TYR B 392 -11.18 38.26 41.38
CA TYR B 392 -12.64 38.35 41.25
C TYR B 392 -13.36 38.15 42.58
N GLN B 393 -12.66 37.66 43.59
CA GLN B 393 -13.25 37.47 44.91
C GLN B 393 -13.02 38.67 45.81
N ASN B 394 -12.16 39.59 45.36
CA ASN B 394 -11.87 40.80 46.13
C ASN B 394 -12.28 42.06 45.37
N ASP B 395 -11.65 42.30 44.23
CA ASP B 395 -11.94 43.48 43.41
C ASP B 395 -13.36 43.41 42.85
N VAL B 396 -14.07 44.51 42.97
CA VAL B 396 -15.46 44.59 42.52
C VAL B 396 -15.54 44.96 41.04
N ASN B 397 -14.60 45.78 40.59
CA ASN B 397 -14.56 46.21 39.21
C ASN B 397 -14.21 45.06 38.29
N SER B 398 -13.43 44.12 38.79
CA SER B 398 -13.07 42.93 38.04
C SER B 398 -14.31 42.10 37.76
N MET B 399 -15.13 41.89 38.80
CA MET B 399 -16.34 41.09 38.66
C MET B 399 -17.27 41.72 37.63
N THR B 400 -17.52 43.03 37.77
CA THR B 400 -18.39 43.72 36.83
C THR B 400 -17.83 43.67 35.39
N MET B 401 -16.51 43.69 35.26
CA MET B 401 -15.89 43.61 33.95
C MET B 401 -16.16 42.25 33.30
N ALA B 402 -16.04 41.18 34.08
CA ALA B 402 -16.26 39.83 33.59
C ALA B 402 -17.70 39.67 33.13
N LEU B 403 -18.63 40.12 33.95
CA LEU B 403 -20.04 40.01 33.62
C LEU B 403 -20.31 40.72 32.30
N GLN B 404 -19.78 41.94 32.16
CA GLN B 404 -19.94 42.70 30.92
C GLN B 404 -19.43 41.89 29.73
N GLU B 405 -18.29 41.24 29.89
CA GLU B 405 -17.75 40.39 28.84
C GLU B 405 -18.76 39.31 28.47
N ASN B 406 -19.43 38.76 29.48
CA ASN B 406 -20.40 37.71 29.26
C ASN B 406 -21.67 38.21 28.56
N ILE B 407 -22.07 39.44 28.86
CA ILE B 407 -23.25 40.02 28.22
C ILE B 407 -22.97 40.19 26.75
N THR B 408 -21.85 40.84 26.46
CA THR B 408 -21.43 41.14 25.10
C THR B 408 -21.29 39.84 24.30
N ASN B 409 -20.76 38.81 24.93
CA ASN B 409 -20.62 37.51 24.29
C ASN B 409 -21.98 36.93 23.90
N CYS B 410 -22.93 36.99 24.82
CA CYS B 410 -24.28 36.48 24.56
C CYS B 410 -24.94 37.25 23.41
N MET B 411 -24.73 38.56 23.41
CA MET B 411 -25.34 39.45 22.43
C MET B 411 -24.74 39.14 21.06
N ILE B 412 -23.45 38.81 21.06
CA ILE B 412 -22.72 38.50 19.83
C ILE B 412 -23.19 37.18 19.25
N SER B 413 -23.39 36.19 20.12
CA SER B 413 -23.86 34.89 19.70
C SER B 413 -25.17 35.06 18.94
N ALA B 414 -26.11 35.78 19.56
CA ALA B 414 -27.41 36.02 18.93
C ALA B 414 -27.31 36.76 17.60
N GLU B 415 -26.57 37.86 17.59
CA GLU B 415 -26.46 38.70 16.40
C GLU B 415 -25.92 37.91 15.22
N VAL B 416 -24.78 37.26 15.44
CA VAL B 416 -24.17 36.39 14.44
C VAL B 416 -25.16 35.31 13.98
N SER B 417 -25.91 34.75 14.92
CA SER B 417 -26.88 33.72 14.60
C SER B 417 -27.84 34.20 13.52
N TYR B 418 -28.42 35.38 13.73
CA TYR B 418 -29.35 35.95 12.76
C TYR B 418 -28.62 36.42 11.51
N ARG B 419 -27.36 36.81 11.67
CA ARG B 419 -26.61 37.39 10.56
C ARG B 419 -26.34 36.36 9.46
N ILE B 420 -26.01 35.14 9.88
CA ILE B 420 -25.73 34.07 8.93
C ILE B 420 -26.98 33.30 8.54
N GLN B 421 -28.13 33.76 9.03
CA GLN B 421 -29.41 33.16 8.69
C GLN B 421 -29.46 31.68 9.05
N LEU B 422 -28.82 31.32 10.16
CA LEU B 422 -28.73 29.93 10.58
C LEU B 422 -30.12 29.27 10.63
N LEU B 423 -31.10 29.97 11.18
CA LEU B 423 -32.42 29.40 11.39
C LEU B 423 -33.21 29.31 10.09
N THR B 424 -33.13 30.36 9.28
CA THR B 424 -33.87 30.40 8.03
C THR B 424 -33.33 29.35 7.07
N LEU B 425 -32.00 29.34 6.89
CA LEU B 425 -31.36 28.37 6.01
C LEU B 425 -31.66 26.95 6.45
N THR B 426 -31.40 26.62 7.71
CA THR B 426 -31.64 25.26 8.18
C THR B 426 -33.09 24.83 7.98
N LYS B 427 -34.04 25.72 8.23
CA LYS B 427 -35.45 25.36 8.07
C LYS B 427 -35.74 24.99 6.62
N GLN B 428 -35.29 25.83 5.70
CA GLN B 428 -35.54 25.62 4.29
C GLN B 428 -34.99 24.26 3.86
N LEU B 429 -33.74 23.98 4.24
CA LEU B 429 -33.11 22.71 3.95
C LEU B 429 -33.92 21.55 4.53
N THR B 430 -34.51 21.77 5.70
CA THR B 430 -35.28 20.72 6.37
C THR B 430 -36.58 20.44 5.64
N ASN B 431 -37.19 21.48 5.07
CA ASN B 431 -38.43 21.31 4.31
C ASN B 431 -38.12 20.65 2.98
N LEU B 432 -36.93 20.92 2.47
CA LEU B 432 -36.47 20.32 1.23
C LEU B 432 -36.22 18.83 1.44
N ALA B 433 -35.63 18.49 2.58
CA ALA B 433 -35.25 17.11 2.88
C ALA B 433 -36.44 16.31 3.42
N GLY B 434 -37.27 16.95 4.22
CA GLY B 434 -38.40 16.28 4.84
C GLY B 434 -38.05 15.59 6.14
N ASN B 435 -36.94 15.99 6.76
CA ASN B 435 -36.55 15.46 8.06
C ASN B 435 -36.99 16.41 9.18
N ALA B 436 -36.29 16.38 10.30
CA ALA B 436 -36.62 17.23 11.45
C ALA B 436 -35.70 18.44 11.54
N TRP B 437 -36.23 19.57 11.96
CA TRP B 437 -35.47 20.82 12.03
C TRP B 437 -34.26 20.69 12.94
N ALA B 438 -34.46 20.06 14.10
CA ALA B 438 -33.36 19.86 15.04
C ALA B 438 -32.21 19.13 14.38
N GLN B 439 -32.51 17.99 13.77
CA GLN B 439 -31.50 17.15 13.13
C GLN B 439 -30.67 17.96 12.13
N THR B 440 -31.34 18.77 11.33
CA THR B 440 -30.66 19.63 10.37
C THR B 440 -29.78 20.64 11.08
N LEU B 441 -30.25 21.16 12.20
CA LEU B 441 -29.51 22.15 12.96
C LEU B 441 -28.29 21.52 13.63
N GLY B 442 -28.33 20.20 13.79
CA GLY B 442 -27.18 19.47 14.29
C GLY B 442 -26.01 19.50 13.33
N GLY B 443 -26.29 19.59 12.04
CA GLY B 443 -25.26 19.64 11.02
C GLY B 443 -25.18 18.37 10.19
N THR B 444 -26.26 17.60 10.18
CA THR B 444 -26.31 16.36 9.44
C THR B 444 -26.44 16.62 7.94
N ARG B 445 -25.94 15.68 7.16
CA ARG B 445 -26.15 15.66 5.72
C ARG B 445 -26.66 14.29 5.31
N ALA B 446 -26.17 13.26 5.98
CA ALA B 446 -26.67 11.90 5.79
C ALA B 446 -28.16 11.82 6.10
N GLY B 447 -28.59 12.60 7.10
CA GLY B 447 -29.99 12.64 7.48
C GLY B 447 -30.87 13.31 6.45
N ARG B 448 -30.38 14.41 5.89
CA ARG B 448 -31.17 15.17 4.91
C ARG B 448 -31.26 14.41 3.59
N ASN B 449 -30.19 13.69 3.25
CA ASN B 449 -30.20 12.85 2.07
C ASN B 449 -31.14 11.66 2.29
N GLU B 450 -31.01 11.04 3.45
CA GLU B 450 -31.80 9.86 3.78
C GLU B 450 -33.29 10.18 3.63
N TYR B 451 -33.71 11.29 4.22
CA TYR B 451 -35.13 11.62 4.25
C TYR B 451 -35.67 12.14 2.92
N ILE B 452 -34.89 12.94 2.19
CA ILE B 452 -35.37 13.40 0.90
C ILE B 452 -35.62 12.18 0.01
N LEU B 453 -34.74 11.19 0.10
CA LEU B 453 -34.91 9.95 -0.65
C LEU B 453 -36.07 9.14 -0.11
N LEU B 454 -36.23 9.11 1.20
CA LEU B 454 -37.30 8.34 1.82
C LEU B 454 -38.64 8.79 1.25
N HIS B 455 -38.80 10.10 1.13
CA HIS B 455 -40.05 10.68 0.67
C HIS B 455 -40.27 10.45 -0.81
N GLU B 456 -39.31 10.83 -1.63
CA GLU B 456 -39.46 10.71 -3.08
C GLU B 456 -39.77 9.27 -3.48
N PHE B 457 -39.08 8.32 -2.86
CA PHE B 457 -39.25 6.90 -3.17
C PHE B 457 -40.58 6.34 -2.69
N SER B 458 -40.93 6.61 -1.43
CA SER B 458 -42.18 6.09 -0.87
C SER B 458 -43.39 6.63 -1.62
N ARG B 459 -43.29 7.87 -2.11
CA ARG B 459 -44.37 8.51 -2.82
C ARG B 459 -44.61 7.85 -4.18
N ASN B 460 -43.61 7.15 -4.68
CA ASN B 460 -43.69 6.53 -5.99
C ASN B 460 -43.66 5.00 -5.92
N GLY B 461 -44.33 4.47 -4.90
CA GLY B 461 -44.54 3.03 -4.77
C GLY B 461 -43.27 2.20 -4.74
N PHE B 462 -42.24 2.70 -4.07
CA PHE B 462 -41.00 1.94 -3.89
C PHE B 462 -40.84 1.48 -2.45
N ILE B 463 -40.35 0.27 -2.27
CA ILE B 463 -39.98 -0.22 -0.96
C ILE B 463 -38.65 0.43 -0.56
N VAL B 464 -38.63 1.05 0.61
CA VAL B 464 -37.40 1.69 1.08
C VAL B 464 -36.65 0.74 2.01
N PRO B 465 -35.31 0.77 1.92
CA PRO B 465 -34.46 -0.14 2.70
C PRO B 465 -34.59 0.09 4.20
N ASP B 466 -34.61 -1.00 4.96
CA ASP B 466 -34.70 -0.92 6.41
C ASP B 466 -33.40 -0.32 6.97
N LYS B 467 -33.42 0.08 8.24
CA LYS B 467 -32.22 0.59 8.90
C LYS B 467 -31.42 -0.53 9.55
N ALA B 493 -10.34 5.07 2.00
CA ALA B 493 -11.06 5.15 0.74
C ALA B 493 -11.46 3.77 0.24
N LYS B 494 -12.51 3.71 -0.58
CA LYS B 494 -13.02 2.44 -1.07
C LYS B 494 -13.24 2.43 -2.59
N TYR B 495 -13.07 3.58 -3.23
CA TYR B 495 -13.20 3.67 -4.68
C TYR B 495 -12.47 4.89 -5.22
N GLN B 496 -12.22 4.90 -6.53
CA GLN B 496 -11.43 5.96 -7.14
C GLN B 496 -12.22 7.25 -7.24
N GLY B 497 -11.54 8.37 -7.10
CA GLY B 497 -12.20 9.67 -7.03
C GLY B 497 -12.10 10.46 -8.32
N GLY B 498 -11.83 11.76 -8.20
CA GLY B 498 -11.71 12.62 -9.36
C GLY B 498 -10.33 12.52 -9.96
N LEU B 499 -10.17 13.04 -11.18
CA LEU B 499 -8.89 12.98 -11.87
C LEU B 499 -8.17 14.32 -11.71
N VAL B 500 -6.91 14.26 -11.29
CA VAL B 500 -6.10 15.46 -11.14
C VAL B 500 -4.85 15.40 -12.01
N PHE B 501 -4.73 16.33 -12.95
CA PHE B 501 -3.57 16.39 -13.83
C PHE B 501 -2.34 16.90 -13.10
N GLU B 502 -1.17 16.51 -13.59
CA GLU B 502 0.08 17.10 -13.13
C GLU B 502 0.22 18.46 -13.80
N PRO B 503 0.43 19.52 -13.00
CA PRO B 503 0.44 20.87 -13.57
C PRO B 503 1.74 21.18 -14.29
N GLU B 504 1.70 22.20 -15.15
CA GLU B 504 2.92 22.72 -15.75
C GLU B 504 3.55 23.67 -14.75
N LYS B 505 4.31 23.08 -13.83
CA LYS B 505 4.77 23.78 -12.63
C LYS B 505 5.69 24.95 -12.98
N GLY B 506 5.23 26.16 -12.66
CA GLY B 506 5.96 27.37 -12.98
C GLY B 506 5.02 28.52 -13.30
N LEU B 507 5.58 29.61 -13.80
CA LEU B 507 4.82 30.81 -14.14
C LEU B 507 4.38 30.80 -15.60
N HIS B 508 3.21 31.37 -15.87
CA HIS B 508 2.68 31.47 -17.22
C HIS B 508 2.25 32.92 -17.47
N LYS B 509 3.10 33.68 -18.13
CA LYS B 509 2.91 35.12 -18.28
C LYS B 509 1.73 35.49 -19.17
N ASN B 510 1.24 34.54 -19.97
CA ASN B 510 0.12 34.81 -20.85
C ASN B 510 -1.22 34.59 -20.15
N TYR B 511 -2.30 35.06 -20.78
CA TYR B 511 -3.65 34.94 -20.22
C TYR B 511 -4.10 33.48 -20.21
N VAL B 512 -4.50 33.00 -19.04
CA VAL B 512 -4.94 31.62 -18.87
C VAL B 512 -6.46 31.55 -18.65
N LEU B 513 -7.07 30.49 -19.15
CA LEU B 513 -8.51 30.28 -19.02
C LEU B 513 -8.81 29.08 -18.14
N VAL B 514 -9.68 29.26 -17.16
CA VAL B 514 -10.09 28.15 -16.31
C VAL B 514 -11.52 27.76 -16.64
N MET B 515 -11.67 26.68 -17.40
CA MET B 515 -12.98 26.18 -17.77
C MET B 515 -13.48 25.22 -16.70
N ASP B 516 -14.69 25.48 -16.22
CA ASP B 516 -15.28 24.72 -15.12
C ASP B 516 -16.62 24.12 -15.53
N PHE B 517 -16.93 22.95 -15.00
CA PHE B 517 -18.22 22.30 -15.21
C PHE B 517 -19.16 22.60 -14.05
N ASN B 518 -20.19 23.40 -14.31
CA ASN B 518 -21.16 23.74 -13.27
C ASN B 518 -21.81 22.50 -12.66
N SER B 519 -21.52 22.27 -11.37
CA SER B 519 -22.05 21.11 -10.67
C SER B 519 -21.77 19.83 -11.45
N LEU B 520 -20.50 19.44 -11.51
CA LEU B 520 -20.11 18.30 -12.32
C LEU B 520 -20.89 17.04 -11.97
N TYR B 521 -20.65 16.50 -10.77
CA TYR B 521 -21.25 15.22 -10.38
C TYR B 521 -22.78 15.28 -10.45
N PRO B 522 -23.40 16.28 -9.81
CA PRO B 522 -24.85 16.39 -9.86
C PRO B 522 -25.37 16.39 -11.29
N SER B 523 -24.68 17.13 -12.16
CA SER B 523 -25.07 17.21 -13.57
C SER B 523 -24.90 15.87 -14.28
N ILE B 524 -23.87 15.12 -13.89
CA ILE B 524 -23.60 13.82 -14.49
C ILE B 524 -24.75 12.87 -14.20
N ILE B 525 -25.19 12.86 -12.95
CA ILE B 525 -26.29 12.00 -12.53
C ILE B 525 -27.47 12.14 -13.49
N GLN B 526 -27.78 13.38 -13.84
CA GLN B 526 -28.90 13.69 -14.72
C GLN B 526 -28.59 13.29 -16.15
N GLU B 527 -27.37 13.60 -16.59
CA GLU B 527 -26.93 13.34 -17.95
C GLU B 527 -27.14 11.88 -18.32
N PHE B 528 -26.43 11.01 -17.60
CA PHE B 528 -26.43 9.59 -17.91
C PHE B 528 -27.51 8.87 -17.12
N ASN B 529 -28.28 9.64 -16.35
CA ASN B 529 -29.41 9.10 -15.62
C ASN B 529 -29.03 7.98 -14.65
N ILE B 530 -28.06 8.27 -13.79
CA ILE B 530 -27.62 7.30 -12.79
C ILE B 530 -28.56 7.30 -11.60
N CYS B 531 -29.12 6.14 -11.29
CA CYS B 531 -30.06 6.01 -10.18
C CYS B 531 -30.18 4.58 -9.68
N PHE B 532 -30.70 4.43 -8.47
CA PHE B 532 -30.94 3.11 -7.89
C PHE B 532 -31.90 2.32 -8.77
N THR B 533 -32.83 3.04 -9.38
CA THR B 533 -33.90 2.42 -10.14
C THR B 533 -33.54 2.15 -11.60
N THR B 534 -32.49 2.80 -12.10
CA THR B 534 -32.21 2.74 -13.54
C THR B 534 -30.90 2.04 -13.88
N VAL B 535 -29.94 2.02 -12.96
CA VAL B 535 -28.66 1.38 -13.25
C VAL B 535 -28.66 -0.10 -12.85
N ASP B 536 -28.33 -0.95 -13.81
CA ASP B 536 -28.23 -2.38 -13.59
C ASP B 536 -26.86 -2.65 -12.97
N ARG B 537 -26.84 -3.24 -11.78
CA ARG B 537 -25.58 -3.50 -11.10
C ARG B 537 -25.62 -4.82 -10.34
N ASN B 538 -24.47 -5.49 -10.28
CA ASN B 538 -24.39 -6.79 -9.62
C ASN B 538 -24.38 -6.65 -8.11
N LYS B 539 -25.48 -7.05 -7.49
CA LYS B 539 -25.65 -6.92 -6.06
C LYS B 539 -24.93 -8.05 -5.31
N GLU B 540 -24.16 -8.86 -6.02
CA GLU B 540 -23.32 -9.88 -5.40
C GLU B 540 -21.89 -9.38 -5.30
N ASP B 541 -21.58 -8.28 -5.98
CA ASP B 541 -20.27 -7.65 -5.89
C ASP B 541 -20.42 -6.15 -6.08
N ILE B 542 -20.27 -5.42 -4.97
CA ILE B 542 -20.43 -3.96 -4.99
C ILE B 542 -19.21 -3.27 -5.57
N ASP B 543 -18.15 -4.05 -5.80
CA ASP B 543 -16.93 -3.50 -6.39
C ASP B 543 -16.90 -3.66 -7.90
N GLU B 544 -17.98 -4.18 -8.46
CA GLU B 544 -18.08 -4.33 -9.91
C GLU B 544 -18.72 -3.09 -10.53
N LEU B 545 -17.93 -2.34 -11.29
CA LEU B 545 -18.41 -1.11 -11.91
C LEU B 545 -19.57 -1.40 -12.85
N PRO B 546 -20.73 -0.79 -12.59
CA PRO B 546 -21.88 -0.94 -13.49
C PRO B 546 -21.79 0.02 -14.67
N SER B 547 -22.86 0.12 -15.46
CA SER B 547 -22.83 0.94 -16.67
C SER B 547 -24.11 1.74 -16.85
N VAL B 548 -23.95 2.95 -17.39
CA VAL B 548 -25.06 3.83 -17.71
C VAL B 548 -26.19 3.08 -18.40
N PRO B 549 -27.45 3.45 -18.08
CA PRO B 549 -28.61 2.87 -18.77
C PRO B 549 -28.87 3.56 -20.10
N PRO B 550 -29.49 2.84 -21.05
CA PRO B 550 -29.78 3.39 -22.38
C PRO B 550 -30.80 4.52 -22.35
N SER B 551 -30.80 5.35 -23.39
CA SER B 551 -31.67 6.52 -23.46
C SER B 551 -33.14 6.13 -23.37
N GLU B 552 -33.45 4.87 -23.65
CA GLU B 552 -34.81 4.37 -23.61
C GLU B 552 -35.40 4.50 -22.20
N VAL B 553 -34.56 4.34 -21.19
CA VAL B 553 -35.01 4.32 -19.80
C VAL B 553 -35.43 5.72 -19.34
N ASP B 554 -36.55 5.78 -18.63
CA ASP B 554 -37.08 7.05 -18.14
C ASP B 554 -36.28 7.56 -16.96
N GLN B 555 -36.28 8.87 -16.78
CA GLN B 555 -35.51 9.52 -15.72
C GLN B 555 -35.85 8.97 -14.35
N GLY B 556 -34.83 8.55 -13.61
CA GLY B 556 -35.01 7.97 -12.29
C GLY B 556 -35.30 8.98 -11.20
N VAL B 557 -35.31 8.50 -9.96
CA VAL B 557 -35.60 9.33 -8.79
C VAL B 557 -34.46 10.30 -8.46
N LEU B 558 -33.25 9.76 -8.36
CA LEU B 558 -32.11 10.52 -7.89
C LEU B 558 -31.78 11.70 -8.79
N PRO B 559 -31.86 11.50 -10.12
CA PRO B 559 -31.59 12.59 -11.06
C PRO B 559 -32.68 13.67 -11.01
N ARG B 560 -33.91 13.27 -10.72
CA ARG B 560 -35.03 14.20 -10.62
C ARG B 560 -34.83 15.15 -9.43
N LEU B 561 -34.53 14.58 -8.27
CA LEU B 561 -34.33 15.38 -7.07
C LEU B 561 -33.12 16.31 -7.26
N LEU B 562 -32.05 15.75 -7.81
CA LEU B 562 -30.85 16.53 -8.07
C LEU B 562 -31.15 17.63 -9.09
N ALA B 563 -32.08 17.35 -10.00
CA ALA B 563 -32.49 18.34 -10.98
C ALA B 563 -33.05 19.56 -10.26
N ASN B 564 -34.04 19.31 -9.40
CA ASN B 564 -34.64 20.40 -8.63
C ASN B 564 -33.61 21.16 -7.80
N LEU B 565 -32.64 20.44 -7.26
CA LEU B 565 -31.60 21.07 -6.44
C LEU B 565 -30.72 22.05 -7.22
N VAL B 566 -30.28 21.64 -8.40
CA VAL B 566 -29.43 22.50 -9.22
C VAL B 566 -30.24 23.69 -9.73
N ASP B 567 -31.52 23.48 -9.97
CA ASP B 567 -32.41 24.56 -10.38
C ASP B 567 -32.48 25.63 -9.28
N ARG B 568 -32.63 25.19 -8.04
CA ARG B 568 -32.70 26.11 -6.92
C ARG B 568 -31.40 26.92 -6.81
N ARG B 569 -30.27 26.25 -6.89
CA ARG B 569 -28.99 26.95 -6.79
C ARG B 569 -28.78 27.92 -7.94
N ARG B 570 -29.32 27.57 -9.11
CA ARG B 570 -29.25 28.44 -10.27
C ARG B 570 -30.03 29.72 -10.00
N GLU B 571 -31.21 29.58 -9.41
CA GLU B 571 -32.09 30.70 -9.13
C GLU B 571 -31.49 31.63 -8.07
N VAL B 572 -30.80 31.04 -7.09
CA VAL B 572 -30.19 31.83 -6.02
C VAL B 572 -28.98 32.59 -6.55
N LYS B 573 -28.23 31.95 -7.44
CA LYS B 573 -27.10 32.62 -8.09
C LYS B 573 -27.59 33.69 -9.05
N LYS B 574 -28.80 33.52 -9.57
CA LYS B 574 -29.43 34.53 -10.39
C LYS B 574 -29.72 35.78 -9.57
N VAL B 575 -30.32 35.59 -8.40
CA VAL B 575 -30.62 36.70 -7.51
C VAL B 575 -29.36 37.37 -6.99
N MET B 576 -28.31 36.58 -6.80
CA MET B 576 -27.04 37.11 -6.28
C MET B 576 -26.38 38.05 -7.29
N LYS B 577 -26.67 37.86 -8.57
CA LYS B 577 -26.04 38.66 -9.62
C LYS B 577 -26.68 40.05 -9.75
N THR B 578 -27.89 40.20 -9.24
CA THR B 578 -28.58 41.48 -9.29
C THR B 578 -29.02 41.95 -7.91
N GLU B 579 -28.11 41.81 -6.94
CA GLU B 579 -28.36 42.31 -5.58
C GLU B 579 -27.44 43.49 -5.29
N THR B 580 -28.04 44.60 -4.90
CA THR B 580 -27.31 45.83 -4.63
C THR B 580 -26.60 45.77 -3.26
N ASP B 581 -27.35 45.39 -2.23
CA ASP B 581 -26.81 45.32 -0.88
C ASP B 581 -25.67 44.31 -0.81
N PRO B 582 -24.54 44.70 -0.19
CA PRO B 582 -23.42 43.77 -0.03
C PRO B 582 -23.71 42.69 1.00
N HIS B 583 -24.46 43.05 2.02
CA HIS B 583 -24.81 42.11 3.09
C HIS B 583 -25.74 41.03 2.57
N LYS B 584 -26.72 41.43 1.77
CA LYS B 584 -27.67 40.48 1.20
C LYS B 584 -26.99 39.57 0.19
N ARG B 585 -25.99 40.09 -0.51
CA ARG B 585 -25.28 39.30 -1.52
C ARG B 585 -24.44 38.22 -0.84
N VAL B 586 -23.78 38.57 0.25
CA VAL B 586 -23.07 37.59 1.05
C VAL B 586 -24.04 36.52 1.55
N GLN B 587 -25.20 36.98 2.02
CA GLN B 587 -26.24 36.08 2.52
C GLN B 587 -26.72 35.14 1.41
N CYS B 588 -26.68 35.61 0.17
CA CYS B 588 -27.02 34.78 -0.97
C CYS B 588 -25.89 33.80 -1.32
N ASP B 589 -24.65 34.22 -1.11
CA ASP B 589 -23.49 33.38 -1.40
C ASP B 589 -23.49 32.15 -0.49
N ILE B 590 -23.84 32.36 0.78
CA ILE B 590 -23.94 31.26 1.72
C ILE B 590 -25.06 30.31 1.30
N ARG B 591 -26.18 30.88 0.86
CA ARG B 591 -27.35 30.09 0.50
C ARG B 591 -27.08 29.19 -0.70
N GLN B 592 -26.36 29.71 -1.69
CA GLN B 592 -26.08 28.93 -2.89
C GLN B 592 -25.02 27.87 -2.66
N GLN B 593 -24.00 28.17 -1.85
CA GLN B 593 -23.00 27.17 -1.53
C GLN B 593 -23.49 26.20 -0.44
N ALA B 594 -24.61 26.54 0.20
CA ALA B 594 -25.27 25.61 1.11
C ALA B 594 -26.08 24.59 0.31
N LEU B 595 -26.76 25.06 -0.72
CA LEU B 595 -27.48 24.18 -1.63
C LEU B 595 -26.48 23.37 -2.46
N LYS B 596 -25.29 23.94 -2.68
CA LYS B 596 -24.23 23.23 -3.36
C LYS B 596 -23.83 22.03 -2.51
N LEU B 597 -23.49 22.30 -1.25
CA LEU B 597 -23.18 21.22 -0.31
C LEU B 597 -24.25 20.13 -0.29
N THR B 598 -25.52 20.54 -0.29
CA THR B 598 -26.62 19.59 -0.28
C THR B 598 -26.56 18.63 -1.48
N ALA B 599 -26.44 19.19 -2.67
CA ALA B 599 -26.45 18.38 -3.89
C ALA B 599 -25.24 17.46 -3.94
N ASN B 600 -24.08 17.98 -3.57
CA ASN B 600 -22.87 17.17 -3.52
C ASN B 600 -23.01 16.04 -2.50
N SER B 601 -23.74 16.31 -1.42
CA SER B 601 -23.94 15.32 -0.37
C SER B 601 -24.79 14.18 -0.90
N MET B 602 -25.74 14.51 -1.77
CA MET B 602 -26.53 13.47 -2.43
C MET B 602 -25.60 12.42 -3.04
N TYR B 603 -24.52 12.86 -3.68
CA TYR B 603 -23.55 11.94 -4.28
C TYR B 603 -22.71 11.20 -3.23
N GLY B 604 -22.10 11.96 -2.34
CA GLY B 604 -21.20 11.40 -1.33
C GLY B 604 -21.84 10.25 -0.57
N CYS B 605 -23.13 10.39 -0.27
CA CYS B 605 -23.81 9.39 0.54
C CYS B 605 -24.02 8.09 -0.22
N LEU B 606 -23.79 8.12 -1.53
CA LEU B 606 -23.79 6.89 -2.32
C LEU B 606 -22.60 6.03 -1.91
N GLY B 607 -21.53 6.68 -1.49
CA GLY B 607 -20.32 5.98 -1.08
C GLY B 607 -20.14 5.97 0.42
N TYR B 608 -21.12 6.48 1.15
CA TYR B 608 -21.07 6.48 2.61
C TYR B 608 -21.63 5.17 3.14
N VAL B 609 -20.76 4.31 3.65
CA VAL B 609 -21.14 2.95 4.03
C VAL B 609 -22.33 2.92 5.00
N ASN B 610 -22.38 3.87 5.91
CA ASN B 610 -23.47 3.92 6.87
C ASN B 610 -24.65 4.76 6.38
N SER B 611 -24.73 4.92 5.06
CA SER B 611 -25.89 5.57 4.45
C SER B 611 -26.98 4.54 4.29
N ARG B 612 -28.21 4.93 4.58
CA ARG B 612 -29.36 4.05 4.39
C ARG B 612 -29.44 3.66 2.93
N PHE B 613 -29.06 4.60 2.06
CA PHE B 613 -29.07 4.38 0.62
C PHE B 613 -27.64 4.30 0.08
N TYR B 614 -26.85 3.42 0.69
CA TYR B 614 -25.47 3.18 0.27
C TYR B 614 -25.45 2.34 -0.99
N ALA B 615 -24.80 2.87 -2.03
CA ALA B 615 -24.70 2.17 -3.30
C ALA B 615 -23.33 2.40 -3.92
N LYS B 616 -22.33 1.70 -3.38
CA LYS B 616 -20.94 1.89 -3.78
C LYS B 616 -20.81 1.94 -5.30
N PRO B 617 -21.43 0.97 -5.99
CA PRO B 617 -21.34 0.94 -7.46
C PRO B 617 -21.75 2.25 -8.13
N LEU B 618 -22.84 2.85 -7.65
CA LEU B 618 -23.33 4.10 -8.24
C LEU B 618 -22.31 5.22 -8.09
N ALA B 619 -21.82 5.44 -6.87
CA ALA B 619 -20.80 6.46 -6.63
C ALA B 619 -19.64 6.24 -7.59
N MET B 620 -19.03 5.07 -7.45
CA MET B 620 -17.99 4.58 -8.36
C MET B 620 -18.23 5.00 -9.80
N LEU B 621 -19.47 4.81 -10.27
CA LEU B 621 -19.82 5.11 -11.65
C LEU B 621 -19.84 6.61 -11.92
N VAL B 622 -20.27 7.40 -10.94
CA VAL B 622 -20.32 8.85 -11.10
C VAL B 622 -18.91 9.39 -11.29
N THR B 623 -18.01 8.97 -10.41
CA THR B 623 -16.62 9.38 -10.48
C THR B 623 -16.01 8.90 -11.80
N ASN B 624 -16.38 7.70 -12.20
CA ASN B 624 -15.89 7.13 -13.45
C ASN B 624 -16.18 8.03 -14.65
N LYS B 625 -17.45 8.30 -14.89
CA LYS B 625 -17.86 9.15 -15.99
C LYS B 625 -17.30 10.56 -15.86
N GLY B 626 -17.06 10.99 -14.63
CA GLY B 626 -16.41 12.26 -14.39
C GLY B 626 -15.02 12.32 -14.99
N ARG B 627 -14.17 11.38 -14.59
CA ARG B 627 -12.82 11.29 -15.10
C ARG B 627 -12.84 11.23 -16.61
N GLU B 628 -13.64 10.30 -17.14
CA GLU B 628 -13.81 10.14 -18.58
C GLU B 628 -14.09 11.49 -19.25
N ILE B 629 -14.99 12.27 -18.67
CA ILE B 629 -15.37 13.56 -19.23
C ILE B 629 -14.21 14.54 -19.19
N LEU B 630 -13.41 14.48 -18.14
CA LEU B 630 -12.28 15.39 -17.99
C LEU B 630 -11.22 15.06 -19.04
N MET B 631 -11.05 13.77 -19.32
CA MET B 631 -10.12 13.33 -20.34
C MET B 631 -10.57 13.89 -21.67
N ASN B 632 -11.81 13.59 -22.05
CA ASN B 632 -12.37 14.03 -23.32
C ASN B 632 -12.28 15.55 -23.48
N THR B 633 -12.39 16.27 -22.37
CA THR B 633 -12.29 17.72 -22.41
C THR B 633 -10.86 18.17 -22.67
N ARG B 634 -9.89 17.46 -22.10
CA ARG B 634 -8.49 17.76 -22.37
C ARG B 634 -8.17 17.51 -23.84
N GLN B 635 -8.42 16.28 -24.28
CA GLN B 635 -8.19 15.86 -25.66
C GLN B 635 -8.83 16.81 -26.67
N LEU B 636 -10.05 17.27 -26.40
CA LEU B 636 -10.73 18.19 -27.31
C LEU B 636 -9.92 19.46 -27.48
N ALA B 637 -9.22 19.86 -26.43
CA ALA B 637 -8.36 21.03 -26.48
C ALA B 637 -7.05 20.71 -27.19
N GLU B 638 -6.54 19.51 -26.95
CA GLU B 638 -5.28 19.07 -27.54
C GLU B 638 -5.39 19.04 -29.06
N SER B 639 -6.58 18.69 -29.54
CA SER B 639 -6.83 18.61 -30.98
C SER B 639 -6.87 20.00 -31.60
N MET B 640 -7.20 20.99 -30.78
CA MET B 640 -7.22 22.38 -31.21
C MET B 640 -5.89 23.05 -30.88
N ASN B 641 -4.86 22.24 -30.69
CA ASN B 641 -3.51 22.73 -30.40
C ASN B 641 -3.48 23.72 -29.24
N LEU B 642 -4.34 23.50 -28.26
CA LEU B 642 -4.37 24.34 -27.07
C LEU B 642 -3.63 23.67 -25.93
N LEU B 643 -2.99 24.47 -25.09
CA LEU B 643 -2.18 23.95 -23.99
C LEU B 643 -3.00 23.73 -22.73
N VAL B 644 -3.09 22.47 -22.30
CA VAL B 644 -3.76 22.14 -21.05
C VAL B 644 -2.73 22.02 -19.93
N VAL B 645 -2.53 23.11 -19.20
CA VAL B 645 -1.46 23.18 -18.20
C VAL B 645 -1.81 22.52 -16.87
N TYR B 646 -3.10 22.40 -16.56
CA TYR B 646 -3.52 21.82 -15.28
C TYR B 646 -5.00 21.45 -15.30
N GLY B 647 -5.42 20.59 -14.37
CA GLY B 647 -6.81 20.23 -14.26
C GLY B 647 -7.11 19.54 -12.95
N ASP B 648 -8.33 19.72 -12.44
CA ASP B 648 -8.71 19.13 -11.16
C ASP B 648 -10.19 18.80 -11.08
N THR B 649 -10.51 17.53 -11.32
CA THR B 649 -11.86 17.00 -11.14
C THR B 649 -12.85 17.49 -12.21
N ASN B 650 -13.05 18.80 -12.27
CA ASN B 650 -14.05 19.36 -13.18
C ASN B 650 -13.58 20.62 -13.90
N SER B 651 -12.28 20.90 -13.83
CA SER B 651 -11.75 22.11 -14.45
C SER B 651 -10.49 21.84 -15.26
N VAL B 652 -10.28 22.67 -16.28
CA VAL B 652 -9.06 22.61 -17.08
C VAL B 652 -8.52 24.01 -17.33
N MET B 653 -7.19 24.13 -17.35
CA MET B 653 -6.55 25.43 -17.50
C MET B 653 -5.83 25.49 -18.84
N ILE B 654 -6.07 26.57 -19.59
CA ILE B 654 -5.60 26.68 -20.96
C ILE B 654 -4.72 27.91 -21.13
N ASP B 655 -3.47 27.70 -21.56
CA ASP B 655 -2.59 28.80 -21.89
C ASP B 655 -2.86 29.21 -23.33
N THR B 656 -3.54 30.35 -23.50
CA THR B 656 -3.97 30.79 -24.82
C THR B 656 -2.90 31.58 -25.55
N GLY B 657 -1.92 32.10 -24.81
CA GLY B 657 -0.83 32.85 -25.41
C GLY B 657 -1.24 34.26 -25.76
N CYS B 658 -2.23 34.78 -25.05
CA CYS B 658 -2.77 36.11 -25.34
C CYS B 658 -2.19 37.15 -24.39
N ASP B 659 -2.06 38.37 -24.87
CA ASP B 659 -1.57 39.48 -24.05
C ASP B 659 -2.73 40.34 -23.60
N ASN B 660 -3.93 40.04 -24.08
CA ASN B 660 -5.12 40.80 -23.72
C ASN B 660 -6.28 39.90 -23.33
N TYR B 661 -7.24 40.47 -22.61
CA TYR B 661 -8.37 39.72 -22.06
C TYR B 661 -9.29 39.17 -23.14
N ALA B 662 -9.89 40.05 -23.92
CA ALA B 662 -10.93 39.66 -24.87
C ALA B 662 -10.45 38.60 -25.87
N ASP B 663 -9.16 38.58 -26.16
CA ASP B 663 -8.63 37.66 -27.16
C ASP B 663 -8.63 36.24 -26.61
N ALA B 664 -8.34 36.11 -25.31
CA ALA B 664 -8.45 34.83 -24.64
C ALA B 664 -9.93 34.44 -24.57
N ILE B 665 -10.77 35.41 -24.20
CA ILE B 665 -12.20 35.20 -24.09
C ILE B 665 -12.82 34.64 -25.36
N LYS B 666 -12.29 35.06 -26.51
CA LYS B 666 -12.76 34.51 -27.78
C LYS B 666 -12.51 33.00 -27.87
N ILE B 667 -11.28 32.59 -27.55
CA ILE B 667 -10.92 31.18 -27.58
C ILE B 667 -11.69 30.41 -26.52
N GLY B 668 -12.06 31.10 -25.45
CA GLY B 668 -12.78 30.50 -24.35
C GLY B 668 -14.20 30.12 -24.75
N LEU B 669 -14.98 31.11 -25.16
CA LEU B 669 -16.35 30.91 -25.60
C LEU B 669 -16.40 29.93 -26.78
N GLY B 670 -15.38 29.96 -27.62
CA GLY B 670 -15.31 29.05 -28.74
C GLY B 670 -15.19 27.60 -28.28
N PHE B 671 -14.26 27.35 -27.37
CA PHE B 671 -14.05 26.02 -26.82
C PHE B 671 -15.27 25.54 -26.05
N LYS B 672 -15.96 26.48 -25.40
CA LYS B 672 -17.15 26.18 -24.62
C LYS B 672 -18.22 25.60 -25.53
N ARG B 673 -18.51 26.33 -26.61
CA ARG B 673 -19.52 25.90 -27.57
C ARG B 673 -19.26 24.48 -28.07
N LEU B 674 -18.00 24.12 -28.21
CA LEU B 674 -17.62 22.84 -28.82
C LEU B 674 -17.84 21.64 -27.90
N VAL B 675 -17.79 21.86 -26.60
CA VAL B 675 -17.97 20.76 -25.65
C VAL B 675 -19.44 20.63 -25.25
N ASN B 676 -20.13 21.76 -25.14
CA ASN B 676 -21.54 21.74 -24.78
C ASN B 676 -22.37 20.97 -25.81
N GLU B 677 -21.88 20.91 -27.05
CA GLU B 677 -22.56 20.17 -28.11
C GLU B 677 -22.48 18.66 -27.87
N ARG B 678 -21.48 18.23 -27.12
CA ARG B 678 -21.27 16.82 -26.85
C ARG B 678 -22.26 16.28 -25.83
N TYR B 679 -22.82 17.16 -25.01
CA TYR B 679 -23.67 16.74 -23.90
C TYR B 679 -25.05 17.41 -23.93
N ARG B 680 -26.04 16.72 -23.36
CA ARG B 680 -27.40 17.21 -23.37
C ARG B 680 -27.65 18.23 -22.25
N LEU B 681 -27.36 17.83 -21.02
CA LEU B 681 -27.53 18.70 -19.86
C LEU B 681 -26.21 19.27 -19.39
N LEU B 682 -25.20 18.40 -19.29
CA LEU B 682 -23.88 18.81 -18.84
C LEU B 682 -23.35 19.93 -19.71
N GLU B 683 -22.80 20.97 -19.08
CA GLU B 683 -22.30 22.12 -19.81
C GLU B 683 -21.09 22.75 -19.12
N ILE B 684 -20.08 23.08 -19.91
CA ILE B 684 -18.89 23.75 -19.39
C ILE B 684 -19.05 25.25 -19.55
N ASP B 685 -18.27 26.03 -18.80
CA ASP B 685 -18.32 27.48 -18.91
C ASP B 685 -16.98 28.10 -18.50
N ILE B 686 -16.86 29.41 -18.68
CA ILE B 686 -15.67 30.12 -18.26
C ILE B 686 -15.80 30.54 -16.79
N ASP B 687 -15.00 29.90 -15.94
CA ASP B 687 -15.01 30.18 -14.51
C ASP B 687 -14.24 31.46 -14.20
N ASN B 688 -12.93 31.42 -14.39
CA ASN B 688 -12.08 32.59 -14.16
C ASN B 688 -11.06 32.78 -15.28
N VAL B 689 -10.46 33.95 -15.32
CA VAL B 689 -9.40 34.25 -16.27
C VAL B 689 -8.20 34.82 -15.52
N PHE B 690 -7.03 34.25 -15.77
CA PHE B 690 -5.81 34.66 -15.07
C PHE B 690 -4.86 35.40 -16.00
N LYS B 691 -4.63 36.67 -15.73
CA LYS B 691 -3.66 37.45 -16.49
C LYS B 691 -2.29 36.82 -16.35
N LYS B 692 -2.04 36.24 -15.18
CA LYS B 692 -0.80 35.51 -14.93
C LYS B 692 -1.07 34.36 -13.97
N LEU B 693 -0.48 33.20 -14.23
CA LEU B 693 -0.69 32.03 -13.39
C LEU B 693 0.62 31.37 -12.99
N LEU B 694 0.75 31.12 -11.70
CA LEU B 694 1.92 30.50 -11.10
C LEU B 694 1.53 29.19 -10.43
N LEU B 695 1.69 28.08 -11.16
CA LEU B 695 1.40 26.76 -10.62
C LEU B 695 2.56 26.27 -9.77
N HIS B 696 2.27 25.98 -8.50
CA HIS B 696 3.29 25.47 -7.60
C HIS B 696 3.33 23.95 -7.63
N ALA B 697 2.21 23.34 -7.24
CA ALA B 697 2.09 21.89 -7.21
C ALA B 697 0.65 21.49 -7.56
N LYS B 698 0.26 20.27 -7.18
CA LYS B 698 -1.12 19.84 -7.35
C LYS B 698 -1.98 20.41 -6.24
N LYS B 699 -3.07 21.09 -6.62
CA LYS B 699 -4.01 21.64 -5.66
C LYS B 699 -3.43 22.88 -4.97
N LYS B 700 -2.32 23.39 -5.49
CA LYS B 700 -1.72 24.61 -4.94
C LYS B 700 -1.17 25.50 -6.05
N TYR B 701 -1.60 26.75 -6.05
CA TYR B 701 -1.16 27.72 -7.06
C TYR B 701 -1.69 29.11 -6.74
N ALA B 702 -1.01 30.13 -7.24
CA ALA B 702 -1.45 31.51 -7.07
C ALA B 702 -1.63 32.16 -8.44
N ALA B 703 -2.61 33.04 -8.57
CA ALA B 703 -2.87 33.68 -9.86
C ALA B 703 -3.55 35.03 -9.70
N LEU B 704 -3.64 35.77 -10.79
CA LEU B 704 -4.28 37.09 -10.78
C LEU B 704 -5.56 37.08 -11.60
N THR B 705 -6.70 37.05 -10.92
CA THR B 705 -8.00 37.00 -11.58
C THR B 705 -8.41 38.37 -12.11
N VAL B 706 -8.97 38.38 -13.31
CA VAL B 706 -9.45 39.61 -13.93
C VAL B 706 -10.96 39.75 -13.72
N ASN B 707 -11.37 40.75 -12.95
CA ASN B 707 -12.78 40.99 -12.67
C ASN B 707 -13.31 42.23 -13.37
N LEU B 708 -14.28 42.03 -14.26
CA LEU B 708 -14.90 43.14 -14.98
C LEU B 708 -15.82 43.95 -14.07
N ASP B 709 -15.95 45.24 -14.36
CA ASP B 709 -16.79 46.14 -13.58
C ASP B 709 -17.99 46.62 -14.40
N LYS B 710 -18.76 47.54 -13.83
CA LYS B 710 -19.92 48.08 -14.51
C LYS B 710 -19.56 48.74 -15.83
N ASN B 711 -18.75 49.80 -15.77
CA ASN B 711 -18.35 50.53 -16.96
C ASN B 711 -17.24 49.82 -17.75
N GLY B 712 -17.37 48.52 -17.93
CA GLY B 712 -16.38 47.73 -18.64
C GLY B 712 -14.99 47.77 -18.03
N ASN B 713 -14.85 48.41 -16.87
CA ASN B 713 -13.56 48.52 -16.21
C ASN B 713 -13.09 47.16 -15.70
N GLY B 714 -11.81 46.86 -15.91
CA GLY B 714 -11.25 45.59 -15.48
C GLY B 714 -10.18 45.78 -14.41
N THR B 715 -10.30 45.02 -13.32
CA THR B 715 -9.34 45.11 -12.23
C THR B 715 -8.70 43.75 -11.98
N THR B 716 -7.64 43.75 -11.17
CA THR B 716 -6.91 42.53 -10.86
C THR B 716 -7.03 42.19 -9.39
N VAL B 717 -7.21 40.91 -9.09
CA VAL B 717 -7.31 40.44 -7.72
C VAL B 717 -6.47 39.18 -7.52
N LEU B 718 -5.82 39.07 -6.37
CA LEU B 718 -4.97 37.92 -6.07
C LEU B 718 -5.79 36.76 -5.52
N GLU B 719 -5.84 35.66 -6.26
CA GLU B 719 -6.51 34.45 -5.80
C GLU B 719 -5.47 33.38 -5.48
N VAL B 720 -5.68 32.65 -4.40
CA VAL B 720 -4.74 31.64 -3.95
C VAL B 720 -5.44 30.33 -3.61
N LYS B 721 -4.78 29.22 -3.90
CA LYS B 721 -5.29 27.90 -3.55
C LYS B 721 -4.17 27.03 -2.99
N GLY B 722 -4.45 26.30 -1.93
CA GLY B 722 -3.53 25.30 -1.40
C GLY B 722 -2.25 25.82 -0.77
N LEU B 723 -1.80 27.00 -1.18
CA LEU B 723 -0.51 27.52 -0.75
C LEU B 723 -0.43 27.68 0.77
N ASP B 724 0.78 27.54 1.30
CA ASP B 724 1.02 27.58 2.73
C ASP B 724 0.28 28.72 3.44
N MET B 725 0.29 29.90 2.84
CA MET B 725 -0.35 31.07 3.43
C MET B 725 -1.82 30.84 3.79
N LYS B 726 -2.47 29.93 3.08
CA LYS B 726 -3.90 29.70 3.23
C LYS B 726 -4.24 28.73 4.35
N ARG B 727 -3.21 28.19 5.01
CA ARG B 727 -3.44 27.21 6.08
C ARG B 727 -3.45 27.87 7.45
N ARG B 728 -4.09 27.21 8.40
CA ARG B 728 -4.24 27.75 9.75
C ARG B 728 -2.97 27.56 10.57
N GLU B 729 -2.11 26.66 10.13
CA GLU B 729 -0.86 26.39 10.84
C GLU B 729 0.21 27.41 10.49
N PHE B 730 -0.13 28.36 9.63
CA PHE B 730 0.78 29.44 9.25
C PHE B 730 0.28 30.77 9.78
N CYS B 731 1.06 31.38 10.66
CA CYS B 731 0.67 32.60 11.36
C CYS B 731 0.33 33.75 10.42
N PRO B 732 -0.40 34.75 10.92
CA PRO B 732 -0.79 35.92 10.13
C PRO B 732 0.41 36.63 9.52
N LEU B 733 1.52 36.70 10.26
CA LEU B 733 2.75 37.27 9.73
C LEU B 733 3.15 36.56 8.44
N SER B 734 3.34 35.24 8.54
CA SER B 734 3.71 34.43 7.39
C SER B 734 2.76 34.67 6.21
N ARG B 735 1.48 34.84 6.53
CA ARG B 735 0.46 35.06 5.51
C ARG B 735 0.71 36.36 4.74
N ASP B 736 0.92 37.44 5.49
CA ASP B 736 1.13 38.76 4.91
C ASP B 736 2.38 38.78 4.04
N VAL B 737 3.44 38.15 4.53
CA VAL B 737 4.70 38.06 3.81
C VAL B 737 4.47 37.36 2.47
N SER B 738 3.78 36.23 2.52
CA SER B 738 3.52 35.43 1.33
C SER B 738 2.70 36.22 0.31
N ILE B 739 1.73 36.99 0.81
CA ILE B 739 0.84 37.75 -0.05
C ILE B 739 1.59 38.84 -0.80
N HIS B 740 2.46 39.54 -0.09
CA HIS B 740 3.26 40.61 -0.68
C HIS B 740 4.19 40.04 -1.74
N VAL B 741 4.95 39.01 -1.36
CA VAL B 741 5.87 38.33 -2.26
C VAL B 741 5.19 37.93 -3.55
N LEU B 742 3.98 37.37 -3.43
CA LEU B 742 3.22 36.92 -4.60
C LEU B 742 2.76 38.11 -5.44
N ASN B 743 2.33 39.17 -4.78
CA ASN B 743 1.82 40.35 -5.46
C ASN B 743 2.88 40.98 -6.36
N THR B 744 4.10 41.10 -5.85
CA THR B 744 5.19 41.73 -6.58
C THR B 744 5.75 40.78 -7.65
N ILE B 745 5.84 39.50 -7.32
CA ILE B 745 6.35 38.50 -8.25
C ILE B 745 5.46 38.39 -9.47
N LEU B 746 4.15 38.51 -9.26
CA LEU B 746 3.17 38.41 -10.35
C LEU B 746 2.93 39.76 -10.98
N SER B 747 3.45 40.81 -10.36
CA SER B 747 3.31 42.17 -10.88
C SER B 747 4.19 42.35 -12.12
N ASP B 748 3.75 43.23 -13.02
CA ASP B 748 4.48 43.49 -14.25
C ASP B 748 5.76 44.26 -13.96
N LYS B 749 6.75 43.56 -13.39
CA LYS B 749 8.03 44.17 -13.05
C LYS B 749 9.18 43.33 -13.60
N ASP B 750 10.24 44.01 -14.02
CA ASP B 750 11.43 43.34 -14.54
C ASP B 750 11.80 42.17 -13.64
N PRO B 751 11.90 40.95 -14.22
CA PRO B 751 12.11 39.73 -13.44
C PRO B 751 13.21 39.82 -12.39
N GLU B 752 14.40 40.29 -12.76
CA GLU B 752 15.51 40.39 -11.82
C GLU B 752 15.27 41.53 -10.84
N GLU B 753 14.49 42.51 -11.26
CA GLU B 753 14.19 43.67 -10.43
C GLU B 753 13.10 43.33 -9.42
N ALA B 754 12.14 42.51 -9.84
CA ALA B 754 11.10 42.04 -8.95
C ALA B 754 11.72 41.18 -7.87
N LEU B 755 12.56 40.23 -8.29
CA LEU B 755 13.29 39.38 -7.36
C LEU B 755 14.04 40.23 -6.36
N GLN B 756 14.75 41.25 -6.85
CA GLN B 756 15.46 42.17 -5.97
C GLN B 756 14.52 42.77 -4.93
N GLU B 757 13.37 43.26 -5.38
CA GLU B 757 12.41 43.91 -4.50
C GLU B 757 11.98 42.99 -3.37
N VAL B 758 11.80 41.72 -3.70
CA VAL B 758 11.41 40.71 -2.71
C VAL B 758 12.53 40.51 -1.68
N TYR B 759 13.75 40.32 -2.16
CA TYR B 759 14.90 40.11 -1.27
C TYR B 759 15.00 41.24 -0.25
N ASP B 760 14.87 42.48 -0.71
CA ASP B 760 14.94 43.63 0.18
C ASP B 760 13.84 43.54 1.23
N TYR B 761 12.60 43.34 0.77
CA TYR B 761 11.46 43.24 1.66
C TYR B 761 11.77 42.24 2.78
N LEU B 762 12.40 41.12 2.42
CA LEU B 762 12.71 40.07 3.39
C LEU B 762 13.84 40.48 4.33
N GLU B 763 14.79 41.25 3.82
CA GLU B 763 15.87 41.76 4.65
C GLU B 763 15.31 42.66 5.75
N ASP B 764 14.28 43.42 5.43
CA ASP B 764 13.62 44.29 6.40
C ASP B 764 12.83 43.50 7.42
N ILE B 765 12.12 42.48 6.94
CA ILE B 765 11.34 41.62 7.84
C ILE B 765 12.25 40.91 8.83
N ARG B 766 13.45 40.54 8.39
CA ARG B 766 14.41 39.87 9.26
C ARG B 766 14.71 40.71 10.50
N ILE B 767 14.95 42.01 10.28
CA ILE B 767 15.26 42.90 11.37
C ILE B 767 14.05 43.06 12.29
N LYS B 768 12.88 43.29 11.71
CA LYS B 768 11.67 43.46 12.52
C LYS B 768 11.40 42.25 13.42
N VAL B 769 11.69 41.05 12.92
CA VAL B 769 11.42 39.82 13.68
C VAL B 769 12.48 39.54 14.72
N GLU B 770 13.74 39.84 14.39
CA GLU B 770 14.86 39.55 15.27
C GLU B 770 14.85 40.46 16.49
N THR B 771 14.57 41.74 16.25
CA THR B 771 14.53 42.74 17.30
C THR B 771 13.26 42.60 18.13
N ASN B 772 12.21 42.06 17.51
CA ASN B 772 10.92 41.86 18.17
C ASN B 772 10.01 43.08 18.03
N ASN B 773 10.14 43.76 16.90
CA ASN B 773 9.33 44.94 16.60
C ASN B 773 8.03 44.59 15.88
N ILE B 774 7.39 43.51 16.29
CA ILE B 774 6.12 43.09 15.70
C ILE B 774 5.13 42.62 16.77
N ARG B 775 3.86 42.93 16.57
CA ARG B 775 2.82 42.58 17.53
C ARG B 775 2.63 41.07 17.61
N ILE B 776 2.55 40.55 18.84
CA ILE B 776 2.52 39.12 19.08
C ILE B 776 1.35 38.42 18.38
N ASP B 777 0.29 39.18 18.10
CA ASP B 777 -0.89 38.61 17.46
C ASP B 777 -0.58 38.09 16.06
N LYS B 778 0.49 38.58 15.45
CA LYS B 778 0.87 38.17 14.09
C LYS B 778 1.66 36.86 14.07
N TYR B 779 2.02 36.35 15.24
CA TYR B 779 2.78 35.11 15.33
C TYR B 779 1.91 33.89 15.59
N LYS B 780 0.64 34.11 15.88
CA LYS B 780 -0.25 33.02 16.33
C LYS B 780 -0.41 31.91 15.30
N ILE B 781 -0.43 30.68 15.78
CA ILE B 781 -0.56 29.49 14.95
C ILE B 781 -1.73 28.66 15.45
N ASN B 782 -2.58 28.21 14.52
CA ASN B 782 -3.73 27.39 14.89
C ASN B 782 -3.54 25.94 14.49
N MET B 783 -3.98 25.02 15.35
CA MET B 783 -4.00 23.60 15.00
C MET B 783 -5.07 22.83 15.75
N LYS B 784 -6.00 22.26 14.99
CA LYS B 784 -7.09 21.47 15.54
C LYS B 784 -6.65 20.06 15.89
N LEU B 785 -6.76 19.71 17.17
CA LEU B 785 -6.53 18.34 17.61
C LEU B 785 -7.78 17.51 17.38
N SER B 786 -7.70 16.55 16.46
CA SER B 786 -8.85 15.71 16.15
C SER B 786 -9.11 14.71 17.26
N LYS B 787 -8.05 14.26 17.92
CA LYS B 787 -8.17 13.36 19.07
C LYS B 787 -8.01 14.15 20.35
N ASP B 788 -8.15 13.44 21.47
CA ASP B 788 -7.88 13.99 22.78
C ASP B 788 -6.36 14.11 22.93
N PRO B 789 -5.89 15.19 23.58
CA PRO B 789 -4.44 15.40 23.76
C PRO B 789 -3.75 14.23 24.48
N LYS B 790 -4.54 13.35 25.08
CA LYS B 790 -3.99 12.15 25.72
C LYS B 790 -3.67 11.08 24.67
N ALA B 791 -4.50 11.01 23.63
CA ALA B 791 -4.39 9.98 22.62
C ALA B 791 -3.33 10.28 21.55
N TYR B 792 -2.32 11.07 21.91
CA TYR B 792 -1.22 11.38 21.00
C TYR B 792 0.09 10.80 21.51
N PRO B 793 0.50 9.64 20.97
CA PRO B 793 1.74 8.96 21.39
C PRO B 793 2.98 9.81 21.16
N GLY B 794 3.17 10.29 19.93
CA GLY B 794 4.30 11.14 19.61
C GLY B 794 4.03 12.60 19.89
N GLY B 795 3.06 12.86 20.75
CA GLY B 795 2.65 14.22 21.06
C GLY B 795 3.74 15.09 21.65
N LYS B 796 4.77 14.45 22.21
CA LYS B 796 5.89 15.16 22.80
C LYS B 796 6.56 16.11 21.81
N ASN B 797 6.54 15.73 20.53
CA ASN B 797 7.10 16.57 19.48
C ASN B 797 6.10 17.60 18.98
N MET B 798 4.82 17.24 19.02
CA MET B 798 3.74 18.11 18.56
C MET B 798 3.53 19.28 19.52
N PRO B 799 3.74 20.52 19.04
CA PRO B 799 3.58 21.69 19.90
C PRO B 799 2.14 21.90 20.34
N ALA B 800 1.20 21.84 19.40
CA ALA B 800 -0.21 22.09 19.70
C ALA B 800 -0.70 21.19 20.84
N VAL B 801 -0.15 19.98 20.92
CA VAL B 801 -0.55 19.04 21.96
C VAL B 801 -0.08 19.53 23.32
N GLN B 802 1.19 19.87 23.43
CA GLN B 802 1.75 20.35 24.68
C GLN B 802 0.99 21.57 25.18
N VAL B 803 0.63 22.45 24.24
CA VAL B 803 -0.12 23.66 24.57
C VAL B 803 -1.50 23.30 25.11
N ALA B 804 -2.14 22.31 24.49
CA ALA B 804 -3.45 21.86 24.92
C ALA B 804 -3.38 21.22 26.31
N LEU B 805 -2.24 20.59 26.61
CA LEU B 805 -2.05 19.95 27.90
C LEU B 805 -1.92 21.01 28.99
N ARG B 806 -1.17 22.07 28.69
CA ARG B 806 -1.02 23.18 29.64
C ARG B 806 -2.38 23.83 29.88
N MET B 807 -3.15 24.02 28.82
CA MET B 807 -4.48 24.61 28.92
C MET B 807 -5.35 23.81 29.89
N ARG B 808 -5.39 22.50 29.69
CA ARG B 808 -6.21 21.63 30.53
C ARG B 808 -5.78 21.69 32.00
N LYS B 809 -4.47 21.65 32.23
CA LYS B 809 -3.92 21.77 33.57
C LYS B 809 -4.39 23.07 34.21
N ALA B 810 -4.44 24.12 33.40
CA ALA B 810 -4.81 25.45 33.88
C ALA B 810 -6.28 25.52 34.27
N GLY B 811 -7.09 24.63 33.70
CA GLY B 811 -8.51 24.60 33.98
C GLY B 811 -9.37 24.95 32.77
N ARG B 812 -8.75 24.99 31.60
CA ARG B 812 -9.46 25.29 30.36
C ARG B 812 -10.04 24.01 29.75
N VAL B 813 -11.27 24.10 29.28
CA VAL B 813 -11.91 22.96 28.63
C VAL B 813 -11.32 22.73 27.24
N VAL B 814 -10.59 21.63 27.10
CA VAL B 814 -10.05 21.22 25.81
C VAL B 814 -10.41 19.77 25.55
N LYS B 815 -10.77 19.45 24.31
CA LYS B 815 -11.21 18.12 23.96
C LYS B 815 -11.02 17.86 22.47
N ALA B 816 -11.44 16.69 22.01
CA ALA B 816 -11.40 16.35 20.60
C ALA B 816 -12.13 17.42 19.81
N GLY B 817 -11.52 17.87 18.70
CA GLY B 817 -12.12 18.87 17.86
C GLY B 817 -11.64 20.28 18.19
N SER B 818 -11.07 20.45 19.37
CA SER B 818 -10.59 21.76 19.81
C SER B 818 -9.59 22.34 18.82
N VAL B 819 -9.57 23.65 18.70
CA VAL B 819 -8.55 24.35 17.94
C VAL B 819 -7.64 25.09 18.91
N ILE B 820 -6.34 24.85 18.79
CA ILE B 820 -5.37 25.43 19.72
C ILE B 820 -4.57 26.54 19.04
N THR B 821 -4.59 27.72 19.66
CA THR B 821 -3.82 28.86 19.16
C THR B 821 -2.63 29.09 20.09
N PHE B 822 -1.43 29.08 19.52
CA PHE B 822 -0.20 29.15 20.31
C PHE B 822 0.92 29.90 19.58
N VAL B 823 2.01 30.13 20.29
CA VAL B 823 3.17 30.80 19.73
C VAL B 823 4.44 30.15 20.27
N ILE B 824 5.45 30.05 19.41
CA ILE B 824 6.72 29.46 19.80
C ILE B 824 7.62 30.53 20.42
N THR B 825 7.99 30.34 21.69
CA THR B 825 8.76 31.34 22.42
C THR B 825 10.23 30.95 22.48
N LYS B 826 11.05 31.83 23.06
CA LYS B 826 12.48 31.59 23.14
C LYS B 826 12.93 31.46 24.59
N SER B 840 13.55 22.21 23.12
CA SER B 840 12.68 21.72 22.05
C SER B 840 11.65 22.76 21.68
N VAL B 841 11.18 22.71 20.43
CA VAL B 841 10.20 23.67 19.94
C VAL B 841 8.87 23.50 20.68
N ALA B 842 8.47 22.24 20.88
CA ALA B 842 7.21 21.95 21.57
C ALA B 842 7.28 22.35 23.03
N GLU B 843 8.47 22.21 23.63
CA GLU B 843 8.68 22.59 25.01
C GLU B 843 8.59 24.11 25.19
N ARG B 844 8.74 24.84 24.09
CA ARG B 844 8.77 26.30 24.13
C ARG B 844 7.50 26.93 23.55
N ALA B 845 6.53 26.10 23.18
CA ALA B 845 5.26 26.58 22.65
C ALA B 845 4.24 26.82 23.77
N HIS B 846 3.71 28.04 23.82
CA HIS B 846 2.71 28.39 24.84
C HIS B 846 1.43 28.92 24.22
N ALA B 847 0.35 28.95 25.01
CA ALA B 847 -0.94 29.44 24.51
C ALA B 847 -0.87 30.94 24.25
N LEU B 848 -1.64 31.40 23.26
CA LEU B 848 -1.61 32.80 22.85
C LEU B 848 -2.00 33.73 24.00
N ASN B 849 -3.11 33.42 24.67
CA ASN B 849 -3.58 34.25 25.78
C ASN B 849 -2.55 34.33 26.90
N GLU B 850 -1.88 33.21 27.17
CA GLU B 850 -0.83 33.15 28.18
C GLU B 850 0.38 33.97 27.76
N VAL B 851 0.61 34.04 26.45
CA VAL B 851 1.74 34.78 25.91
C VAL B 851 1.49 36.29 25.91
N MET B 852 0.25 36.68 25.65
CA MET B 852 -0.10 38.10 25.58
C MET B 852 -0.15 38.74 26.98
N ILE B 853 0.19 37.97 28.00
CA ILE B 853 0.33 38.49 29.35
C ILE B 853 1.78 38.89 29.61
N LYS B 854 2.06 40.19 29.53
CA LYS B 854 3.42 40.71 29.69
C LYS B 854 4.09 40.17 30.95
N SER B 855 3.31 40.00 32.02
CA SER B 855 3.84 39.48 33.28
C SER B 855 4.67 38.22 33.08
N ASN B 856 4.28 37.40 32.12
CA ASN B 856 4.97 36.13 31.86
C ASN B 856 6.28 36.32 31.10
N ASN B 857 6.44 37.48 30.46
CA ASN B 857 7.65 37.79 29.70
C ASN B 857 7.96 36.72 28.67
N LEU B 858 7.00 36.47 27.78
CA LEU B 858 7.16 35.49 26.73
C LEU B 858 7.39 36.16 25.37
N ILE B 859 8.54 35.89 24.78
CA ILE B 859 8.91 36.49 23.50
C ILE B 859 9.06 35.40 22.44
N PRO B 860 8.52 35.63 21.24
CA PRO B 860 8.64 34.63 20.17
C PRO B 860 10.09 34.37 19.76
N ASP B 861 10.38 33.14 19.35
CA ASP B 861 11.72 32.78 18.90
C ASP B 861 11.89 33.13 17.42
N PRO B 862 12.70 34.16 17.13
CA PRO B 862 12.86 34.63 15.74
C PRO B 862 13.44 33.55 14.84
N GLN B 863 14.22 32.63 15.42
CA GLN B 863 14.85 31.56 14.65
C GLN B 863 13.79 30.66 14.03
N TYR B 864 12.82 30.23 14.84
CA TYR B 864 11.75 29.38 14.35
C TYR B 864 10.96 30.06 13.23
N TYR B 865 10.44 31.24 13.51
CA TYR B 865 9.55 31.93 12.57
C TYR B 865 10.25 32.33 11.27
N LEU B 866 11.55 32.58 11.35
CA LEU B 866 12.31 32.94 10.15
C LEU B 866 12.59 31.71 9.31
N GLU B 867 12.94 30.61 9.96
CA GLU B 867 13.20 29.35 9.28
C GLU B 867 11.92 28.73 8.72
N LYS B 868 11.00 28.42 9.62
CA LYS B 868 9.84 27.60 9.26
C LYS B 868 8.66 28.42 8.76
N GLN B 869 8.38 29.54 9.41
CA GLN B 869 7.20 30.33 9.10
C GLN B 869 7.40 31.31 7.95
N ILE B 870 8.64 31.71 7.70
CA ILE B 870 8.93 32.68 6.65
C ILE B 870 9.78 32.11 5.51
N PHE B 871 10.92 31.52 5.85
CA PHE B 871 11.80 30.98 4.82
C PHE B 871 11.17 29.84 4.03
N ALA B 872 10.77 28.78 4.72
CA ALA B 872 10.24 27.59 4.06
C ALA B 872 9.19 27.91 2.99
N PRO B 873 8.16 28.69 3.36
CA PRO B 873 7.07 28.96 2.41
C PRO B 873 7.48 29.82 1.21
N VAL B 874 8.37 30.78 1.41
CA VAL B 874 8.80 31.65 0.32
C VAL B 874 9.68 30.87 -0.65
N GLU B 875 10.48 29.97 -0.11
CA GLU B 875 11.36 29.12 -0.90
C GLU B 875 10.48 28.24 -1.78
N ARG B 876 9.44 27.69 -1.19
CA ARG B 876 8.47 26.89 -1.93
C ARG B 876 7.67 27.76 -2.90
N LEU B 877 7.53 29.04 -2.57
CA LEU B 877 6.83 29.99 -3.43
C LEU B 877 7.64 30.31 -4.69
N LEU B 878 8.95 30.41 -4.55
CA LEU B 878 9.80 30.91 -5.63
C LEU B 878 10.64 29.85 -6.35
N GLU B 879 10.58 28.60 -5.89
CA GLU B 879 11.37 27.53 -6.50
C GLU B 879 11.41 27.59 -8.03
N ARG B 880 10.23 27.49 -8.65
CA ARG B 880 10.14 27.39 -10.11
C ARG B 880 10.20 28.73 -10.83
N ILE B 881 10.51 29.80 -10.10
CA ILE B 881 10.59 31.13 -10.71
C ILE B 881 11.99 31.40 -11.27
N ASP B 882 12.03 32.00 -12.46
CA ASP B 882 13.28 32.25 -13.17
C ASP B 882 14.28 33.05 -12.34
N SER B 883 15.55 32.69 -12.47
CA SER B 883 16.66 33.44 -11.88
C SER B 883 16.53 33.64 -10.37
N PHE B 884 15.80 32.74 -9.72
CA PHE B 884 15.68 32.77 -8.26
C PHE B 884 16.88 32.06 -7.63
N ASN B 885 17.46 32.67 -6.60
CA ASN B 885 18.61 32.10 -5.91
C ASN B 885 18.29 31.69 -4.49
N VAL B 886 18.40 30.39 -4.20
CA VAL B 886 18.05 29.87 -2.88
C VAL B 886 19.05 30.32 -1.83
N VAL B 887 20.33 30.39 -2.20
CA VAL B 887 21.38 30.78 -1.27
C VAL B 887 21.28 32.26 -0.90
N ARG B 888 20.88 33.09 -1.86
CA ARG B 888 20.73 34.52 -1.62
C ARG B 888 19.62 34.76 -0.61
N LEU B 889 18.59 33.94 -0.67
CA LEU B 889 17.48 34.00 0.26
C LEU B 889 17.94 33.56 1.65
N SER B 890 18.62 32.42 1.71
CA SER B 890 19.13 31.89 2.97
C SER B 890 20.03 32.90 3.66
N GLU B 891 20.79 33.65 2.87
CA GLU B 891 21.68 34.66 3.41
C GLU B 891 20.87 35.83 3.96
N ALA B 892 19.89 36.26 3.20
CA ALA B 892 19.03 37.38 3.58
C ALA B 892 18.32 37.16 4.91
N LEU B 893 18.37 35.93 5.42
CA LEU B 893 17.72 35.60 6.68
C LEU B 893 18.69 34.96 7.67
N GLY B 894 19.45 33.98 7.21
CA GLY B 894 20.38 33.27 8.07
C GLY B 894 21.28 32.32 7.29
#